data_2C9F
#
_entry.id   2C9F
#
_cell.length_a   1.0
_cell.length_b   1.0
_cell.length_c   1.0
_cell.angle_alpha   90.0
_cell.angle_beta   90.0
_cell.angle_gamma   90.0
#
_symmetry.space_group_name_H-M   'P 1'
#
loop_
_entity.id
_entity.type
_entity.pdbx_description
1 polymer 'PENTON PROTEIN'
2 polymer FIBER
#
loop_
_entity_poly.entity_id
_entity_poly.type
_entity_poly.pdbx_seq_one_letter_code
_entity_poly.pdbx_strand_id
1 'polypeptide(L)'
;TGGRNSIRYSELAPLFDTTRVYLVDNKSTDVASLNYQNDHSNFLTTVIQNNDYSPGEASTQTINLDDRSHWGGDLKTILH
TNMPNVNEFMFTNKFKARVMVSRSLTKDKQVELKYEWVEFTLPEGNYSETMTIDLMNNAIVEHYLKVGRQNGVLESDIGV
KFDTRNFRLGFDPVTGLVMPGVYTNEAFHPDIILLPGCGVDFTHSRLSNLLGIRKRQPFQEGFRITYDDLEGGNIPALLD
VDAYQASLKDDTEQGGDGAGGGNNSGSGAEENSNAAAAAMQPVEDMNDHAIRGDTFATRAEEKRAEAEAAAEAAAPAAQP
EVEKPQKKPVIKPLTEDSKKRSYNLISNDSTFTQYRSWYLAYNYGDPQTGIRSWTLLCTPDVTCGSEQVYWSLPDMMQDP
VTFRSTSQISNFPVVGAELLPVHSKSFYNDQAVYSQLIRQFTSLTHVFNRFPENQILARPPAPTITTVSENVPALTDHGT
LPLRNSIGGVQRVTITDARRRTCPYVYKALGIVSPRVLSSRTF
;
A,B,C,D,E
2 'polypeptide(L)' MKRARPSGDTFNPVYPYDT S,T,U,V,W
#
# COMPACT_ATOMS: atom_id res chain seq x y z
N ARG A 4 -42.84 -3.05 29.66
CA ARG A 4 -41.91 -1.93 30.02
C ARG A 4 -40.98 -1.53 28.84
N ASN A 5 -40.52 -2.55 28.13
CA ASN A 5 -39.57 -2.39 27.04
C ASN A 5 -39.63 -3.60 26.10
N SER A 6 -40.82 -4.04 25.76
CA SER A 6 -40.97 -5.18 24.87
C SER A 6 -40.64 -4.85 23.42
N ILE A 7 -40.88 -5.82 22.55
CA ILE A 7 -40.66 -5.69 21.12
C ILE A 7 -41.49 -6.83 20.58
N ARG A 8 -42.69 -6.50 20.14
CA ARG A 8 -43.61 -7.52 19.67
C ARG A 8 -43.76 -7.61 18.17
N TYR A 9 -44.10 -8.80 17.71
CA TYR A 9 -44.32 -9.04 16.29
C TYR A 9 -45.48 -10.01 16.10
N SER A 10 -46.36 -9.69 15.14
CA SER A 10 -47.53 -10.53 14.83
C SER A 10 -47.77 -11.47 15.99
N GLU A 11 -47.52 -12.74 15.73
CA GLU A 11 -47.72 -13.74 16.74
C GLU A 11 -46.46 -14.56 16.90
N LEU A 12 -45.52 -14.03 17.67
CA LEU A 12 -44.27 -14.70 17.99
C LEU A 12 -43.97 -14.27 19.41
N ALA A 13 -43.12 -15.04 20.09
CA ALA A 13 -42.78 -14.69 21.45
C ALA A 13 -42.26 -13.26 21.50
N PRO A 14 -42.65 -12.51 22.55
CA PRO A 14 -42.16 -11.14 22.61
C PRO A 14 -40.68 -11.15 22.93
N LEU A 15 -39.94 -10.18 22.39
CA LEU A 15 -38.51 -10.06 22.63
C LEU A 15 -38.28 -8.83 23.45
N PHE A 16 -37.21 -8.83 24.24
CA PHE A 16 -36.94 -7.68 25.09
C PHE A 16 -35.59 -7.04 24.98
N ASP A 17 -35.59 -5.73 25.21
CA ASP A 17 -34.39 -4.93 25.25
C ASP A 17 -33.70 -4.56 23.98
N THR A 18 -33.73 -5.43 22.99
CA THR A 18 -33.06 -5.09 21.74
C THR A 18 -33.07 -6.25 20.78
N THR A 19 -32.68 -5.98 19.55
CA THR A 19 -32.65 -7.01 18.53
C THR A 19 -32.14 -6.37 17.27
N ARG A 20 -32.45 -6.96 16.11
CA ARG A 20 -31.96 -6.37 14.87
C ARG A 20 -32.90 -6.48 13.71
N VAL A 21 -33.11 -5.35 13.03
CA VAL A 21 -33.97 -5.34 11.86
C VAL A 21 -32.97 -5.15 10.75
N TYR A 22 -33.14 -5.86 9.64
CA TYR A 22 -32.17 -5.70 8.58
C TYR A 22 -32.71 -5.07 7.31
N LEU A 23 -32.02 -4.04 6.83
CA LEU A 23 -32.41 -3.39 5.61
C LEU A 23 -31.47 -3.93 4.55
N VAL A 24 -32.01 -4.69 3.61
CA VAL A 24 -31.16 -5.27 2.56
C VAL A 24 -31.85 -5.40 1.21
N ASP A 25 -31.14 -5.04 0.14
CA ASP A 25 -31.68 -5.10 -1.23
C ASP A 25 -31.81 -6.49 -1.86
N ASN A 26 -30.74 -7.28 -1.75
CA ASN A 26 -30.64 -8.64 -2.26
C ASN A 26 -31.81 -9.59 -2.21
N LYS A 27 -32.49 -9.69 -1.07
CA LYS A 27 -33.63 -10.61 -0.90
C LYS A 27 -34.26 -11.05 -2.24
N SER A 28 -34.35 -12.35 -2.47
CA SER A 28 -34.90 -12.84 -3.75
C SER A 28 -36.35 -12.47 -4.04
N THR A 29 -37.19 -12.57 -3.02
CA THR A 29 -38.62 -12.29 -3.15
C THR A 29 -39.00 -10.87 -3.58
N ASP A 30 -38.59 -9.90 -2.76
CA ASP A 30 -38.88 -8.48 -2.97
C ASP A 30 -38.33 -7.90 -4.29
N VAL A 31 -37.15 -8.33 -4.68
CA VAL A 31 -36.54 -7.87 -5.93
C VAL A 31 -37.52 -8.18 -7.05
N ALA A 32 -37.99 -9.42 -7.05
CA ALA A 32 -38.96 -9.87 -8.03
C ALA A 32 -40.14 -8.90 -8.07
N SER A 33 -40.89 -8.86 -6.98
CA SER A 33 -42.04 -7.98 -6.88
C SER A 33 -41.69 -6.50 -6.73
N LEU A 34 -41.58 -6.04 -5.49
CA LEU A 34 -41.30 -4.65 -5.15
C LEU A 34 -40.48 -3.78 -6.11
N ASN A 35 -39.19 -3.62 -5.82
CA ASN A 35 -38.32 -2.81 -6.66
C ASN A 35 -38.36 -3.50 -8.00
N TYR A 36 -38.01 -2.76 -9.03
CA TYR A 36 -38.00 -3.33 -10.37
C TYR A 36 -37.49 -2.17 -11.12
N GLN A 37 -38.30 -1.13 -11.13
CA GLN A 37 -37.94 0.07 -11.82
C GLN A 37 -37.04 0.93 -10.93
N ASN A 38 -36.59 0.36 -9.82
CA ASN A 38 -35.71 1.08 -8.90
C ASN A 38 -34.26 0.63 -9.06
N ASP A 39 -33.38 1.14 -8.22
CA ASP A 39 -31.97 0.78 -8.24
C ASP A 39 -31.38 0.86 -6.84
N HIS A 40 -30.16 0.37 -6.65
CA HIS A 40 -29.54 0.38 -5.33
C HIS A 40 -29.26 1.77 -4.78
N SER A 41 -30.29 2.58 -4.65
CA SER A 41 -30.06 3.91 -4.15
C SER A 41 -31.43 4.47 -3.89
N ASN A 42 -32.41 3.66 -4.19
CA ASN A 42 -33.76 4.05 -3.98
C ASN A 42 -34.54 2.79 -4.16
N PHE A 43 -34.70 2.03 -3.08
CA PHE A 43 -35.41 0.77 -3.19
C PHE A 43 -36.25 0.45 -1.99
N LEU A 44 -37.07 -0.57 -2.14
CA LEU A 44 -37.92 -0.98 -1.05
C LEU A 44 -37.36 -2.29 -0.59
N THR A 45 -37.71 -2.70 0.63
CA THR A 45 -37.24 -3.96 1.13
C THR A 45 -38.15 -4.32 2.29
N THR A 46 -38.37 -5.60 2.51
CA THR A 46 -39.21 -6.00 3.60
C THR A 46 -38.31 -6.19 4.78
N VAL A 47 -38.73 -5.72 5.94
CA VAL A 47 -37.92 -5.89 7.12
C VAL A 47 -38.35 -7.16 7.80
N ILE A 48 -39.50 -7.66 7.38
CA ILE A 48 -40.06 -8.86 7.95
C ILE A 48 -39.15 -10.05 8.13
N GLN A 49 -38.47 -10.51 7.09
CA GLN A 49 -37.57 -11.65 7.27
C GLN A 49 -38.26 -12.95 7.72
N ASN A 50 -39.58 -13.08 7.54
CA ASN A 50 -40.25 -14.33 7.92
C ASN A 50 -40.61 -15.04 6.64
N ASN A 51 -40.03 -16.22 6.48
CA ASN A 51 -40.22 -17.05 5.31
C ASN A 51 -41.65 -17.22 4.78
N ASP A 52 -42.66 -17.30 5.64
CA ASP A 52 -44.04 -17.41 5.14
C ASP A 52 -44.42 -16.01 4.74
N TYR A 53 -45.69 -15.80 4.42
CA TYR A 53 -46.12 -14.45 4.05
C TYR A 53 -45.55 -13.83 2.78
N SER A 54 -46.45 -13.57 1.85
CA SER A 54 -46.10 -12.97 0.59
C SER A 54 -45.65 -11.55 0.83
N PRO A 55 -44.51 -11.16 0.25
CA PRO A 55 -44.08 -9.78 0.47
C PRO A 55 -45.32 -8.97 0.10
N GLY A 56 -45.43 -7.76 0.63
CA GLY A 56 -46.63 -7.00 0.34
C GLY A 56 -47.58 -7.40 1.45
N GLU A 57 -47.97 -8.67 1.49
CA GLU A 57 -48.83 -9.09 2.59
C GLU A 57 -47.98 -8.93 3.84
N ALA A 58 -46.67 -8.90 3.62
CA ALA A 58 -45.73 -8.71 4.70
C ALA A 58 -45.95 -7.27 5.09
N SER A 59 -45.98 -6.42 4.07
CA SER A 59 -46.18 -5.01 4.24
C SER A 59 -47.27 -4.67 5.24
N THR A 60 -48.23 -5.56 5.40
CA THR A 60 -49.28 -5.31 6.35
C THR A 60 -48.76 -5.36 7.77
N GLN A 61 -47.99 -6.40 8.07
CA GLN A 61 -47.45 -6.58 9.41
C GLN A 61 -46.57 -5.44 9.87
N THR A 62 -46.21 -5.47 11.14
CA THR A 62 -45.38 -4.42 11.70
C THR A 62 -44.62 -4.86 12.91
N ILE A 63 -43.43 -4.32 13.07
CA ILE A 63 -42.61 -4.60 14.21
C ILE A 63 -42.95 -3.50 15.19
N ASN A 64 -43.43 -3.84 16.39
CA ASN A 64 -43.79 -2.82 17.36
C ASN A 64 -42.83 -2.72 18.52
N LEU A 65 -42.22 -1.55 18.69
CA LEU A 65 -41.32 -1.38 19.81
C LEU A 65 -42.22 -0.85 20.90
N ASP A 66 -42.20 -1.50 22.06
CA ASP A 66 -43.05 -1.10 23.17
C ASP A 66 -43.39 0.37 23.09
N ASP A 67 -44.67 0.65 23.27
CA ASP A 67 -45.18 1.97 23.19
C ASP A 67 -44.78 2.89 24.34
N ARG A 68 -44.72 2.34 25.54
CA ARG A 68 -44.39 3.14 26.69
C ARG A 68 -43.01 3.79 26.73
N SER A 69 -42.15 3.52 25.75
CA SER A 69 -40.82 4.11 25.75
C SER A 69 -40.41 4.69 24.42
N HIS A 70 -39.54 5.70 24.41
CA HIS A 70 -39.06 6.26 23.14
C HIS A 70 -37.85 5.45 22.75
N TRP A 71 -37.90 4.81 21.60
CA TRP A 71 -36.78 4.00 21.18
C TRP A 71 -35.84 4.70 20.23
N GLY A 72 -34.69 4.08 20.03
CA GLY A 72 -33.70 4.61 19.12
C GLY A 72 -32.95 3.41 18.60
N GLY A 73 -32.22 3.54 17.50
CA GLY A 73 -31.50 2.40 16.99
C GLY A 73 -30.15 2.78 16.42
N ASP A 74 -29.15 1.92 16.61
CA ASP A 74 -27.82 2.19 16.07
C ASP A 74 -27.93 1.82 14.62
N LEU A 75 -27.37 2.65 13.74
CA LEU A 75 -27.48 2.34 12.33
C LEU A 75 -26.14 2.30 11.66
N LYS A 76 -25.60 1.11 11.43
CA LYS A 76 -24.34 1.05 10.71
C LYS A 76 -24.71 0.57 9.34
N THR A 77 -23.97 1.02 8.33
CA THR A 77 -24.28 0.64 6.99
C THR A 77 -23.06 0.24 6.20
N ILE A 78 -23.32 -0.47 5.12
CA ILE A 78 -22.28 -0.95 4.25
C ILE A 78 -22.58 -0.41 2.87
N LEU A 79 -21.81 0.58 2.43
CA LEU A 79 -22.04 1.17 1.14
C LEU A 79 -20.90 0.87 0.19
N HIS A 80 -21.21 0.53 -1.05
CA HIS A 80 -20.18 0.22 -2.04
C HIS A 80 -20.56 0.68 -3.42
N THR A 81 -19.72 1.52 -4.00
CA THR A 81 -19.99 2.02 -5.33
C THR A 81 -19.01 1.51 -6.36
N ASN A 82 -18.87 2.27 -7.43
CA ASN A 82 -17.96 1.93 -8.51
C ASN A 82 -18.18 2.97 -9.59
N MET A 83 -18.08 4.22 -9.15
CA MET A 83 -18.27 5.34 -10.02
C MET A 83 -16.96 5.71 -10.68
N PRO A 84 -17.02 6.02 -11.97
CA PRO A 84 -15.90 6.41 -12.80
C PRO A 84 -15.34 7.78 -12.56
N ASN A 85 -14.03 7.82 -12.62
CA ASN A 85 -13.26 9.02 -12.48
C ASN A 85 -13.96 10.10 -13.28
N VAL A 86 -14.13 9.81 -14.55
CA VAL A 86 -14.74 10.75 -15.44
C VAL A 86 -16.07 10.32 -15.99
N ASN A 87 -17.14 10.94 -15.52
CA ASN A 87 -18.43 10.58 -16.05
C ASN A 87 -19.36 11.77 -16.14
N GLU A 88 -20.49 11.57 -16.80
CA GLU A 88 -21.43 12.65 -17.02
C GLU A 88 -22.20 13.13 -15.81
N PHE A 89 -22.64 12.20 -14.99
CA PHE A 89 -23.42 12.55 -13.82
C PHE A 89 -22.65 13.40 -12.80
N MET A 90 -21.37 13.12 -12.64
CA MET A 90 -20.58 13.90 -11.68
C MET A 90 -20.03 15.18 -12.26
N PHE A 91 -20.23 15.38 -13.56
CA PHE A 91 -19.74 16.59 -14.20
C PHE A 91 -18.25 16.57 -14.38
N THR A 92 -17.74 15.50 -14.97
CA THR A 92 -16.31 15.42 -15.18
C THR A 92 -16.04 15.01 -16.61
N ASN A 93 -17.06 15.03 -17.45
CA ASN A 93 -16.88 14.63 -18.82
C ASN A 93 -17.02 15.79 -19.79
N LYS A 94 -17.25 16.99 -19.28
CA LYS A 94 -17.40 18.15 -20.16
C LYS A 94 -16.55 19.28 -19.66
N PHE A 95 -16.36 20.30 -20.48
CA PHE A 95 -15.59 21.46 -20.08
C PHE A 95 -15.49 22.42 -21.25
N LYS A 96 -15.88 23.67 -21.00
CA LYS A 96 -15.87 24.70 -22.02
C LYS A 96 -14.51 25.35 -22.13
N ALA A 97 -14.12 25.66 -23.36
CA ALA A 97 -12.85 26.32 -23.66
C ALA A 97 -13.09 27.14 -24.91
N ARG A 98 -12.33 28.21 -25.08
CA ARG A 98 -12.49 29.04 -26.25
C ARG A 98 -11.31 28.83 -27.19
N VAL A 99 -11.62 28.42 -28.41
CA VAL A 99 -10.55 28.17 -29.38
C VAL A 99 -10.74 28.98 -30.64
N MET A 100 -9.73 28.93 -31.50
CA MET A 100 -9.81 29.65 -32.74
C MET A 100 -10.62 28.82 -33.72
N VAL A 101 -11.54 29.47 -34.39
CA VAL A 101 -12.37 28.81 -35.36
C VAL A 101 -11.92 29.06 -36.79
N SER A 102 -11.64 30.33 -37.12
CA SER A 102 -11.21 30.67 -38.47
C SER A 102 -10.10 31.70 -38.60
N ARG A 103 -9.22 31.45 -39.57
CA ARG A 103 -8.09 32.30 -39.89
C ARG A 103 -8.35 32.70 -41.33
N SER A 104 -8.56 33.99 -41.59
CA SER A 104 -8.84 34.41 -42.97
C SER A 104 -8.07 35.63 -43.50
N LEU A 105 -8.05 35.71 -44.83
CA LEU A 105 -7.43 36.80 -45.59
C LEU A 105 -8.64 37.67 -45.95
N THR A 106 -8.74 38.86 -45.36
CA THR A 106 -9.91 39.68 -45.63
C THR A 106 -9.71 41.15 -46.03
N LYS A 107 -10.78 41.69 -46.64
CA LYS A 107 -10.87 43.07 -47.14
C LYS A 107 -9.52 43.65 -47.51
N ASP A 108 -8.89 42.96 -48.47
CA ASP A 108 -7.59 43.33 -49.03
C ASP A 108 -6.35 43.07 -48.12
N LYS A 109 -6.25 43.76 -46.98
CA LYS A 109 -5.08 43.62 -46.08
C LYS A 109 -5.27 43.07 -44.65
N GLN A 110 -6.51 43.01 -44.18
CA GLN A 110 -6.84 42.51 -42.84
C GLN A 110 -6.66 41.00 -42.62
N VAL A 111 -6.20 40.65 -41.42
CA VAL A 111 -6.04 39.26 -40.98
C VAL A 111 -7.21 39.10 -40.02
N GLU A 112 -8.24 38.39 -40.43
CA GLU A 112 -9.41 38.24 -39.57
C GLU A 112 -9.43 36.95 -38.76
N LEU A 113 -9.27 37.09 -37.45
CA LEU A 113 -9.28 35.98 -36.52
C LEU A 113 -10.62 35.91 -35.81
N LYS A 114 -11.28 34.77 -35.95
CA LYS A 114 -12.57 34.56 -35.30
C LYS A 114 -12.46 33.44 -34.27
N TYR A 115 -12.72 33.79 -33.01
CA TYR A 115 -12.68 32.85 -31.90
C TYR A 115 -14.07 32.60 -31.36
N GLU A 116 -14.30 31.42 -30.79
CA GLU A 116 -15.60 31.08 -30.23
C GLU A 116 -15.49 30.05 -29.09
N TRP A 117 -16.46 30.07 -28.18
CA TRP A 117 -16.47 29.13 -27.06
C TRP A 117 -17.12 27.85 -27.52
N VAL A 118 -16.63 26.74 -27.01
CA VAL A 118 -17.21 25.47 -27.38
C VAL A 118 -16.96 24.48 -26.27
N GLU A 119 -17.93 23.60 -26.08
CA GLU A 119 -17.86 22.60 -25.02
C GLU A 119 -17.49 21.21 -25.52
N PHE A 120 -16.31 20.74 -25.13
CA PHE A 120 -15.87 19.42 -25.56
C PHE A 120 -16.21 18.40 -24.49
N THR A 121 -16.49 17.18 -24.92
CA THR A 121 -16.83 16.13 -23.98
C THR A 121 -15.84 14.99 -24.02
N LEU A 122 -15.76 14.23 -22.94
CA LEU A 122 -14.85 13.11 -22.86
C LEU A 122 -15.62 11.80 -22.76
N PRO A 123 -14.98 10.71 -23.15
CA PRO A 123 -15.59 9.40 -23.10
C PRO A 123 -15.51 8.77 -21.71
N GLU A 124 -16.63 8.82 -20.99
CA GLU A 124 -16.69 8.29 -19.63
C GLU A 124 -15.70 7.19 -19.27
N GLY A 125 -15.29 7.17 -18.00
CA GLY A 125 -14.39 6.14 -17.51
C GLY A 125 -12.95 6.52 -17.29
N ASN A 126 -12.19 6.50 -18.41
CA ASN A 126 -10.74 6.81 -18.54
C ASN A 126 -10.04 7.54 -17.38
N TYR A 127 -9.76 6.76 -16.36
CA TYR A 127 -9.11 7.21 -15.15
C TYR A 127 -7.71 7.78 -15.32
N SER A 128 -6.97 7.84 -14.22
CA SER A 128 -5.61 8.36 -14.20
C SER A 128 -5.66 9.81 -14.56
N GLU A 129 -4.85 10.61 -13.90
CA GLU A 129 -4.88 12.02 -14.20
C GLU A 129 -4.22 12.34 -15.51
N THR A 130 -2.97 11.93 -15.64
CA THR A 130 -2.25 12.24 -16.85
C THR A 130 -3.08 11.94 -18.06
N MET A 131 -3.51 10.70 -18.16
CA MET A 131 -4.30 10.35 -19.31
C MET A 131 -5.52 11.23 -19.49
N THR A 132 -6.10 11.67 -18.39
CA THR A 132 -7.27 12.54 -18.46
C THR A 132 -6.87 13.82 -19.15
N ILE A 133 -5.68 14.30 -18.84
CA ILE A 133 -5.20 15.51 -19.45
C ILE A 133 -5.21 15.25 -20.94
N ASP A 134 -4.45 14.24 -21.34
CA ASP A 134 -4.34 13.86 -22.74
C ASP A 134 -5.68 13.82 -23.45
N LEU A 135 -6.65 13.17 -22.84
CA LEU A 135 -7.97 13.08 -23.45
C LEU A 135 -8.54 14.45 -23.68
N MET A 136 -8.21 15.39 -22.81
CA MET A 136 -8.67 16.75 -22.96
C MET A 136 -7.96 17.37 -24.15
N ASN A 137 -6.64 17.41 -24.10
CA ASN A 137 -5.89 17.97 -25.21
C ASN A 137 -6.40 17.39 -26.52
N ASN A 138 -6.63 16.09 -26.53
CA ASN A 138 -7.13 15.43 -27.73
C ASN A 138 -8.47 16.00 -28.17
N ALA A 139 -9.34 16.30 -27.23
CA ALA A 139 -10.64 16.84 -27.58
C ALA A 139 -10.49 18.23 -28.19
N ILE A 140 -9.46 18.97 -27.80
CA ILE A 140 -9.24 20.29 -28.36
C ILE A 140 -8.96 20.07 -29.83
N VAL A 141 -8.07 19.12 -30.08
CA VAL A 141 -7.66 18.73 -31.42
C VAL A 141 -8.85 18.22 -32.24
N GLU A 142 -9.45 17.14 -31.78
CA GLU A 142 -10.58 16.53 -32.46
C GLU A 142 -11.54 17.58 -33.00
N HIS A 143 -11.60 18.71 -32.32
CA HIS A 143 -12.47 19.80 -32.73
C HIS A 143 -11.82 20.54 -33.89
N TYR A 144 -10.54 20.85 -33.74
CA TYR A 144 -9.77 21.53 -34.79
C TYR A 144 -9.94 20.71 -36.06
N LEU A 145 -9.93 19.39 -35.92
CA LEU A 145 -10.10 18.50 -37.06
C LEU A 145 -11.44 18.65 -37.74
N LYS A 146 -12.45 19.11 -37.00
CA LYS A 146 -13.77 19.24 -37.60
C LYS A 146 -14.11 20.67 -37.97
N VAL A 147 -13.30 21.61 -37.53
CA VAL A 147 -13.58 22.99 -37.84
C VAL A 147 -12.34 23.82 -38.14
N GLY A 148 -11.36 23.70 -37.28
CA GLY A 148 -10.14 24.45 -37.45
C GLY A 148 -9.56 24.52 -38.85
N ARG A 149 -8.74 23.52 -39.20
CA ARG A 149 -8.10 23.49 -40.50
C ARG A 149 -9.01 23.92 -41.64
N GLN A 150 -10.18 23.31 -41.74
CA GLN A 150 -11.06 23.66 -42.83
C GLN A 150 -11.69 25.03 -42.71
N ASN A 151 -10.90 26.00 -42.28
CA ASN A 151 -11.39 27.36 -42.14
C ASN A 151 -10.18 28.24 -41.88
N GLY A 152 -9.03 27.80 -42.37
CA GLY A 152 -7.80 28.55 -42.21
C GLY A 152 -6.97 27.97 -41.10
N VAL A 153 -6.99 28.66 -39.97
CA VAL A 153 -6.26 28.28 -38.75
C VAL A 153 -5.31 27.08 -38.84
N LEU A 154 -4.03 27.38 -38.74
CA LEU A 154 -2.99 26.37 -38.80
C LEU A 154 -2.83 25.74 -37.44
N GLU A 155 -1.92 24.78 -37.35
CA GLU A 155 -1.64 24.11 -36.10
C GLU A 155 -0.88 25.14 -35.28
N SER A 156 0.02 25.85 -35.96
CA SER A 156 0.84 26.88 -35.36
C SER A 156 0.05 27.76 -34.39
N ASP A 157 -1.21 27.98 -34.71
CA ASP A 157 -2.03 28.84 -33.85
C ASP A 157 -3.22 28.14 -33.18
N ILE A 158 -2.95 26.99 -32.57
CA ILE A 158 -3.97 26.25 -31.85
C ILE A 158 -4.08 26.84 -30.46
N GLY A 159 -5.23 27.39 -30.13
CA GLY A 159 -5.39 27.98 -28.81
C GLY A 159 -5.81 27.01 -27.72
N VAL A 160 -5.14 27.08 -26.57
CA VAL A 160 -5.49 26.21 -25.45
C VAL A 160 -4.92 24.79 -25.46
N LYS A 161 -4.04 24.54 -24.53
CA LYS A 161 -3.49 23.22 -24.41
C LYS A 161 -3.04 23.02 -22.98
N PHE A 162 -3.46 21.89 -22.41
CA PHE A 162 -3.12 21.56 -21.04
C PHE A 162 -1.81 20.83 -21.08
N ASP A 163 -0.84 21.33 -20.33
CA ASP A 163 0.48 20.75 -20.27
C ASP A 163 0.73 20.52 -18.79
N THR A 164 1.97 20.22 -18.43
CA THR A 164 2.30 19.97 -17.05
C THR A 164 3.76 20.26 -16.73
N ARG A 165 4.38 21.22 -17.41
CA ARG A 165 5.78 21.49 -17.12
C ARG A 165 6.10 22.94 -16.89
N ASN A 166 7.30 23.17 -16.39
CA ASN A 166 7.74 24.51 -16.06
C ASN A 166 8.52 25.15 -17.18
N PHE A 167 7.81 25.65 -18.18
CA PHE A 167 8.46 26.32 -19.31
C PHE A 167 9.21 27.49 -18.72
N ARG A 168 10.42 27.25 -18.21
CA ARG A 168 11.16 28.34 -17.63
C ARG A 168 12.30 27.79 -16.84
N LEU A 169 12.55 26.50 -16.95
CA LEU A 169 13.66 25.98 -16.21
C LEU A 169 14.98 26.38 -16.83
N GLY A 170 15.08 26.23 -18.15
CA GLY A 170 16.33 26.60 -18.81
C GLY A 170 16.67 28.08 -18.67
N PHE A 171 15.65 28.92 -18.85
CA PHE A 171 15.77 30.37 -18.78
C PHE A 171 17.02 30.96 -18.15
N ASP A 172 17.59 31.91 -18.89
CA ASP A 172 18.79 32.64 -18.49
C ASP A 172 18.42 34.12 -18.38
N PRO A 173 18.55 34.68 -17.17
CA PRO A 173 18.22 36.07 -16.91
C PRO A 173 18.84 37.13 -17.83
N VAL A 174 19.87 36.75 -18.58
CA VAL A 174 20.52 37.70 -19.48
C VAL A 174 20.05 37.46 -20.91
N THR A 175 20.28 36.24 -21.37
CA THR A 175 19.89 35.82 -22.70
C THR A 175 18.42 36.10 -22.99
N GLY A 176 17.58 35.81 -22.01
CA GLY A 176 16.16 36.02 -22.20
C GLY A 176 15.65 34.77 -22.90
N LEU A 177 16.46 33.71 -22.88
CA LEU A 177 16.05 32.47 -23.54
C LEU A 177 16.34 31.20 -22.75
N VAL A 178 15.65 30.14 -23.13
CA VAL A 178 15.81 28.84 -22.50
C VAL A 178 17.00 28.18 -23.17
N MET A 179 18.19 28.60 -22.76
CA MET A 179 19.46 28.12 -23.30
C MET A 179 19.54 26.72 -23.88
N PRO A 180 19.01 25.72 -23.17
CA PRO A 180 19.03 24.33 -23.62
C PRO A 180 18.45 24.08 -25.00
N GLY A 181 17.66 25.03 -25.49
CA GLY A 181 17.04 24.88 -26.80
C GLY A 181 15.84 23.96 -26.74
N VAL A 182 15.51 23.56 -25.53
CA VAL A 182 14.40 22.66 -25.30
C VAL A 182 13.76 22.98 -23.95
N TYR A 183 12.44 22.98 -23.89
CA TYR A 183 11.77 23.22 -22.62
C TYR A 183 11.98 21.95 -21.85
N THR A 184 12.83 22.03 -20.83
CA THR A 184 13.15 20.85 -20.03
C THR A 184 11.93 19.98 -19.75
N ASN A 185 11.92 18.82 -20.40
CA ASN A 185 10.84 17.84 -20.38
C ASN A 185 10.48 17.11 -19.10
N GLU A 186 10.35 17.82 -17.98
CA GLU A 186 9.93 17.14 -16.76
C GLU A 186 8.63 17.75 -16.25
N ALA A 187 7.79 16.88 -15.68
CA ALA A 187 6.47 17.27 -15.18
C ALA A 187 6.43 17.76 -13.75
N PHE A 188 5.85 18.95 -13.55
CA PHE A 188 5.79 19.52 -12.22
C PHE A 188 4.39 19.70 -11.67
N HIS A 189 3.48 20.14 -12.52
CA HIS A 189 2.10 20.34 -12.10
C HIS A 189 1.25 20.66 -13.31
N PRO A 190 0.00 20.26 -13.29
CA PRO A 190 -0.74 20.60 -14.50
C PRO A 190 -0.96 22.08 -14.60
N ASP A 191 -1.01 22.60 -15.81
CA ASP A 191 -1.32 24.01 -16.01
C ASP A 191 -1.91 24.08 -17.39
N ILE A 192 -2.51 25.22 -17.70
CA ILE A 192 -3.12 25.35 -18.99
C ILE A 192 -2.51 26.52 -19.72
N ILE A 193 -2.14 26.28 -20.98
CA ILE A 193 -1.51 27.30 -21.80
C ILE A 193 -2.48 27.90 -22.78
N LEU A 194 -2.37 29.20 -22.99
CA LEU A 194 -3.26 29.87 -23.90
C LEU A 194 -2.60 30.76 -24.91
N LEU A 195 -3.26 30.92 -26.05
CA LEU A 195 -2.79 31.79 -27.11
C LEU A 195 -3.60 33.08 -27.02
N PRO A 196 -3.14 34.13 -27.67
CA PRO A 196 -3.93 35.37 -27.57
C PRO A 196 -5.37 35.08 -27.90
N GLY A 197 -6.25 35.89 -27.34
CA GLY A 197 -7.66 35.75 -27.63
C GLY A 197 -8.46 34.54 -27.13
N CYS A 198 -7.83 33.44 -26.76
CA CYS A 198 -8.65 32.32 -26.28
C CYS A 198 -8.56 32.06 -24.77
N GLY A 199 -9.04 30.90 -24.31
CA GLY A 199 -9.01 30.57 -22.90
C GLY A 199 -9.98 29.47 -22.51
N VAL A 200 -10.04 29.09 -21.24
CA VAL A 200 -10.96 28.03 -20.81
C VAL A 200 -11.90 28.41 -19.68
N ASP A 201 -12.99 27.66 -19.55
CA ASP A 201 -14.02 27.91 -18.55
C ASP A 201 -14.46 26.60 -17.89
N PHE A 202 -14.47 26.54 -16.55
CA PHE A 202 -14.87 25.31 -15.89
C PHE A 202 -16.14 25.46 -15.08
N THR A 203 -16.72 26.66 -15.15
CA THR A 203 -17.95 26.96 -14.44
C THR A 203 -18.86 25.76 -14.18
N HIS A 204 -18.94 24.84 -15.14
CA HIS A 204 -19.78 23.67 -14.94
C HIS A 204 -18.95 22.40 -15.06
N SER A 205 -17.90 22.30 -14.28
CA SER A 205 -17.07 21.10 -14.35
C SER A 205 -16.13 20.94 -13.19
N ARG A 206 -15.99 19.71 -12.73
CA ARG A 206 -15.11 19.43 -11.63
C ARG A 206 -13.70 19.14 -12.10
N LEU A 207 -13.52 19.00 -13.42
CA LEU A 207 -12.20 18.72 -13.96
C LEU A 207 -11.23 19.75 -13.44
N SER A 208 -11.73 20.95 -13.18
CA SER A 208 -10.87 21.99 -12.65
C SER A 208 -10.09 21.38 -11.50
N ASN A 209 -10.82 20.80 -10.55
CA ASN A 209 -10.20 20.18 -9.40
C ASN A 209 -9.21 19.09 -9.77
N LEU A 210 -9.32 18.55 -10.97
CA LEU A 210 -8.39 17.51 -11.41
C LEU A 210 -7.07 18.13 -11.78
N LEU A 211 -7.12 19.29 -12.41
CA LEU A 211 -5.91 19.99 -12.80
C LEU A 211 -5.22 20.53 -11.57
N GLY A 212 -5.98 20.71 -10.50
CA GLY A 212 -5.39 21.22 -9.28
C GLY A 212 -5.28 22.72 -9.31
N ILE A 213 -6.33 23.36 -9.82
CA ILE A 213 -6.39 24.81 -9.88
C ILE A 213 -7.74 25.25 -9.33
N ARG A 214 -7.76 25.93 -8.19
CA ARG A 214 -9.03 26.35 -7.59
C ARG A 214 -9.10 27.84 -7.31
N LYS A 215 -10.31 28.36 -7.17
CA LYS A 215 -10.48 29.78 -6.87
C LYS A 215 -10.22 29.99 -5.40
N ARG A 216 -9.61 31.11 -5.05
CA ARG A 216 -9.33 31.36 -3.65
C ARG A 216 -10.63 31.80 -2.97
N GLN A 217 -11.69 31.91 -3.76
CA GLN A 217 -13.01 32.30 -3.24
C GLN A 217 -14.08 31.49 -3.93
N PRO A 218 -14.11 30.20 -3.68
CA PRO A 218 -14.98 29.13 -4.17
C PRO A 218 -16.41 29.47 -4.45
N PHE A 219 -17.12 30.00 -3.46
CA PHE A 219 -18.53 30.27 -3.63
C PHE A 219 -18.97 31.26 -4.71
N GLN A 220 -18.03 32.01 -5.29
CA GLN A 220 -18.40 32.94 -6.35
C GLN A 220 -18.51 32.20 -7.66
N GLU A 221 -19.59 31.45 -7.85
CA GLU A 221 -19.79 30.68 -9.08
C GLU A 221 -19.29 31.41 -10.32
N GLY A 222 -18.29 30.83 -10.98
CA GLY A 222 -17.78 31.46 -12.18
C GLY A 222 -16.29 31.29 -12.45
N PHE A 223 -15.88 30.08 -12.81
CA PHE A 223 -14.49 29.82 -13.08
C PHE A 223 -14.15 30.02 -14.56
N ARG A 224 -13.64 31.21 -14.90
CA ARG A 224 -13.23 31.55 -16.26
C ARG A 224 -11.80 32.04 -16.24
N ILE A 225 -10.93 31.36 -16.95
CA ILE A 225 -9.55 31.79 -16.96
C ILE A 225 -9.11 32.15 -18.40
N THR A 226 -9.17 33.46 -18.70
CA THR A 226 -8.83 34.04 -20.01
C THR A 226 -7.33 34.17 -20.26
N TYR A 227 -6.97 34.34 -21.52
CA TYR A 227 -5.58 34.54 -21.90
C TYR A 227 -5.17 35.81 -21.19
N ASP A 228 -6.02 36.81 -21.31
CA ASP A 228 -5.78 38.09 -20.70
C ASP A 228 -5.39 38.02 -19.22
N ASP A 229 -5.94 37.04 -18.51
CA ASP A 229 -5.67 36.88 -17.10
C ASP A 229 -4.26 36.42 -16.82
N LEU A 230 -3.77 35.50 -17.62
CA LEU A 230 -2.42 35.01 -17.46
C LEU A 230 -1.41 36.09 -17.76
N GLU A 231 -1.51 37.23 -17.10
CA GLU A 231 -0.59 38.32 -17.35
C GLU A 231 0.81 37.80 -17.08
N GLY A 232 1.80 38.69 -17.08
CA GLY A 232 3.18 38.29 -16.85
C GLY A 232 3.42 36.79 -16.80
N GLY A 233 4.18 36.25 -17.74
CA GLY A 233 4.43 34.82 -17.70
C GLY A 233 4.00 34.14 -18.99
N ASN A 234 4.63 34.58 -20.06
CA ASN A 234 4.36 34.01 -21.36
C ASN A 234 5.57 33.13 -21.48
N ILE A 235 5.38 31.91 -21.96
CA ILE A 235 6.49 31.00 -22.14
C ILE A 235 7.62 31.68 -22.90
N PRO A 236 8.82 31.75 -22.30
CA PRO A 236 9.98 32.37 -22.95
C PRO A 236 10.28 31.54 -24.19
N ALA A 237 11.22 31.99 -25.01
CA ALA A 237 11.56 31.27 -26.23
C ALA A 237 12.84 30.45 -26.10
N LEU A 238 13.06 29.59 -27.09
CA LEU A 238 14.21 28.72 -27.11
C LEU A 238 15.44 29.29 -27.80
N LEU A 239 16.62 29.00 -27.25
CA LEU A 239 17.86 29.47 -27.85
C LEU A 239 18.06 28.70 -29.15
N ASP A 240 18.64 29.36 -30.16
CA ASP A 240 18.87 28.64 -31.41
C ASP A 240 20.14 27.85 -31.17
N VAL A 241 20.03 26.80 -30.36
CA VAL A 241 21.16 25.95 -30.03
C VAL A 241 22.09 25.69 -31.22
N ASP A 242 21.51 25.38 -32.38
CA ASP A 242 22.31 25.12 -33.57
C ASP A 242 23.17 26.32 -33.97
N ALA A 243 22.51 27.44 -34.24
CA ALA A 243 23.21 28.66 -34.63
C ALA A 243 24.35 28.96 -33.66
N TYR A 244 24.00 29.25 -32.41
CA TYR A 244 24.98 29.55 -31.37
C TYR A 244 26.23 28.69 -31.47
N GLN A 245 26.08 27.37 -31.33
CA GLN A 245 27.20 26.44 -31.39
C GLN A 245 28.02 26.52 -32.69
N ALA A 246 27.37 26.25 -33.81
CA ALA A 246 28.03 26.30 -35.11
C ALA A 246 28.79 27.62 -35.24
N SER A 247 28.17 28.69 -34.76
CA SER A 247 28.75 30.02 -34.81
C SER A 247 30.02 30.23 -33.99
N LEU A 248 30.42 29.25 -33.21
CA LEU A 248 31.65 29.44 -32.44
C LEU A 248 32.88 28.88 -33.16
N LYS A 327 31.43 38.49 -31.00
CA LYS A 327 30.01 38.16 -31.14
C LYS A 327 29.73 36.68 -30.89
N LYS A 328 28.44 36.37 -30.88
CA LYS A 328 27.89 35.02 -30.70
C LYS A 328 26.42 35.23 -31.09
N PRO A 329 25.85 34.33 -31.92
CA PRO A 329 24.44 34.46 -32.36
C PRO A 329 23.45 34.65 -31.22
N VAL A 330 23.48 33.71 -30.27
CA VAL A 330 22.61 33.70 -29.09
C VAL A 330 21.28 34.40 -29.24
N ILE A 331 21.27 35.74 -29.27
CA ILE A 331 20.02 36.52 -29.40
C ILE A 331 19.01 35.75 -30.28
N LYS A 332 19.51 34.84 -31.12
CA LYS A 332 18.65 34.04 -31.99
C LYS A 332 17.72 33.09 -31.24
N PRO A 333 16.43 33.44 -31.20
CA PRO A 333 15.39 32.68 -30.53
C PRO A 333 14.64 31.82 -31.55
N LEU A 334 15.00 30.55 -31.62
CA LEU A 334 14.38 29.59 -32.53
C LEU A 334 12.91 29.94 -32.88
N THR A 335 12.66 30.40 -34.11
CA THR A 335 11.31 30.81 -34.56
C THR A 335 10.34 29.72 -34.99
N GLU A 336 10.87 28.57 -35.37
CA GLU A 336 10.01 27.49 -35.81
C GLU A 336 10.46 26.18 -35.23
N ASP A 337 10.62 25.19 -36.10
CA ASP A 337 11.04 23.84 -35.72
C ASP A 337 10.98 23.00 -36.98
N SER A 338 11.23 21.70 -36.85
CA SER A 338 11.12 20.82 -37.98
C SER A 338 9.70 21.08 -38.50
N LYS A 339 9.35 20.49 -39.63
CA LYS A 339 8.01 20.70 -40.17
C LYS A 339 7.48 22.14 -40.05
N LYS A 340 8.40 23.08 -39.90
CA LYS A 340 8.15 24.51 -39.80
C LYS A 340 6.81 25.06 -39.25
N ARG A 341 6.71 25.12 -37.92
CA ARG A 341 5.52 25.64 -37.23
C ARG A 341 6.06 26.88 -36.52
N SER A 342 5.31 27.98 -36.53
CA SER A 342 5.81 29.19 -35.87
C SER A 342 5.52 29.18 -34.38
N TYR A 343 6.47 29.66 -33.59
CA TYR A 343 6.26 29.71 -32.14
C TYR A 343 5.67 31.07 -31.81
N ASN A 344 4.80 31.57 -32.67
CA ASN A 344 4.14 32.85 -32.45
C ASN A 344 4.92 33.81 -31.52
N LEU A 345 6.08 34.31 -31.93
CA LEU A 345 6.83 35.25 -31.09
C LEU A 345 6.20 36.63 -31.19
N ILE A 346 6.03 37.32 -30.07
CA ILE A 346 5.37 38.62 -30.11
C ILE A 346 5.89 39.59 -31.18
N SER A 347 7.20 39.68 -31.34
CA SER A 347 7.80 40.57 -32.33
C SER A 347 9.16 40.00 -32.74
N ASN A 348 9.69 40.50 -33.85
CA ASN A 348 10.99 40.07 -34.38
C ASN A 348 12.12 40.26 -33.37
N ASP A 349 11.82 41.00 -32.29
CA ASP A 349 12.80 41.30 -31.25
C ASP A 349 12.70 40.42 -30.00
N SER A 350 11.61 40.63 -29.24
CA SER A 350 11.37 39.91 -27.98
C SER A 350 11.73 38.43 -27.94
N THR A 351 12.20 38.04 -26.76
CA THR A 351 12.62 36.67 -26.48
C THR A 351 11.41 35.86 -26.02
N PHE A 352 10.31 36.55 -25.70
CA PHE A 352 9.08 35.91 -25.23
C PHE A 352 8.18 35.49 -26.39
N THR A 353 7.39 34.45 -26.17
CA THR A 353 6.44 33.98 -27.18
C THR A 353 5.04 34.43 -26.74
N GLN A 354 4.08 34.34 -27.63
CA GLN A 354 2.72 34.75 -27.31
C GLN A 354 1.99 33.71 -26.46
N TYR A 355 2.63 32.57 -26.24
CA TYR A 355 2.06 31.50 -25.45
C TYR A 355 2.11 31.83 -23.96
N ARG A 356 0.96 31.94 -23.31
CA ARG A 356 0.89 32.23 -21.88
C ARG A 356 0.57 30.96 -21.05
N SER A 357 1.33 30.74 -19.99
CA SER A 357 1.16 29.59 -19.11
C SER A 357 0.63 29.94 -17.73
N TRP A 358 -0.36 29.19 -17.28
CA TRP A 358 -0.90 29.47 -15.97
C TRP A 358 0.21 29.33 -14.93
N TYR A 359 0.74 28.10 -14.83
CA TYR A 359 1.77 27.81 -13.87
C TYR A 359 2.80 28.92 -13.73
N LEU A 360 3.09 29.62 -14.83
CA LEU A 360 4.08 30.67 -14.76
C LEU A 360 3.52 31.87 -14.01
N ALA A 361 2.36 32.32 -14.47
CA ALA A 361 1.72 33.47 -13.86
C ALA A 361 1.58 33.30 -12.35
N TYR A 362 1.29 32.08 -11.92
CA TYR A 362 1.10 31.84 -10.51
C TYR A 362 2.35 32.15 -9.69
N ASN A 363 3.47 31.50 -9.96
CA ASN A 363 4.66 31.76 -9.17
C ASN A 363 5.73 32.64 -9.82
N TYR A 364 5.54 33.02 -11.08
CA TYR A 364 6.53 33.88 -11.72
C TYR A 364 6.00 35.27 -12.04
N GLY A 365 4.70 35.48 -11.85
CA GLY A 365 4.13 36.78 -12.14
C GLY A 365 3.83 37.61 -10.89
N ASP A 366 3.40 38.85 -11.10
CA ASP A 366 3.09 39.76 -10.00
C ASP A 366 2.18 39.08 -8.96
N PRO A 367 2.72 38.79 -7.76
CA PRO A 367 1.92 38.15 -6.72
C PRO A 367 0.72 38.95 -6.26
N GLN A 368 0.82 40.28 -6.30
CA GLN A 368 -0.29 41.12 -5.86
C GLN A 368 -1.43 41.31 -6.87
N THR A 369 -1.14 41.28 -8.17
CA THR A 369 -2.18 41.47 -9.19
C THR A 369 -2.33 40.34 -10.19
N GLY A 370 -1.33 39.47 -10.25
CA GLY A 370 -1.35 38.36 -11.19
C GLY A 370 -2.47 37.36 -10.94
N ILE A 371 -2.26 36.13 -11.36
CA ILE A 371 -3.30 35.16 -11.12
C ILE A 371 -3.17 34.58 -9.74
N ARG A 372 -1.96 34.55 -9.19
CA ARG A 372 -1.78 34.00 -7.85
C ARG A 372 -2.65 34.76 -6.85
N SER A 373 -3.22 35.87 -7.30
CA SER A 373 -4.06 36.68 -6.43
C SER A 373 -5.42 36.07 -6.19
N TRP A 374 -5.97 35.39 -7.18
CA TRP A 374 -7.30 34.83 -7.02
C TRP A 374 -7.48 33.36 -7.38
N THR A 375 -6.40 32.60 -7.48
CA THR A 375 -6.53 31.20 -7.78
C THR A 375 -5.51 30.51 -6.90
N LEU A 376 -5.67 29.22 -6.65
CA LEU A 376 -4.73 28.54 -5.77
C LEU A 376 -4.14 27.29 -6.38
N LEU A 377 -2.82 27.15 -6.25
CA LEU A 377 -2.13 25.99 -6.76
C LEU A 377 -2.33 24.85 -5.79
N CYS A 378 -3.04 23.80 -6.22
CA CYS A 378 -3.31 22.67 -5.32
C CYS A 378 -2.97 21.33 -5.85
N THR A 379 -2.94 20.39 -4.92
CA THR A 379 -2.67 19.00 -5.23
C THR A 379 -3.78 18.55 -6.13
N PRO A 380 -3.45 17.82 -7.18
CA PRO A 380 -4.41 17.30 -8.15
C PRO A 380 -5.67 16.64 -7.61
N ASP A 381 -5.60 15.34 -7.30
CA ASP A 381 -6.78 14.59 -6.82
C ASP A 381 -7.65 14.23 -8.02
N VAL A 382 -7.64 12.96 -8.40
CA VAL A 382 -8.43 12.55 -9.54
C VAL A 382 -9.91 12.46 -9.27
N THR A 383 -10.29 12.05 -8.07
CA THR A 383 -11.71 11.91 -7.71
C THR A 383 -12.51 13.15 -8.09
N CYS A 384 -11.77 14.25 -8.29
CA CYS A 384 -12.36 15.52 -8.67
C CYS A 384 -13.04 16.24 -7.52
N GLY A 385 -13.05 15.61 -6.35
CA GLY A 385 -13.67 16.27 -5.23
C GLY A 385 -14.53 15.40 -4.34
N SER A 386 -14.01 15.13 -3.16
CA SER A 386 -14.72 14.31 -2.21
C SER A 386 -16.11 14.86 -1.99
N GLU A 387 -17.13 14.15 -2.49
CA GLU A 387 -18.51 14.60 -2.31
C GLU A 387 -19.18 13.65 -1.34
N GLN A 388 -20.23 14.13 -0.67
CA GLN A 388 -20.91 13.31 0.30
C GLN A 388 -22.27 12.86 -0.14
N VAL A 389 -22.74 11.79 0.47
CA VAL A 389 -24.04 11.24 0.16
C VAL A 389 -24.83 11.20 1.44
N TYR A 390 -26.13 11.39 1.35
CA TYR A 390 -26.97 11.38 2.53
C TYR A 390 -27.92 10.19 2.50
N TRP A 391 -28.13 9.54 3.65
CA TRP A 391 -29.04 8.41 3.75
C TRP A 391 -30.39 8.89 4.25
N SER A 392 -31.40 8.05 4.15
CA SER A 392 -32.73 8.40 4.62
C SER A 392 -33.57 7.14 4.72
N LEU A 393 -34.25 6.96 5.84
CA LEU A 393 -35.06 5.78 6.02
C LEU A 393 -36.44 6.19 6.46
N PRO A 394 -37.02 7.14 5.75
CA PRO A 394 -38.31 7.79 5.90
C PRO A 394 -39.34 7.01 6.67
N ASP A 395 -39.38 5.71 6.44
CA ASP A 395 -40.39 4.92 7.10
C ASP A 395 -39.94 4.25 8.38
N MET A 396 -38.73 4.54 8.83
CA MET A 396 -38.24 3.89 10.03
C MET A 396 -37.61 4.76 11.09
N MET A 397 -37.08 5.93 10.72
CA MET A 397 -36.47 6.79 11.74
C MET A 397 -37.32 8.03 11.86
N GLN A 398 -37.22 8.70 13.00
CA GLN A 398 -38.00 9.91 13.18
C GLN A 398 -37.27 10.97 12.41
N ASP A 399 -37.98 11.96 11.97
CA ASP A 399 -37.37 12.99 11.16
C ASP A 399 -36.58 14.00 11.98
N PRO A 400 -35.25 13.97 11.84
CA PRO A 400 -34.25 14.80 12.49
C PRO A 400 -34.59 16.27 12.62
N VAL A 401 -34.47 16.74 13.85
CA VAL A 401 -34.77 18.12 14.22
C VAL A 401 -35.63 18.92 13.29
N THR A 402 -35.00 19.49 12.28
CA THR A 402 -35.76 20.36 11.42
C THR A 402 -36.27 19.92 10.09
N PHE A 403 -36.07 18.66 9.74
CA PHE A 403 -36.58 18.23 8.46
C PHE A 403 -38.04 18.01 8.63
N ARG A 404 -38.79 18.17 7.55
CA ARG A 404 -40.20 17.93 7.65
C ARG A 404 -40.41 16.70 6.80
N SER A 405 -41.38 15.88 7.20
CA SER A 405 -41.67 14.65 6.49
C SER A 405 -42.42 14.93 5.21
N THR A 406 -41.99 14.27 4.15
CA THR A 406 -42.64 14.43 2.86
C THR A 406 -42.57 13.13 2.12
N SER A 407 -42.99 13.16 0.85
CA SER A 407 -43.01 11.96 0.03
C SER A 407 -42.24 12.22 -1.25
N GLN A 408 -41.55 13.34 -1.29
CA GLN A 408 -40.78 13.73 -2.44
C GLN A 408 -39.35 13.17 -2.32
N ILE A 409 -39.12 12.00 -2.89
CA ILE A 409 -37.81 11.34 -2.87
C ILE A 409 -36.61 12.25 -2.76
N SER A 410 -36.67 13.43 -3.35
CA SER A 410 -35.55 14.35 -3.31
C SER A 410 -35.62 15.35 -2.17
N ASN A 411 -36.25 14.96 -1.06
CA ASN A 411 -36.34 15.85 0.08
C ASN A 411 -36.56 15.08 1.37
N PHE A 412 -36.53 13.75 1.26
CA PHE A 412 -36.69 12.92 2.42
C PHE A 412 -35.81 13.43 3.53
N PRO A 413 -36.14 13.11 4.76
CA PRO A 413 -35.30 13.58 5.86
C PRO A 413 -34.00 12.79 5.79
N VAL A 414 -32.93 13.39 6.30
CA VAL A 414 -31.62 12.72 6.28
C VAL A 414 -31.32 12.16 7.64
N VAL A 415 -30.66 11.02 7.69
CA VAL A 415 -30.36 10.46 8.99
C VAL A 415 -28.89 10.16 9.11
N GLY A 416 -28.17 10.26 8.01
CA GLY A 416 -26.75 9.99 8.10
C GLY A 416 -26.04 10.50 6.87
N ALA A 417 -24.85 11.06 7.09
CA ALA A 417 -24.07 11.60 6.00
C ALA A 417 -22.80 10.81 5.96
N GLU A 418 -22.22 10.68 4.79
CA GLU A 418 -21.03 9.90 4.65
C GLU A 418 -20.39 10.25 3.34
N LEU A 419 -19.07 10.26 3.32
CA LEU A 419 -18.36 10.62 2.11
C LEU A 419 -18.58 9.53 1.08
N LEU A 420 -18.72 9.92 -0.19
CA LEU A 420 -18.94 8.95 -1.27
C LEU A 420 -17.65 8.16 -1.52
N PRO A 421 -17.67 6.84 -1.23
CA PRO A 421 -16.62 5.83 -1.34
C PRO A 421 -15.64 5.86 -2.48
N VAL A 422 -14.73 6.84 -2.50
CA VAL A 422 -13.76 6.89 -3.59
C VAL A 422 -12.45 7.45 -3.04
N HIS A 423 -11.35 6.76 -3.31
CA HIS A 423 -10.06 7.22 -2.83
C HIS A 423 -9.03 7.48 -3.93
N SER A 424 -7.94 8.14 -3.58
CA SER A 424 -6.89 8.43 -4.56
C SER A 424 -5.70 7.54 -4.28
N LYS A 425 -5.57 6.43 -5.01
CA LYS A 425 -4.43 5.55 -4.80
C LYS A 425 -3.30 6.19 -5.59
N SER A 426 -2.11 6.19 -5.02
CA SER A 426 -0.97 6.78 -5.69
C SER A 426 0.09 5.76 -6.04
N PHE A 427 0.63 5.88 -7.24
CA PHE A 427 1.67 4.95 -7.67
C PHE A 427 2.91 5.64 -8.16
N TYR A 428 3.93 4.83 -8.45
CA TYR A 428 5.20 5.34 -8.93
C TYR A 428 5.52 4.72 -10.27
N ASN A 429 5.75 5.56 -11.26
CA ASN A 429 6.07 5.06 -12.58
C ASN A 429 7.23 5.87 -13.12
N ASP A 430 8.43 5.61 -12.63
CA ASP A 430 9.61 6.37 -13.12
C ASP A 430 9.65 6.08 -14.59
N GLN A 431 8.79 5.13 -14.97
CA GLN A 431 8.61 4.70 -16.31
C GLN A 431 7.98 5.80 -17.11
N ALA A 432 7.51 6.85 -16.46
CA ALA A 432 6.88 8.00 -17.10
C ALA A 432 7.94 8.79 -17.85
N VAL A 433 7.60 9.18 -19.07
CA VAL A 433 8.50 9.92 -19.94
C VAL A 433 9.70 9.07 -20.35
N TYR A 434 9.81 7.85 -19.82
CA TYR A 434 10.89 7.03 -20.32
C TYR A 434 9.90 6.09 -21.03
N SER A 435 8.66 6.09 -20.51
CA SER A 435 7.52 5.34 -20.97
C SER A 435 6.84 6.18 -22.04
N GLN A 436 6.59 7.49 -21.84
CA GLN A 436 5.95 8.27 -22.93
C GLN A 436 6.76 7.96 -24.20
N LEU A 437 8.08 7.94 -24.01
CA LEU A 437 9.07 7.66 -25.04
C LEU A 437 8.79 6.26 -25.59
N ILE A 438 8.58 5.29 -24.70
CA ILE A 438 8.31 3.92 -25.10
C ILE A 438 6.80 3.70 -25.27
N ARG A 439 6.01 4.42 -24.49
CA ARG A 439 4.57 4.29 -24.60
C ARG A 439 4.12 4.56 -26.03
N GLN A 440 4.74 5.56 -26.68
CA GLN A 440 4.39 5.91 -28.06
C GLN A 440 4.58 4.79 -29.08
N PHE A 441 5.57 3.92 -28.83
CA PHE A 441 5.84 2.79 -29.71
C PHE A 441 4.91 1.63 -29.31
N THR A 442 4.63 1.55 -28.00
CA THR A 442 3.75 0.55 -27.38
C THR A 442 2.34 0.73 -27.98
N SER A 443 1.86 1.98 -27.99
CA SER A 443 0.58 2.35 -28.58
C SER A 443 0.99 2.52 -30.06
N LEU A 444 0.39 1.76 -30.96
CA LEU A 444 0.81 1.85 -32.35
C LEU A 444 0.62 3.23 -33.02
N THR A 445 0.17 4.22 -32.26
CA THR A 445 -0.06 5.59 -32.76
C THR A 445 0.37 6.77 -31.86
N HIS A 446 0.75 7.85 -32.52
CA HIS A 446 1.16 9.07 -31.84
C HIS A 446 -0.11 9.94 -31.76
N VAL A 447 -1.24 9.29 -31.45
CA VAL A 447 -2.53 9.99 -31.38
C VAL A 447 -2.53 11.17 -30.46
N PHE A 448 -1.84 11.04 -29.34
CA PHE A 448 -1.81 12.14 -28.40
C PHE A 448 -0.67 13.07 -28.67
N ASN A 449 0.38 12.56 -29.31
CA ASN A 449 1.54 13.39 -29.59
C ASN A 449 1.65 13.99 -30.98
N ARG A 450 0.56 13.97 -31.73
CA ARG A 450 0.55 14.52 -33.07
C ARG A 450 1.60 15.55 -33.51
N PHE A 451 2.11 16.36 -32.59
CA PHE A 451 3.09 17.39 -32.97
C PHE A 451 4.45 17.19 -32.28
N PRO A 452 5.01 15.99 -32.36
CA PRO A 452 6.29 15.63 -31.75
C PRO A 452 7.49 16.50 -32.01
N GLU A 453 7.30 17.72 -32.50
CA GLU A 453 8.45 18.55 -32.74
C GLU A 453 8.25 19.84 -31.99
N ASN A 454 7.09 20.44 -32.19
CA ASN A 454 6.75 21.68 -31.53
C ASN A 454 6.95 21.52 -30.02
N GLN A 455 7.89 22.26 -29.46
CA GLN A 455 8.16 22.19 -28.04
C GLN A 455 6.96 22.51 -27.16
N ILE A 456 5.98 23.19 -27.72
CA ILE A 456 4.78 23.51 -26.95
C ILE A 456 3.78 22.38 -27.18
N LEU A 457 3.06 22.42 -28.29
CA LEU A 457 2.07 21.41 -28.63
C LEU A 457 2.49 19.96 -28.42
N ALA A 458 3.73 19.72 -28.00
CA ALA A 458 4.22 18.37 -27.76
C ALA A 458 3.32 17.71 -26.73
N ARG A 459 3.56 16.43 -26.45
CA ARG A 459 2.76 15.73 -25.46
C ARG A 459 3.36 15.92 -24.07
N PRO A 460 2.60 16.54 -23.17
CA PRO A 460 3.08 16.77 -21.81
C PRO A 460 3.73 15.55 -21.22
N PRO A 461 4.74 15.76 -20.38
CA PRO A 461 5.45 14.69 -19.74
C PRO A 461 4.54 13.99 -18.76
N ALA A 462 4.70 12.69 -18.63
CA ALA A 462 3.90 11.95 -17.67
C ALA A 462 4.60 12.23 -16.34
N PRO A 463 3.84 12.57 -15.29
CA PRO A 463 4.49 12.83 -14.01
C PRO A 463 4.73 11.56 -13.25
N THR A 464 5.82 11.50 -12.48
CA THR A 464 6.07 10.31 -11.68
C THR A 464 4.98 10.45 -10.64
N ILE A 465 4.38 9.34 -10.23
CA ILE A 465 3.30 9.40 -9.24
C ILE A 465 1.97 9.75 -9.88
N THR A 466 1.33 8.75 -10.46
CA THR A 466 0.04 8.96 -11.07
C THR A 466 -0.98 8.65 -10.00
N THR A 467 -2.17 9.20 -10.14
CA THR A 467 -3.22 8.98 -9.18
C THR A 467 -4.33 8.31 -9.93
N VAL A 468 -5.16 7.53 -9.24
CA VAL A 468 -6.27 6.86 -9.89
C VAL A 468 -7.43 6.72 -8.94
N SER A 469 -8.61 7.17 -9.33
CA SER A 469 -9.75 7.04 -8.42
C SER A 469 -9.98 5.56 -8.30
N GLU A 470 -10.23 5.12 -7.07
CA GLU A 470 -10.44 3.71 -6.81
C GLU A 470 -11.65 3.58 -5.90
N ASN A 471 -12.58 2.70 -6.26
CA ASN A 471 -13.77 2.49 -5.45
C ASN A 471 -13.49 1.54 -4.30
N VAL A 472 -14.06 1.83 -3.14
CA VAL A 472 -13.83 0.97 -1.98
C VAL A 472 -15.07 0.86 -1.11
N PRO A 473 -15.37 -0.36 -0.63
CA PRO A 473 -16.54 -0.54 0.22
C PRO A 473 -16.29 0.27 1.47
N ALA A 474 -17.35 0.88 1.99
CA ALA A 474 -17.23 1.70 3.17
C ALA A 474 -18.10 1.21 4.32
N LEU A 475 -17.46 0.64 5.32
CA LEU A 475 -18.12 0.15 6.51
C LEU A 475 -18.22 1.32 7.45
N THR A 476 -19.22 2.14 7.21
CA THR A 476 -19.44 3.33 8.01
C THR A 476 -20.31 3.03 9.24
N ASP A 477 -20.47 4.01 10.12
CA ASP A 477 -21.27 3.82 11.32
C ASP A 477 -21.90 5.12 11.80
N HIS A 478 -23.21 5.23 11.66
CA HIS A 478 -23.91 6.41 12.09
C HIS A 478 -24.29 6.19 13.52
N GLY A 479 -24.79 7.20 14.18
CA GLY A 479 -25.12 6.98 15.58
C GLY A 479 -26.47 6.36 15.83
N THR A 480 -26.87 6.32 17.09
CA THR A 480 -28.19 5.82 17.43
C THR A 480 -29.14 6.93 16.97
N LEU A 481 -30.23 6.56 16.32
CA LEU A 481 -31.20 7.53 15.84
C LEU A 481 -32.55 7.15 16.37
N PRO A 482 -33.44 8.11 16.58
CA PRO A 482 -34.76 7.79 17.09
C PRO A 482 -35.55 6.94 16.10
N LEU A 483 -36.38 6.04 16.62
CA LEU A 483 -37.19 5.16 15.76
C LEU A 483 -38.68 5.41 15.98
N ARG A 484 -39.51 4.91 15.07
CA ARG A 484 -40.94 5.05 15.25
C ARG A 484 -41.31 3.81 16.04
N ASN A 485 -42.31 3.88 16.90
CA ASN A 485 -42.61 2.71 17.68
C ASN A 485 -43.38 1.66 16.91
N SER A 486 -43.56 1.89 15.62
CA SER A 486 -44.28 0.93 14.79
C SER A 486 -43.60 0.92 13.46
N ILE A 487 -42.75 -0.06 13.27
CA ILE A 487 -42.01 -0.18 12.04
C ILE A 487 -42.73 -0.97 10.96
N GLY A 488 -42.99 -0.29 9.85
CA GLY A 488 -43.70 -0.91 8.74
C GLY A 488 -43.01 -2.11 8.15
N GLY A 489 -43.82 -3.00 7.57
CA GLY A 489 -43.27 -4.20 6.97
C GLY A 489 -42.29 -3.86 5.87
N VAL A 490 -42.59 -2.84 5.08
CA VAL A 490 -41.69 -2.48 4.00
C VAL A 490 -41.12 -1.12 4.25
N GLN A 491 -39.80 -1.06 4.29
CA GLN A 491 -39.12 0.19 4.52
C GLN A 491 -38.54 0.65 3.23
N ARG A 492 -38.38 1.95 3.09
CA ARG A 492 -37.81 2.50 1.88
C ARG A 492 -36.44 3.05 2.23
N VAL A 493 -35.43 2.60 1.49
CA VAL A 493 -34.05 3.05 1.70
C VAL A 493 -33.68 4.00 0.58
N THR A 494 -32.93 5.06 0.90
CA THR A 494 -32.56 6.04 -0.12
C THR A 494 -31.26 6.79 0.09
N ILE A 495 -30.33 6.57 -0.82
CA ILE A 495 -29.06 7.26 -0.75
C ILE A 495 -29.08 8.38 -1.77
N THR A 496 -28.84 9.59 -1.31
CA THR A 496 -28.86 10.75 -2.19
C THR A 496 -27.50 11.40 -2.23
N ASP A 497 -27.32 12.35 -3.15
CA ASP A 497 -26.03 13.01 -3.25
C ASP A 497 -26.15 14.47 -2.87
N ALA A 498 -25.04 15.17 -2.92
CA ALA A 498 -25.02 16.56 -2.56
C ALA A 498 -26.22 17.38 -3.08
N ARG A 499 -26.57 17.19 -4.34
CA ARG A 499 -27.66 17.94 -4.95
C ARG A 499 -29.00 17.29 -4.75
N ARG A 500 -29.00 16.17 -4.04
CA ARG A 500 -30.23 15.45 -3.75
C ARG A 500 -30.82 14.77 -4.95
N ARG A 501 -30.26 13.61 -5.28
CA ARG A 501 -30.73 12.82 -6.40
C ARG A 501 -30.07 11.46 -6.27
N THR A 502 -30.80 10.41 -6.58
CA THR A 502 -30.23 9.07 -6.47
C THR A 502 -28.89 9.08 -7.17
N CYS A 503 -28.04 8.15 -6.78
CA CYS A 503 -26.71 8.04 -7.38
C CYS A 503 -26.60 6.71 -8.08
N PRO A 504 -26.67 6.71 -9.41
CA PRO A 504 -26.59 5.52 -10.26
C PRO A 504 -25.45 4.58 -9.99
N TYR A 505 -24.35 5.10 -9.45
CA TYR A 505 -23.21 4.26 -9.22
C TYR A 505 -23.14 3.41 -7.97
N VAL A 506 -24.27 3.12 -7.35
CA VAL A 506 -24.25 2.31 -6.15
C VAL A 506 -24.50 0.85 -6.48
N TYR A 507 -23.59 -0.03 -6.09
CA TYR A 507 -23.77 -1.43 -6.38
C TYR A 507 -24.33 -2.15 -5.16
N LYS A 508 -23.94 -1.72 -3.97
CA LYS A 508 -24.46 -2.39 -2.80
C LYS A 508 -24.66 -1.44 -1.67
N ALA A 509 -25.84 -1.49 -1.08
CA ALA A 509 -26.16 -0.64 0.04
C ALA A 509 -27.01 -1.50 0.93
N LEU A 510 -26.74 -1.46 2.22
CA LEU A 510 -27.53 -2.23 3.16
C LEU A 510 -27.15 -1.80 4.53
N GLY A 511 -28.09 -1.87 5.46
CA GLY A 511 -27.79 -1.43 6.80
C GLY A 511 -28.40 -2.32 7.84
N ILE A 512 -27.84 -2.22 9.03
CA ILE A 512 -28.27 -3.02 10.16
C ILE A 512 -28.70 -2.07 11.27
N VAL A 513 -29.92 -2.23 11.77
CA VAL A 513 -30.41 -1.39 12.83
C VAL A 513 -30.66 -2.18 14.08
N SER A 514 -30.22 -1.65 15.20
CA SER A 514 -30.33 -2.33 16.47
C SER A 514 -31.03 -1.42 17.47
N PRO A 515 -32.35 -1.54 17.58
CA PRO A 515 -33.11 -0.70 18.50
C PRO A 515 -32.83 -0.94 19.97
N ARG A 516 -33.09 0.08 20.78
CA ARG A 516 -32.93 0.01 22.21
C ARG A 516 -33.56 1.21 22.87
N VAL A 517 -34.01 1.02 24.11
CA VAL A 517 -34.69 2.05 24.87
C VAL A 517 -33.93 3.32 25.13
N LEU A 518 -34.64 4.43 25.29
CA LEU A 518 -34.00 5.70 25.55
C LEU A 518 -34.62 6.48 26.68
N SER A 519 -35.89 6.24 26.98
CA SER A 519 -36.59 6.93 28.07
C SER A 519 -38.04 6.52 27.96
N SER A 520 -38.89 6.95 28.88
CA SER A 520 -40.29 6.55 28.76
C SER A 520 -41.29 7.70 28.63
N ARG A 521 -42.53 7.36 28.27
CA ARG A 521 -43.58 8.36 28.12
C ARG A 521 -44.43 8.48 29.42
N ARG B 4 -28.49 -12.38 41.75
CA ARG B 4 -28.96 -11.14 41.03
C ARG B 4 -28.47 -11.09 39.56
N ASN B 5 -27.23 -11.55 39.36
CA ASN B 5 -26.57 -11.52 38.07
C ASN B 5 -25.42 -12.53 38.03
N SER B 6 -25.66 -13.73 38.52
CA SER B 6 -24.64 -14.76 38.52
C SER B 6 -24.37 -15.34 37.15
N ILE B 7 -23.54 -16.36 37.10
CA ILE B 7 -23.18 -17.08 35.88
C ILE B 7 -22.63 -18.35 36.44
N ARG B 8 -23.45 -19.39 36.46
CA ARG B 8 -23.05 -20.65 37.04
C ARG B 8 -22.72 -21.73 36.05
N TYR B 9 -21.85 -22.65 36.46
CA TYR B 9 -21.45 -23.78 35.64
C TYR B 9 -21.29 -25.02 36.50
N SER B 10 -21.81 -26.15 36.00
CA SER B 10 -21.74 -27.43 36.72
C SER B 10 -21.39 -27.17 38.16
N GLU B 11 -20.19 -27.55 38.52
CA GLU B 11 -19.74 -27.36 39.87
C GLU B 11 -18.41 -26.64 39.88
N LEU B 12 -18.49 -25.32 39.77
CA LEU B 12 -17.33 -24.45 39.82
C LEU B 12 -17.83 -23.19 40.51
N ALA B 13 -16.92 -22.41 41.05
CA ALA B 13 -17.31 -21.19 41.73
C ALA B 13 -18.17 -20.35 40.79
N PRO B 14 -19.21 -19.72 41.34
CA PRO B 14 -20.05 -18.90 40.47
C PRO B 14 -19.28 -17.66 40.07
N LEU B 15 -19.52 -17.17 38.86
CA LEU B 15 -18.87 -15.97 38.36
C LEU B 15 -19.91 -14.90 38.23
N PHE B 16 -19.48 -13.64 38.34
CA PHE B 16 -20.45 -12.56 38.26
C PHE B 16 -20.16 -11.47 37.26
N ASP B 17 -21.25 -10.91 36.75
CA ASP B 17 -21.22 -9.79 35.85
C ASP B 17 -20.84 -9.98 34.42
N THR B 18 -19.94 -10.91 34.15
CA THR B 18 -19.54 -11.13 32.77
C THR B 18 -18.40 -12.09 32.67
N THR B 19 -18.10 -12.51 31.45
CA THR B 19 -17.04 -13.46 31.23
C THR B 19 -16.96 -13.70 29.74
N ARG B 20 -16.40 -14.84 29.32
CA ARG B 20 -16.30 -15.10 27.89
C ARG B 20 -16.48 -16.53 27.49
N VAL B 21 -17.32 -16.75 26.50
CA VAL B 21 -17.54 -18.10 26.00
C VAL B 21 -16.88 -18.04 24.65
N TYR B 22 -16.16 -19.08 24.28
CA TYR B 22 -15.48 -19.02 22.99
C TYR B 22 -15.99 -20.00 21.95
N LEU B 23 -16.31 -19.49 20.78
CA LEU B 23 -16.76 -20.34 19.69
C LEU B 23 -15.55 -20.51 18.80
N VAL B 24 -15.03 -21.73 18.72
CA VAL B 24 -13.86 -21.97 17.89
C VAL B 24 -13.82 -23.36 17.26
N ASP B 25 -13.47 -23.43 15.98
CA ASP B 25 -13.40 -24.69 15.23
C ASP B 25 -12.21 -25.61 15.56
N ASN B 26 -11.02 -25.03 15.59
CA ASN B 26 -9.76 -25.72 15.86
C ASN B 26 -9.67 -26.82 16.90
N LYS B 27 -10.25 -26.61 18.09
CA LYS B 27 -10.20 -27.60 19.18
C LYS B 27 -9.89 -29.02 18.69
N SER B 28 -8.85 -29.66 19.24
CA SER B 28 -8.46 -30.99 18.79
C SER B 28 -9.52 -32.08 18.99
N THR B 29 -10.14 -32.07 20.16
CA THR B 29 -11.14 -33.08 20.53
C THR B 29 -12.38 -33.17 19.65
N ASP B 30 -13.11 -32.06 19.56
CA ASP B 30 -14.35 -31.94 18.79
C ASP B 30 -14.20 -32.22 17.28
N VAL B 31 -13.10 -31.76 16.71
CA VAL B 31 -12.83 -31.98 15.29
C VAL B 31 -12.88 -33.47 15.05
N ALA B 32 -12.16 -34.20 15.89
CA ALA B 32 -12.11 -35.65 15.82
C ALA B 32 -13.54 -36.20 15.80
N SER B 33 -14.25 -36.02 16.90
CA SER B 33 -15.62 -36.50 17.01
C SER B 33 -16.63 -35.69 16.19
N LEU B 34 -17.22 -34.69 16.83
CA LEU B 34 -18.25 -33.83 16.24
C LEU B 34 -18.25 -33.58 14.72
N ASN B 35 -17.71 -32.43 14.30
CA ASN B 35 -17.68 -32.11 12.88
C ASN B 35 -16.84 -33.19 12.26
N TYR B 36 -16.98 -33.37 10.97
CA TYR B 36 -16.23 -34.39 10.28
C TYR B 36 -16.68 -34.15 8.90
N GLN B 37 -17.96 -34.40 8.71
CA GLN B 37 -18.56 -34.20 7.41
C GLN B 37 -18.94 -32.74 7.23
N ASN B 38 -18.49 -31.89 8.15
CA ASN B 38 -18.78 -30.46 8.08
C ASN B 38 -17.57 -29.68 7.58
N ASP B 39 -17.68 -28.35 7.55
CA ASP B 39 -16.59 -27.49 7.12
C ASP B 39 -16.66 -26.16 7.86
N HIS B 40 -15.62 -25.33 7.73
CA HIS B 40 -15.59 -24.05 8.42
C HIS B 40 -16.67 -23.07 8.00
N SER B 41 -17.92 -23.47 8.11
CA SER B 41 -18.96 -22.56 7.69
C SER B 41 -20.23 -23.19 8.17
N ASN B 42 -20.07 -24.33 8.81
CA ASN B 42 -21.20 -25.02 9.34
C ASN B 42 -20.59 -26.09 10.19
N PHE B 43 -20.32 -25.76 11.44
CA PHE B 43 -19.69 -26.73 12.32
C PHE B 43 -20.19 -26.66 13.74
N LEU B 44 -19.82 -27.65 14.52
CA LEU B 44 -20.21 -27.69 15.90
C LEU B 44 -18.96 -27.42 16.69
N THR B 45 -19.12 -27.02 17.93
CA THR B 45 -17.98 -26.76 18.77
C THR B 45 -18.48 -26.79 20.20
N THR B 46 -17.63 -27.21 21.12
CA THR B 46 -18.04 -27.24 22.50
C THR B 46 -17.66 -25.91 23.08
N VAL B 47 -18.53 -25.33 23.87
CA VAL B 47 -18.22 -24.06 24.48
C VAL B 47 -17.62 -24.34 25.82
N ILE B 48 -17.78 -25.58 26.28
CA ILE B 48 -17.26 -25.99 27.56
C ILE B 48 -15.85 -25.60 27.92
N GLN B 49 -14.86 -25.92 27.10
CA GLN B 49 -13.49 -25.54 27.44
C GLN B 49 -12.95 -26.15 28.75
N ASN B 50 -13.55 -27.22 29.25
CA ASN B 50 -13.03 -27.86 30.46
C ASN B 50 -12.35 -29.14 30.05
N ASN B 51 -11.06 -29.21 30.29
CA ASN B 51 -10.23 -30.34 29.95
C ASN B 51 -10.78 -31.75 30.25
N ASP B 52 -11.48 -31.94 31.37
CA ASP B 52 -12.04 -33.27 31.65
C ASP B 52 -13.29 -33.36 30.79
N TYR B 53 -14.09 -34.38 30.98
CA TYR B 53 -15.32 -34.50 30.20
C TYR B 53 -15.19 -34.72 28.69
N SER B 54 -15.70 -35.85 28.26
CA SER B 54 -15.69 -36.21 26.86
C SER B 54 -16.61 -35.29 26.11
N PRO B 55 -16.14 -34.73 24.98
CA PRO B 55 -17.05 -33.86 24.25
C PRO B 55 -18.29 -34.71 24.08
N GLY B 56 -19.44 -34.08 23.89
CA GLY B 56 -20.66 -34.87 23.79
C GLY B 56 -21.13 -34.95 25.23
N GLU B 57 -20.36 -35.61 26.10
CA GLU B 57 -20.75 -35.66 27.49
C GLU B 57 -20.70 -34.22 27.97
N ALA B 58 -19.94 -33.42 27.24
CA ALA B 58 -19.82 -32.00 27.52
C ALA B 58 -21.17 -31.47 27.15
N SER B 59 -21.61 -31.86 25.97
CA SER B 59 -22.90 -31.45 25.44
C SER B 59 -24.00 -31.48 26.48
N THR B 60 -23.87 -32.34 27.47
CA THR B 60 -24.89 -32.40 28.49
C THR B 60 -24.88 -31.16 29.35
N GLN B 61 -23.70 -30.74 29.78
CA GLN B 61 -23.56 -29.57 30.62
C GLN B 61 -24.07 -28.30 30.00
N THR B 62 -24.14 -27.25 30.79
CA THR B 62 -24.65 -25.97 30.30
C THR B 62 -24.15 -24.81 31.10
N ILE B 63 -23.96 -23.70 30.42
CA ILE B 63 -23.53 -22.49 31.07
C ILE B 63 -24.82 -21.76 31.36
N ASN B 64 -25.10 -21.44 32.62
CA ASN B 64 -26.34 -20.76 32.97
C ASN B 64 -26.16 -19.32 33.36
N LEU B 65 -26.78 -18.42 32.60
CA LEU B 65 -26.67 -17.02 32.96
C LEU B 65 -27.85 -16.79 33.88
N ASP B 66 -27.59 -16.25 35.06
CA ASP B 66 -28.66 -16.02 36.04
C ASP B 66 -29.99 -15.86 35.36
N ASP B 67 -30.96 -16.56 35.91
CA ASP B 67 -32.29 -16.55 35.36
C ASP B 67 -33.06 -15.26 35.57
N ARG B 68 -32.86 -14.62 36.71
CA ARG B 68 -33.59 -13.41 37.01
C ARG B 68 -33.34 -12.21 36.10
N SER B 69 -32.41 -12.31 35.15
CA SER B 69 -32.14 -11.17 34.27
C SER B 69 -32.05 -11.55 32.80
N HIS B 70 -32.36 -10.62 31.90
CA HIS B 70 -32.25 -10.90 30.47
C HIS B 70 -30.83 -10.54 30.09
N TRP B 71 -30.08 -11.52 29.59
CA TRP B 71 -28.72 -11.25 29.22
C TRP B 71 -28.53 -10.95 27.76
N GLY B 72 -27.34 -10.47 27.44
CA GLY B 72 -26.99 -10.17 26.06
C GLY B 72 -25.49 -10.37 25.99
N GLY B 73 -24.94 -10.49 24.78
CA GLY B 73 -23.50 -10.67 24.69
C GLY B 73 -22.91 -9.95 23.49
N ASP B 74 -21.71 -9.40 23.64
CA ASP B 74 -21.05 -8.72 22.54
C ASP B 74 -20.48 -9.83 21.71
N LEU B 75 -20.62 -9.73 20.40
CA LEU B 75 -20.11 -10.79 19.56
C LEU B 75 -19.17 -10.29 18.51
N LYS B 76 -17.86 -10.43 18.73
CA LYS B 76 -16.94 -10.00 17.69
C LYS B 76 -16.45 -11.29 17.08
N THR B 77 -16.16 -11.26 15.79
CA THR B 77 -15.72 -12.45 15.13
C THR B 77 -14.53 -12.21 14.24
N ILE B 78 -13.86 -13.30 13.92
CA ILE B 78 -12.69 -13.26 13.07
C ILE B 78 -12.97 -14.19 11.91
N LEU B 79 -13.22 -13.60 10.74
CA LEU B 79 -13.52 -14.41 9.57
C LEU B 79 -12.42 -14.29 8.55
N HIS B 80 -12.03 -15.40 7.93
CA HIS B 80 -10.98 -15.41 6.92
C HIS B 80 -11.22 -16.39 5.82
N THR B 81 -11.29 -15.90 4.61
CA THR B 81 -11.53 -16.79 3.48
C THR B 81 -10.34 -16.90 2.56
N ASN B 82 -10.61 -17.24 1.31
CA ASN B 82 -9.57 -17.40 0.31
C ASN B 82 -10.27 -17.90 -0.94
N MET B 83 -11.31 -17.16 -1.30
CA MET B 83 -12.10 -17.49 -2.45
C MET B 83 -11.51 -16.86 -3.70
N PRO B 84 -11.49 -17.62 -4.78
CA PRO B 84 -10.98 -17.24 -6.08
C PRO B 84 -11.81 -16.27 -6.85
N ASN B 85 -11.09 -15.36 -7.48
CA ASN B 85 -11.63 -14.34 -8.34
C ASN B 85 -12.71 -15.00 -9.18
N VAL B 86 -12.27 -16.03 -9.90
CA VAL B 86 -13.15 -16.74 -10.79
C VAL B 86 -13.43 -18.15 -10.39
N ASN B 87 -14.63 -18.42 -9.91
CA ASN B 87 -14.96 -19.78 -9.56
C ASN B 87 -16.40 -20.12 -9.86
N GLU B 88 -16.72 -21.40 -9.74
CA GLU B 88 -18.05 -21.86 -10.06
C GLU B 88 -19.14 -21.48 -9.10
N PHE B 89 -18.84 -21.57 -7.81
CA PHE B 89 -19.84 -21.26 -6.80
C PHE B 89 -20.32 -19.81 -6.82
N MET B 90 -19.41 -18.89 -7.10
CA MET B 90 -19.80 -17.49 -7.14
C MET B 90 -20.38 -17.06 -8.47
N PHE B 91 -20.35 -17.96 -9.45
CA PHE B 91 -20.89 -17.65 -10.76
C PHE B 91 -19.99 -16.72 -11.53
N THR B 92 -18.71 -17.06 -11.62
CA THR B 92 -17.80 -16.21 -12.35
C THR B 92 -16.99 -17.05 -13.30
N ASN B 93 -17.39 -18.30 -13.50
CA ASN B 93 -16.65 -19.16 -14.39
C ASN B 93 -17.42 -19.52 -15.64
N LYS B 94 -18.62 -18.98 -15.79
CA LYS B 94 -19.41 -19.27 -16.98
C LYS B 94 -19.96 -17.99 -17.56
N PHE B 95 -20.46 -18.06 -18.78
CA PHE B 95 -21.05 -16.90 -19.43
C PHE B 95 -21.49 -17.28 -20.82
N LYS B 96 -22.75 -17.00 -21.12
CA LYS B 96 -23.33 -17.30 -22.42
C LYS B 96 -23.05 -16.21 -23.43
N ALA B 97 -22.80 -16.62 -24.66
CA ALA B 97 -22.54 -15.71 -25.76
C ALA B 97 -23.03 -16.41 -27.01
N ARG B 98 -23.41 -15.64 -28.01
CA ARG B 98 -23.88 -16.23 -29.26
C ARG B 98 -22.85 -16.06 -30.34
N VAL B 99 -22.40 -17.17 -30.89
CA VAL B 99 -21.38 -17.12 -31.94
C VAL B 99 -21.83 -17.80 -33.21
N MET B 100 -21.03 -17.64 -34.25
CA MET B 100 -21.36 -18.26 -35.51
C MET B 100 -20.91 -19.71 -35.45
N VAL B 101 -21.80 -20.58 -35.89
CA VAL B 101 -21.52 -22.00 -35.90
C VAL B 101 -21.12 -22.50 -37.29
N SER B 102 -21.90 -22.12 -38.30
CA SER B 102 -21.62 -22.56 -39.66
C SER B 102 -21.78 -21.52 -40.78
N ARG B 103 -20.86 -21.60 -41.73
CA ARG B 103 -20.83 -20.74 -42.90
C ARG B 103 -20.96 -21.71 -44.06
N SER B 104 -22.04 -21.62 -44.83
CA SER B 104 -22.20 -22.54 -45.95
C SER B 104 -22.62 -21.96 -47.31
N LEU B 105 -22.36 -22.77 -48.34
CA LEU B 105 -22.70 -22.47 -49.73
C LEU B 105 -23.99 -23.28 -49.94
N THR B 106 -25.12 -22.60 -50.07
CA THR B 106 -26.38 -23.34 -50.20
C THR B 106 -27.34 -22.99 -51.34
N LYS B 107 -28.21 -23.96 -51.62
CA LYS B 107 -29.24 -23.91 -52.65
C LYS B 107 -28.86 -23.00 -53.82
N ASP B 108 -27.75 -23.38 -54.44
CA ASP B 108 -27.17 -22.71 -55.60
C ASP B 108 -26.48 -21.34 -55.32
N LYS B 109 -27.24 -20.32 -54.89
CA LYS B 109 -26.69 -18.97 -54.65
C LYS B 109 -26.67 -18.37 -53.23
N GLN B 110 -27.44 -18.97 -52.33
CA GLN B 110 -27.54 -18.50 -50.93
C GLN B 110 -26.29 -18.72 -50.06
N VAL B 111 -26.04 -17.74 -49.19
CA VAL B 111 -24.95 -17.79 -48.21
C VAL B 111 -25.70 -18.05 -46.91
N GLU B 112 -25.62 -19.27 -46.41
CA GLU B 112 -26.37 -19.60 -45.19
C GLU B 112 -25.53 -19.51 -43.91
N LEU B 113 -25.87 -18.51 -43.09
CA LEU B 113 -25.20 -18.29 -41.82
C LEU B 113 -26.06 -18.81 -40.69
N LYS B 114 -25.49 -19.71 -39.90
CA LYS B 114 -26.21 -20.28 -38.76
C LYS B 114 -25.49 -19.91 -37.47
N TYR B 115 -26.22 -19.18 -36.62
CA TYR B 115 -25.70 -18.74 -35.33
C TYR B 115 -26.42 -19.47 -34.19
N GLU B 116 -25.73 -19.64 -33.07
CA GLU B 116 -26.32 -20.31 -31.91
C GLU B 116 -25.72 -19.83 -30.58
N TRP B 117 -26.49 -19.94 -29.50
CA TRP B 117 -26.00 -19.54 -28.19
C TRP B 117 -25.24 -20.68 -27.59
N VAL B 118 -24.21 -20.36 -26.83
CA VAL B 118 -23.46 -21.41 -26.19
C VAL B 118 -22.78 -20.85 -24.97
N GLU B 119 -22.67 -21.68 -23.94
CA GLU B 119 -22.08 -21.29 -22.68
C GLU B 119 -20.66 -21.77 -22.48
N PHE B 120 -19.71 -20.84 -22.45
CA PHE B 120 -18.31 -21.21 -22.27
C PHE B 120 -17.95 -21.09 -20.81
N THR B 121 -17.02 -21.94 -20.37
CA THR B 121 -16.60 -21.92 -18.98
C THR B 121 -15.13 -21.61 -18.84
N LEU B 122 -14.75 -21.11 -17.68
CA LEU B 122 -13.36 -20.76 -17.44
C LEU B 122 -12.78 -21.64 -16.36
N PRO B 123 -11.47 -21.79 -16.35
CA PRO B 123 -10.77 -22.61 -15.36
C PRO B 123 -10.56 -21.86 -14.05
N GLU B 124 -11.39 -22.18 -13.06
CA GLU B 124 -11.33 -21.54 -11.76
C GLU B 124 -9.97 -20.95 -11.34
N GLY B 125 -10.02 -19.87 -10.57
CA GLY B 125 -8.81 -19.25 -10.05
C GLY B 125 -8.37 -17.97 -10.71
N ASN B 126 -7.66 -18.14 -11.85
CA ASN B 126 -7.07 -17.10 -12.74
C ASN B 126 -7.51 -15.64 -12.57
N TYR B 127 -6.96 -15.04 -11.52
CA TYR B 127 -7.25 -13.67 -11.14
C TYR B 127 -6.88 -12.61 -12.17
N SER B 128 -6.77 -11.37 -11.70
CA SER B 128 -6.42 -10.24 -12.54
C SER B 128 -7.51 -10.04 -13.54
N GLU B 129 -7.84 -8.79 -13.82
CA GLU B 129 -8.91 -8.58 -14.77
C GLU B 129 -8.49 -8.83 -16.18
N THR B 130 -7.44 -8.16 -16.61
CA THR B 130 -7.00 -8.32 -17.96
C THR B 130 -6.94 -9.77 -18.35
N MET B 131 -6.18 -10.53 -17.58
CA MET B 131 -6.07 -11.93 -17.91
C MET B 131 -7.41 -12.63 -17.99
N THR B 132 -8.34 -12.19 -17.16
CA THR B 132 -9.66 -12.80 -17.16
C THR B 132 -10.30 -12.55 -18.49
N ILE B 133 -10.09 -11.36 -19.03
CA ILE B 133 -10.65 -11.02 -20.32
C ILE B 133 -10.09 -12.05 -21.28
N ASP B 134 -8.77 -12.09 -21.38
CA ASP B 134 -8.08 -13.01 -22.25
C ASP B 134 -8.64 -14.43 -22.18
N LEU B 135 -8.81 -14.93 -20.97
CA LEU B 135 -9.33 -16.28 -20.81
C LEU B 135 -10.68 -16.41 -21.45
N MET B 136 -11.45 -15.32 -21.43
CA MET B 136 -12.76 -15.32 -22.06
C MET B 136 -12.57 -15.37 -23.56
N ASN B 137 -11.88 -14.39 -24.12
CA ASN B 137 -11.64 -14.39 -25.54
C ASN B 137 -11.17 -15.75 -26.00
N ASN B 138 -10.25 -16.35 -25.23
CA ASN B 138 -9.72 -17.65 -25.55
C ASN B 138 -10.83 -18.71 -25.59
N ALA B 139 -11.78 -18.63 -24.69
CA ALA B 139 -12.85 -19.60 -24.68
C ALA B 139 -13.73 -19.45 -25.91
N ILE B 140 -13.82 -18.24 -26.45
CA ILE B 140 -14.63 -18.02 -27.65
C ILE B 140 -13.94 -18.82 -28.74
N VAL B 141 -12.64 -18.65 -28.81
CA VAL B 141 -11.79 -19.33 -29.77
C VAL B 141 -11.86 -20.85 -29.60
N GLU B 142 -11.45 -21.33 -28.44
CA GLU B 142 -11.44 -22.76 -28.15
C GLU B 142 -12.68 -23.44 -28.68
N HIS B 143 -13.77 -22.70 -28.74
CA HIS B 143 -15.03 -23.23 -29.23
C HIS B 143 -14.97 -23.27 -30.75
N TYR B 144 -14.55 -22.16 -31.35
CA TYR B 144 -14.40 -22.09 -32.80
C TYR B 144 -13.56 -23.27 -33.25
N LEU B 145 -12.54 -23.59 -32.46
CA LEU B 145 -11.66 -24.70 -32.77
C LEU B 145 -12.37 -26.03 -32.76
N LYS B 146 -13.48 -26.14 -32.03
CA LYS B 146 -14.18 -27.41 -31.98
C LYS B 146 -15.42 -27.44 -32.84
N VAL B 147 -15.82 -26.28 -33.37
CA VAL B 147 -17.00 -26.25 -34.19
C VAL B 147 -16.90 -25.31 -35.37
N GLY B 148 -16.44 -24.10 -35.09
CA GLY B 148 -16.31 -23.10 -36.14
C GLY B 148 -15.71 -23.57 -37.45
N ARG B 149 -14.38 -23.52 -37.54
CA ARG B 149 -13.69 -23.90 -38.76
C ARG B 149 -14.28 -25.13 -39.44
N GLN B 150 -14.43 -26.20 -38.69
CA GLN B 150 -14.95 -27.42 -39.29
C GLN B 150 -16.41 -27.35 -39.65
N ASN B 151 -16.85 -26.22 -40.18
CA ASN B 151 -18.23 -26.04 -40.57
C ASN B 151 -18.32 -24.74 -41.36
N GLY B 152 -17.20 -24.39 -41.98
CA GLY B 152 -17.15 -23.19 -42.78
C GLY B 152 -16.48 -22.07 -42.02
N VAL B 153 -17.30 -21.16 -41.53
CA VAL B 153 -16.88 -19.99 -40.75
C VAL B 153 -15.37 -19.75 -40.60
N LEU B 154 -14.91 -18.68 -41.23
CA LEU B 154 -13.50 -18.30 -41.20
C LEU B 154 -13.23 -17.52 -39.93
N GLU B 155 -11.99 -17.13 -39.76
CA GLU B 155 -11.59 -16.35 -38.60
C GLU B 155 -12.17 -14.96 -38.87
N SER B 156 -12.07 -14.54 -40.12
CA SER B 156 -12.57 -13.25 -40.57
C SER B 156 -13.94 -12.93 -39.97
N ASP B 157 -14.75 -13.94 -39.78
CA ASP B 157 -16.08 -13.72 -39.25
C ASP B 157 -16.35 -14.35 -37.87
N ILE B 158 -15.43 -14.13 -36.94
CA ILE B 158 -15.58 -14.63 -35.58
C ILE B 158 -16.43 -13.64 -34.82
N GLY B 159 -17.60 -14.08 -34.37
CA GLY B 159 -18.47 -13.17 -33.64
C GLY B 159 -18.19 -13.07 -32.15
N VAL B 160 -18.14 -11.86 -31.62
CA VAL B 160 -17.89 -11.67 -30.19
C VAL B 160 -16.45 -11.72 -29.71
N LYS B 161 -15.97 -10.58 -29.26
CA LYS B 161 -14.63 -10.53 -28.73
C LYS B 161 -14.57 -9.38 -27.76
N PHE B 162 -14.05 -9.66 -26.57
CA PHE B 162 -13.91 -8.66 -25.53
C PHE B 162 -12.57 -7.99 -25.75
N ASP B 163 -12.61 -6.67 -25.86
CA ASP B 163 -11.41 -5.87 -26.09
C ASP B 163 -11.45 -4.84 -24.98
N THR B 164 -10.59 -3.84 -25.09
CA THR B 164 -10.53 -2.79 -24.08
C THR B 164 -10.01 -1.47 -24.64
N ARG B 165 -10.26 -1.17 -25.90
CA ARG B 165 -9.76 0.11 -26.41
C ARG B 165 -10.78 0.91 -27.15
N ASN B 166 -10.42 2.17 -27.41
CA ASN B 166 -11.30 3.11 -28.06
C ASN B 166 -11.11 3.15 -29.56
N PHE B 167 -11.68 2.17 -30.25
CA PHE B 167 -11.57 2.13 -31.70
C PHE B 167 -12.22 3.40 -32.21
N ARG B 168 -11.48 4.49 -32.23
CA ARG B 168 -12.06 5.74 -32.67
C ARG B 168 -11.17 6.88 -32.30
N LEU B 169 -9.98 6.56 -31.81
CA LEU B 169 -9.12 7.66 -31.47
C LEU B 169 -8.54 8.32 -32.70
N GLY B 170 -8.06 7.51 -33.65
CA GLY B 170 -7.51 8.09 -34.86
C GLY B 170 -8.53 8.88 -35.68
N PHE B 171 -9.72 8.32 -35.81
CA PHE B 171 -10.81 8.90 -36.57
C PHE B 171 -10.73 10.37 -36.95
N ASP B 172 -10.99 10.61 -38.23
CA ASP B 172 -10.99 11.94 -38.83
C ASP B 172 -12.40 12.21 -39.35
N PRO B 173 -13.05 13.24 -38.81
CA PRO B 173 -14.41 13.61 -39.21
C PRO B 173 -14.68 13.80 -40.69
N VAL B 174 -13.62 13.93 -41.49
CA VAL B 174 -13.80 14.11 -42.93
C VAL B 174 -13.54 12.81 -43.67
N THR B 175 -12.35 12.29 -43.47
CA THR B 175 -11.91 11.04 -44.06
C THR B 175 -12.90 9.91 -43.79
N GLY B 176 -13.37 9.85 -42.56
CA GLY B 176 -14.28 8.79 -42.19
C GLY B 176 -13.41 7.60 -41.85
N LEU B 177 -12.13 7.83 -41.62
CA LEU B 177 -11.21 6.75 -41.29
C LEU B 177 -10.23 7.05 -40.17
N VAL B 178 -9.68 5.99 -39.60
CA VAL B 178 -8.72 6.10 -38.53
C VAL B 178 -7.36 6.31 -39.20
N MET B 179 -7.13 7.54 -39.62
CA MET B 179 -5.91 7.93 -40.31
C MET B 179 -4.61 7.19 -40.04
N PRO B 180 -4.29 6.95 -38.77
CA PRO B 180 -3.06 6.25 -38.39
C PRO B 180 -2.87 4.88 -39.02
N GLY B 181 -3.95 4.31 -39.54
CA GLY B 181 -3.87 3.00 -40.17
C GLY B 181 -3.82 1.89 -39.14
N VAL B 182 -3.98 2.30 -37.89
CA VAL B 182 -3.94 1.38 -36.77
C VAL B 182 -4.87 1.88 -35.67
N TYR B 183 -5.62 0.98 -35.06
CA TYR B 183 -6.49 1.40 -33.96
C TYR B 183 -5.55 1.63 -32.82
N THR B 184 -5.37 2.90 -32.47
CA THR B 184 -4.45 3.27 -31.40
C THR B 184 -4.51 2.30 -30.22
N ASN B 185 -3.43 1.52 -30.10
CA ASN B 185 -3.27 0.46 -29.10
C ASN B 185 -3.19 0.78 -27.62
N GLU B 186 -4.08 1.62 -27.11
CA GLU B 186 -4.06 1.89 -25.68
C GLU B 186 -5.39 1.49 -25.06
N ALA B 187 -5.31 0.98 -23.82
CA ALA B 187 -6.48 0.48 -23.10
C ALA B 187 -7.23 1.52 -22.27
N PHE B 188 -8.53 1.61 -22.49
CA PHE B 188 -9.35 2.59 -21.78
C PHE B 188 -10.40 2.00 -20.87
N HIS B 189 -11.06 0.95 -21.33
CA HIS B 189 -12.10 0.32 -20.54
C HIS B 189 -12.54 -0.96 -21.23
N PRO B 190 -12.93 -1.96 -20.47
CA PRO B 190 -13.33 -3.13 -21.22
C PRO B 190 -14.61 -2.89 -21.97
N ASP B 191 -14.75 -3.53 -23.12
CA ASP B 191 -16.00 -3.44 -23.87
C ASP B 191 -16.08 -4.70 -24.67
N ILE B 192 -17.24 -4.96 -25.25
CA ILE B 192 -17.39 -6.17 -26.00
C ILE B 192 -17.81 -5.83 -27.40
N ILE B 193 -17.11 -6.44 -28.36
CA ILE B 193 -17.37 -6.20 -29.78
C ILE B 193 -18.16 -7.32 -30.40
N LEU B 194 -19.09 -6.95 -31.27
CA LEU B 194 -19.91 -7.96 -31.90
C LEU B 194 -20.01 -7.84 -33.40
N LEU B 195 -20.25 -8.99 -34.03
CA LEU B 195 -20.43 -9.05 -35.48
C LEU B 195 -21.92 -9.17 -35.73
N PRO B 196 -22.35 -8.92 -36.96
CA PRO B 196 -23.79 -9.03 -37.19
C PRO B 196 -24.30 -10.34 -36.66
N GLY B 197 -25.57 -10.35 -36.30
CA GLY B 197 -26.18 -11.58 -35.83
C GLY B 197 -25.79 -12.21 -34.50
N CYS B 198 -24.65 -11.88 -33.91
CA CYS B 198 -24.34 -12.51 -32.63
C CYS B 198 -24.42 -11.56 -31.40
N GLY B 199 -23.89 -11.98 -30.26
CA GLY B 199 -23.93 -11.16 -29.07
C GLY B 199 -23.69 -11.96 -27.79
N VAL B 200 -23.72 -11.31 -26.62
CA VAL B 200 -23.50 -12.02 -25.36
C VAL B 200 -24.60 -11.86 -24.33
N ASP B 201 -24.64 -12.78 -23.38
CA ASP B 201 -25.65 -12.79 -22.32
C ASP B 201 -25.00 -13.10 -20.97
N PHE B 202 -25.28 -12.28 -19.94
CA PHE B 202 -24.69 -12.52 -18.64
C PHE B 202 -25.71 -12.87 -17.58
N THR B 203 -26.96 -12.95 -17.99
CA THR B 203 -28.06 -13.27 -17.09
C THR B 203 -27.67 -14.13 -15.90
N HIS B 204 -26.78 -15.07 -16.09
CA HIS B 204 -26.36 -15.91 -14.97
C HIS B 204 -24.86 -15.81 -14.77
N SER B 205 -24.36 -14.59 -14.58
CA SER B 205 -22.94 -14.44 -14.37
C SER B 205 -22.55 -13.08 -13.84
N ARG B 206 -21.60 -13.08 -12.91
CA ARG B 206 -21.14 -11.84 -12.33
C ARG B 206 -20.00 -11.24 -13.13
N LEU B 207 -19.49 -11.99 -14.11
CA LEU B 207 -18.40 -11.48 -14.93
C LEU B 207 -18.80 -10.14 -15.51
N SER B 208 -20.08 -9.95 -15.72
CA SER B 208 -20.56 -8.69 -16.23
C SER B 208 -19.89 -7.59 -15.40
N ASN B 209 -20.07 -7.69 -14.09
CA ASN B 209 -19.50 -6.73 -13.18
C ASN B 209 -17.99 -6.60 -13.32
N LEU B 210 -17.34 -7.62 -13.87
CA LEU B 210 -15.89 -7.56 -14.05
C LEU B 210 -15.55 -6.67 -15.21
N LEU B 211 -16.36 -6.74 -16.26
CA LEU B 211 -16.15 -5.91 -17.44
C LEU B 211 -16.47 -4.47 -17.10
N GLY B 212 -17.30 -4.27 -16.08
CA GLY B 212 -17.65 -2.93 -15.70
C GLY B 212 -18.78 -2.39 -16.55
N ILE B 213 -19.75 -3.26 -16.82
CA ILE B 213 -20.92 -2.89 -17.59
C ILE B 213 -22.15 -3.35 -16.82
N ARG B 214 -22.97 -2.43 -16.33
CA ARG B 214 -24.15 -2.81 -15.57
C ARG B 214 -25.45 -2.22 -16.11
N LYS B 215 -26.58 -2.82 -15.75
CA LYS B 215 -27.87 -2.31 -16.19
C LYS B 215 -28.23 -1.13 -15.32
N ARG B 216 -28.86 -0.11 -15.92
CA ARG B 216 -29.23 1.04 -15.14
C ARG B 216 -30.46 0.69 -14.31
N GLN B 217 -30.97 -0.53 -14.49
CA GLN B 217 -32.13 -1.01 -13.74
C GLN B 217 -31.94 -2.46 -13.37
N PRO B 218 -30.98 -2.72 -12.50
CA PRO B 218 -30.51 -3.97 -11.93
C PRO B 218 -31.52 -5.07 -11.70
N PHE B 219 -32.57 -4.78 -10.94
CA PHE B 219 -33.54 -5.80 -10.61
C PHE B 219 -34.31 -6.47 -11.72
N GLN B 220 -34.25 -5.95 -12.94
CA GLN B 220 -34.95 -6.58 -14.06
C GLN B 220 -34.11 -7.73 -14.59
N GLU B 221 -34.08 -8.84 -13.88
CA GLU B 221 -33.29 -10.00 -14.29
C GLU B 221 -33.30 -10.20 -15.79
N GLY B 222 -32.12 -10.11 -16.42
CA GLY B 222 -32.06 -10.30 -17.85
C GLY B 222 -31.03 -9.47 -18.60
N PHE B 223 -29.76 -9.80 -18.41
CA PHE B 223 -28.70 -9.06 -19.09
C PHE B 223 -28.32 -9.69 -20.42
N ARG B 224 -28.91 -9.17 -21.51
CA ARG B 224 -28.63 -9.65 -22.86
C ARG B 224 -28.22 -8.47 -23.72
N ILE B 225 -27.03 -8.51 -24.27
CA ILE B 225 -26.59 -7.40 -25.08
C ILE B 225 -26.30 -7.89 -26.54
N THR B 226 -27.29 -7.71 -27.41
CA THR B 226 -27.25 -8.12 -28.83
C THR B 226 -26.46 -7.18 -29.71
N TYR B 227 -26.10 -7.67 -30.89
CA TYR B 227 -25.39 -6.87 -31.87
C TYR B 227 -26.33 -5.72 -32.18
N ASP B 228 -27.58 -6.09 -32.43
CA ASP B 228 -28.61 -5.12 -32.75
C ASP B 228 -28.67 -3.94 -31.78
N ASP B 229 -28.37 -4.20 -30.51
CA ASP B 229 -28.41 -3.14 -29.49
C ASP B 229 -27.33 -2.11 -29.67
N LEU B 230 -26.12 -2.57 -29.99
CA LEU B 230 -25.03 -1.67 -30.18
C LEU B 230 -25.25 -0.81 -31.42
N GLU B 231 -26.37 -0.10 -31.47
CA GLU B 231 -26.65 0.73 -32.63
C GLU B 231 -25.51 1.73 -32.75
N GLY B 232 -25.66 2.71 -33.64
CA GLY B 232 -24.62 3.70 -33.85
C GLY B 232 -23.30 3.44 -33.15
N GLY B 233 -22.23 3.21 -33.88
CA GLY B 233 -20.97 2.96 -33.21
C GLY B 233 -20.37 1.64 -33.63
N ASN B 234 -20.12 1.53 -34.92
CA ASN B 234 -19.52 0.35 -35.46
C ASN B 234 -18.11 0.84 -35.61
N ILE B 235 -17.13 0.03 -35.25
CA ILE B 235 -15.75 0.41 -35.39
C ILE B 235 -15.47 0.94 -36.79
N PRO B 236 -15.00 2.19 -36.90
CA PRO B 236 -14.69 2.79 -38.19
C PRO B 236 -13.57 1.96 -38.80
N ALA B 237 -13.20 2.24 -40.05
CA ALA B 237 -12.15 1.49 -40.72
C ALA B 237 -10.82 2.22 -40.75
N LEU B 238 -9.78 1.47 -41.12
CA LEU B 238 -8.44 2.01 -41.18
C LEU B 238 -8.04 2.62 -42.51
N LEU B 239 -7.28 3.71 -42.46
CA LEU B 239 -6.82 4.35 -43.68
C LEU B 239 -5.79 3.43 -44.34
N ASP B 240 -5.75 3.40 -45.66
CA ASP B 240 -4.75 2.55 -46.30
C ASP B 240 -3.47 3.35 -46.27
N VAL B 241 -2.89 3.45 -45.08
CA VAL B 241 -1.66 4.20 -44.87
C VAL B 241 -0.66 4.02 -46.03
N ASP B 242 -0.46 2.77 -46.46
CA ASP B 242 0.48 2.51 -47.55
C ASP B 242 0.10 3.24 -48.84
N ALA B 243 -1.10 2.95 -49.35
CA ALA B 243 -1.58 3.58 -50.57
C ALA B 243 -1.41 5.11 -50.49
N TYR B 244 -2.13 5.73 -49.57
CA TYR B 244 -2.07 7.18 -49.38
C TYR B 244 -0.65 7.74 -49.54
N GLN B 245 0.27 7.29 -48.69
CA GLN B 245 1.66 7.76 -48.73
C GLN B 245 2.37 7.55 -50.07
N ALA B 246 2.47 6.28 -50.49
CA ALA B 246 3.12 5.95 -51.76
C ALA B 246 2.52 6.83 -52.86
N SER B 247 1.20 7.03 -52.81
CA SER B 247 0.50 7.82 -53.79
C SER B 247 0.85 9.31 -53.84
N LEU B 248 1.67 9.78 -52.92
CA LEU B 248 2.03 11.19 -52.98
C LEU B 248 3.34 11.43 -53.74
N LYS B 327 -5.62 14.79 -56.53
CA LYS B 327 -6.12 13.60 -55.85
C LYS B 327 -5.16 13.09 -54.78
N LYS B 328 -5.64 12.08 -54.05
CA LYS B 328 -4.93 11.39 -52.99
C LYS B 328 -5.83 10.17 -52.77
N PRO B 329 -5.24 8.95 -52.64
CA PRO B 329 -6.03 7.72 -52.43
C PRO B 329 -6.99 7.80 -51.27
N VAL B 330 -6.46 8.14 -50.10
CA VAL B 330 -7.21 8.25 -48.84
C VAL B 330 -8.49 7.44 -48.75
N ILE B 331 -9.55 7.84 -49.46
CA ILE B 331 -10.83 7.12 -49.42
C ILE B 331 -10.58 5.61 -49.23
N LYS B 332 -9.39 5.14 -49.60
CA LYS B 332 -9.04 3.72 -49.46
C LYS B 332 -8.98 3.25 -48.01
N PRO B 333 -9.99 2.47 -47.61
CA PRO B 333 -10.11 1.91 -46.28
C PRO B 333 -9.63 0.47 -46.27
N LEU B 334 -8.39 0.28 -45.80
CA LEU B 334 -7.77 -1.04 -45.70
C LEU B 334 -8.80 -2.19 -45.52
N THR B 335 -9.01 -3.00 -46.55
CA THR B 335 -9.99 -4.10 -46.51
C THR B 335 -9.56 -5.41 -45.86
N GLU B 336 -8.27 -5.64 -45.76
CA GLU B 336 -7.80 -6.87 -45.16
C GLU B 336 -6.63 -6.58 -44.23
N ASP B 337 -5.56 -7.34 -44.44
CA ASP B 337 -4.34 -7.22 -43.64
C ASP B 337 -3.41 -8.34 -44.09
N SER B 338 -2.27 -8.47 -43.42
CA SER B 338 -1.36 -9.55 -43.77
C SER B 338 -2.25 -10.79 -43.67
N LYS B 339 -1.71 -11.94 -44.06
CA LYS B 339 -2.51 -13.17 -43.98
C LYS B 339 -3.99 -13.02 -44.41
N LYS B 340 -4.23 -11.97 -45.19
CA LYS B 340 -5.55 -11.64 -45.75
C LYS B 340 -6.85 -12.07 -45.06
N ARG B 341 -7.27 -11.28 -44.06
CA ARG B 341 -8.51 -11.51 -43.32
C ARG B 341 -9.36 -10.29 -43.67
N SER B 342 -10.65 -10.49 -43.92
CA SER B 342 -11.49 -9.33 -44.28
C SER B 342 -11.99 -8.60 -43.04
N TYR B 343 -12.02 -7.28 -43.12
CA TYR B 343 -12.53 -6.49 -42.00
C TYR B 343 -14.01 -6.27 -42.20
N ASN B 344 -14.69 -7.28 -42.73
CA ASN B 344 -16.13 -7.20 -42.95
C ASN B 344 -16.67 -5.76 -43.09
N LEU B 345 -16.32 -5.04 -44.16
CA LEU B 345 -16.85 -3.68 -44.34
C LEU B 345 -18.27 -3.76 -44.87
N ILE B 346 -19.16 -2.95 -44.33
CA ILE B 346 -20.57 -3.03 -44.75
C ILE B 346 -20.80 -3.04 -46.28
N SER B 347 -20.08 -2.18 -47.00
CA SER B 347 -20.22 -2.11 -48.45
C SER B 347 -18.92 -1.58 -49.04
N ASN B 348 -18.77 -1.76 -50.35
CA ASN B 348 -17.56 -1.32 -51.07
C ASN B 348 -17.32 0.19 -50.91
N ASP B 349 -18.31 0.89 -50.37
CA ASP B 349 -18.24 2.34 -50.18
C ASP B 349 -17.90 2.78 -48.76
N SER B 350 -18.85 2.57 -47.84
CA SER B 350 -18.71 2.96 -46.43
C SER B 350 -17.35 2.78 -45.78
N THR B 351 -17.04 3.74 -44.91
CA THR B 351 -15.80 3.77 -44.17
C THR B 351 -15.93 2.95 -42.89
N PHE B 352 -17.17 2.60 -42.55
CA PHE B 352 -17.46 1.83 -41.34
C PHE B 352 -17.38 0.33 -41.59
N THR B 353 -17.03 -0.42 -40.54
CA THR B 353 -16.97 -1.88 -40.63
C THR B 353 -18.20 -2.45 -39.94
N GLN B 354 -18.48 -3.73 -40.15
CA GLN B 354 -19.64 -4.36 -39.54
C GLN B 354 -19.42 -4.66 -38.05
N TYR B 355 -18.20 -4.43 -37.58
CA TYR B 355 -17.86 -4.66 -36.18
C TYR B 355 -18.44 -3.57 -35.28
N ARG B 356 -19.33 -3.95 -34.36
CA ARG B 356 -19.93 -3.00 -33.42
C ARG B 356 -19.29 -3.11 -32.02
N SER B 357 -18.94 -1.95 -31.45
CA SER B 357 -18.32 -1.88 -30.12
C SER B 357 -19.22 -1.28 -29.07
N TRP B 358 -19.29 -1.92 -27.92
CA TRP B 358 -20.12 -1.39 -26.87
C TRP B 358 -19.62 0.00 -26.50
N TYR B 359 -18.38 0.05 -26.01
CA TYR B 359 -17.79 1.31 -25.60
C TYR B 359 -18.12 2.46 -26.52
N LEU B 360 -18.26 2.20 -27.81
CA LEU B 360 -18.57 3.28 -28.73
C LEU B 360 -20.00 3.72 -28.57
N ALA B 361 -20.90 2.76 -28.65
CA ALA B 361 -22.32 3.06 -28.51
C ALA B 361 -22.61 3.86 -27.25
N TYR B 362 -21.91 3.54 -26.18
CA TYR B 362 -22.14 4.24 -24.93
C TYR B 362 -21.89 5.73 -25.02
N ASN B 363 -20.68 6.14 -25.35
CA ASN B 363 -20.40 7.57 -25.43
C ASN B 363 -20.34 8.19 -26.82
N TYR B 364 -20.46 7.37 -27.86
CA TYR B 364 -20.43 7.93 -29.21
C TYR B 364 -21.77 7.80 -29.95
N GLY B 365 -22.70 7.06 -29.37
CA GLY B 365 -24.00 6.89 -30.00
C GLY B 365 -25.11 7.73 -29.38
N ASP B 366 -26.28 7.68 -30.00
CA ASP B 366 -27.44 8.44 -29.52
C ASP B 366 -27.64 8.25 -28.02
N PRO B 367 -27.41 9.30 -27.22
CA PRO B 367 -27.58 9.19 -25.77
C PRO B 367 -29.00 8.88 -25.33
N GLN B 368 -29.98 9.34 -26.09
CA GLN B 368 -31.38 9.11 -25.73
C GLN B 368 -31.93 7.72 -26.08
N THR B 369 -31.45 7.09 -27.15
CA THR B 369 -31.95 5.77 -27.56
C THR B 369 -30.90 4.68 -27.63
N GLY B 370 -29.62 5.08 -27.66
CA GLY B 370 -28.54 4.11 -27.76
C GLY B 370 -28.45 3.17 -26.59
N ILE B 371 -27.25 2.66 -26.34
CA ILE B 371 -27.11 1.76 -25.22
C ILE B 371 -26.90 2.56 -23.94
N ARG B 372 -26.33 3.75 -24.05
CA ARG B 372 -26.11 4.56 -22.85
C ARG B 372 -27.43 4.80 -22.13
N SER B 373 -28.52 4.47 -22.80
CA SER B 373 -29.84 4.68 -22.23
C SER B 373 -30.19 3.68 -21.14
N TRP B 374 -29.71 2.46 -21.27
CA TRP B 374 -30.05 1.44 -20.30
C TRP B 374 -28.91 0.61 -19.72
N THR B 375 -27.68 1.08 -19.87
CA THR B 375 -26.56 0.35 -19.30
C THR B 375 -25.65 1.42 -18.73
N LEU B 376 -24.78 1.06 -17.80
CA LEU B 376 -23.92 2.06 -17.20
C LEU B 376 -22.44 1.71 -17.26
N LEU B 377 -21.63 2.68 -17.66
CA LEU B 377 -20.19 2.47 -17.72
C LEU B 377 -19.62 2.59 -16.33
N CYS B 378 -19.09 1.49 -15.79
CA CYS B 378 -18.56 1.51 -14.44
C CYS B 378 -17.17 0.99 -14.26
N THR B 379 -16.62 1.31 -13.10
CA THR B 379 -15.31 0.87 -12.74
C THR B 379 -15.36 -0.63 -12.68
N PRO B 380 -14.35 -1.28 -13.22
CA PRO B 380 -14.25 -2.73 -13.25
C PRO B 380 -14.56 -3.50 -11.96
N ASP B 381 -13.56 -3.67 -11.09
CA ASP B 381 -13.74 -4.44 -9.85
C ASP B 381 -13.67 -5.93 -10.16
N VAL B 382 -12.57 -6.56 -9.79
CA VAL B 382 -12.42 -7.96 -10.08
C VAL B 382 -13.24 -8.87 -9.19
N THR B 383 -13.41 -8.51 -7.93
CA THR B 383 -14.17 -9.34 -6.99
C THR B 383 -15.52 -9.74 -7.58
N CYS B 384 -15.93 -9.01 -8.60
CA CYS B 384 -17.19 -9.26 -9.29
C CYS B 384 -18.39 -8.79 -8.53
N GLY B 385 -18.18 -8.25 -7.34
CA GLY B 385 -19.31 -7.77 -6.58
C GLY B 385 -19.31 -8.09 -5.11
N SER B 386 -19.08 -7.06 -4.31
CA SER B 386 -19.06 -7.21 -2.88
C SER B 386 -20.32 -7.90 -2.41
N GLU B 387 -20.22 -9.14 -1.97
CA GLU B 387 -21.39 -9.86 -1.48
C GLU B 387 -21.24 -10.03 0.02
N GLN B 388 -22.37 -10.19 0.71
CA GLN B 388 -22.32 -10.33 2.16
C GLN B 388 -22.63 -11.70 2.64
N VAL B 389 -22.19 -11.99 3.85
CA VAL B 389 -22.41 -13.27 4.47
C VAL B 389 -23.11 -13.04 5.78
N TYR B 390 -23.97 -13.95 6.17
CA TYR B 390 -24.72 -13.81 7.40
C TYR B 390 -24.29 -14.87 8.41
N TRP B 391 -24.16 -14.49 9.67
CA TRP B 391 -23.81 -15.43 10.74
C TRP B 391 -25.06 -15.90 11.44
N SER B 392 -24.93 -16.96 12.24
CA SER B 392 -26.08 -17.49 12.97
C SER B 392 -25.56 -18.42 14.05
N LEU B 393 -26.06 -18.24 15.28
CA LEU B 393 -25.62 -19.07 16.37
C LEU B 393 -26.83 -19.65 17.07
N PRO B 394 -27.75 -20.20 16.29
CA PRO B 394 -29.02 -20.82 16.63
C PRO B 394 -29.16 -21.30 18.04
N ASP B 395 -28.10 -21.88 18.57
CA ASP B 395 -28.19 -22.43 19.89
C ASP B 395 -27.71 -21.51 21.00
N MET B 396 -27.36 -20.28 20.68
CA MET B 396 -26.85 -19.38 21.68
C MET B 396 -27.44 -17.98 21.73
N MET B 397 -27.97 -17.47 20.62
CA MET B 397 -28.55 -16.14 20.66
C MET B 397 -30.05 -16.27 20.48
N GLN B 398 -30.78 -15.26 20.93
CA GLN B 398 -32.22 -15.32 20.77
C GLN B 398 -32.46 -14.95 19.33
N ASP B 399 -33.56 -15.43 18.79
CA ASP B 399 -33.84 -15.18 17.40
C ASP B 399 -34.39 -13.79 17.14
N PRO B 400 -33.59 -12.95 16.49
CA PRO B 400 -33.84 -11.57 16.09
C PRO B 400 -35.23 -11.26 15.57
N VAL B 401 -35.82 -10.25 16.19
CA VAL B 401 -37.17 -9.79 15.87
C VAL B 401 -38.07 -10.73 15.14
N THR B 402 -37.94 -10.76 13.83
CA THR B 402 -38.86 -11.56 13.06
C THR B 402 -38.48 -12.90 12.53
N PHE B 403 -37.28 -13.38 12.84
CA PHE B 403 -36.92 -14.69 12.33
C PHE B 403 -37.61 -15.68 13.21
N ARG B 404 -37.91 -16.84 12.65
CA ARG B 404 -38.53 -17.85 13.46
C ARG B 404 -37.48 -18.93 13.56
N SER B 405 -37.46 -19.62 14.70
CA SER B 405 -36.49 -20.67 14.93
C SER B 405 -36.83 -21.91 14.16
N THR B 406 -35.82 -22.49 13.54
CA THR B 406 -36.02 -23.70 12.79
C THR B 406 -34.77 -24.55 12.89
N SER B 407 -34.73 -25.63 12.12
CA SER B 407 -33.60 -26.53 12.14
C SER B 407 -33.08 -26.73 10.73
N GLN B 408 -33.57 -25.91 9.82
CA GLN B 408 -33.17 -25.97 8.43
C GLN B 408 -31.96 -25.06 8.21
N ILE B 409 -30.76 -25.63 8.30
CA ILE B 409 -29.50 -24.89 8.09
C ILE B 409 -29.58 -23.69 7.18
N SER B 410 -30.42 -23.75 6.16
CA SER B 410 -30.52 -22.64 5.24
C SER B 410 -31.63 -21.64 5.59
N ASN B 411 -31.94 -21.51 6.88
CA ASN B 411 -32.96 -20.57 7.29
C ASN B 411 -32.77 -20.16 8.75
N PHE B 412 -31.67 -20.62 9.34
CA PHE B 412 -31.36 -20.26 10.70
C PHE B 412 -31.54 -18.77 10.86
N PRO B 413 -31.76 -18.33 12.09
CA PRO B 413 -31.91 -16.90 12.29
C PRO B 413 -30.54 -16.26 12.08
N VAL B 414 -30.53 -14.99 11.70
CA VAL B 414 -29.27 -14.30 11.48
C VAL B 414 -28.97 -13.39 12.64
N VAL B 415 -27.70 -13.25 12.99
CA VAL B 415 -27.39 -12.40 14.10
C VAL B 415 -26.36 -11.37 13.71
N GLY B 416 -25.77 -11.54 12.54
CA GLY B 416 -24.78 -10.56 12.14
C GLY B 416 -24.51 -10.66 10.66
N ALA B 417 -24.33 -9.52 10.03
CA ALA B 417 -24.07 -9.48 8.60
C ALA B 417 -22.72 -8.85 8.44
N GLU B 418 -22.02 -9.24 7.39
CA GLU B 418 -20.69 -8.72 7.18
C GLU B 418 -20.32 -8.99 5.76
N LEU B 419 -19.58 -8.06 5.18
CA LEU B 419 -19.18 -8.21 3.80
C LEU B 419 -18.19 -9.37 3.70
N LEU B 420 -18.28 -10.15 2.62
CA LEU B 420 -17.39 -11.29 2.41
C LEU B 420 -15.97 -10.79 2.09
N PRO B 421 -15.01 -11.02 3.00
CA PRO B 421 -13.59 -10.68 3.00
C PRO B 421 -12.81 -10.69 1.71
N VAL B 422 -13.06 -9.76 0.80
CA VAL B 422 -12.31 -9.74 -0.44
C VAL B 422 -12.14 -8.30 -0.90
N HIS B 423 -10.91 -7.90 -1.21
CA HIS B 423 -10.65 -6.53 -1.65
C HIS B 423 -10.03 -6.44 -3.04
N SER B 424 -10.03 -5.22 -3.60
CA SER B 424 -9.44 -5.01 -4.91
C SER B 424 -8.13 -4.28 -4.76
N LYS B 425 -7.01 -5.00 -4.77
CA LYS B 425 -5.72 -4.34 -4.66
C LYS B 425 -5.40 -3.83 -6.06
N SER B 426 -4.87 -2.63 -6.14
CA SER B 426 -4.55 -2.07 -7.43
C SER B 426 -3.07 -1.85 -7.62
N PHE B 427 -2.56 -2.19 -8.79
CA PHE B 427 -1.14 -2.02 -9.08
C PHE B 427 -0.87 -1.23 -10.33
N TYR B 428 0.40 -0.95 -10.56
CA TYR B 428 0.82 -0.21 -11.72
C TYR B 428 1.81 -1.02 -12.52
N ASN B 429 1.50 -1.23 -13.80
CA ASN B 429 2.38 -1.99 -14.66
C ASN B 429 2.52 -1.26 -15.97
N ASP B 430 3.29 -0.16 -15.99
CA ASP B 430 3.46 0.58 -17.24
C ASP B 430 4.06 -0.41 -18.20
N GLN B 431 4.42 -1.55 -17.62
CA GLN B 431 4.97 -2.66 -18.31
C GLN B 431 3.92 -3.29 -19.20
N ALA B 432 2.67 -2.87 -19.06
CA ALA B 432 1.55 -3.37 -19.86
C ALA B 432 1.71 -2.83 -21.27
N VAL B 433 1.49 -3.72 -22.24
CA VAL B 433 1.61 -3.40 -23.66
C VAL B 433 3.05 -3.08 -24.04
N TYR B 434 3.95 -3.05 -23.06
CA TYR B 434 5.34 -2.86 -23.46
C TYR B 434 5.68 -4.32 -23.07
N SER B 435 4.87 -4.85 -22.15
CA SER B 435 4.94 -6.19 -21.62
C SER B 435 4.13 -7.08 -22.55
N GLN B 436 2.91 -6.73 -22.97
CA GLN B 436 2.18 -7.62 -23.90
C GLN B 436 3.17 -7.94 -25.02
N LEU B 437 3.89 -6.90 -25.44
CA LEU B 437 4.91 -6.94 -26.49
C LEU B 437 6.00 -7.92 -26.04
N ILE B 438 6.44 -7.81 -24.78
CA ILE B 438 7.47 -8.69 -24.25
C ILE B 438 6.83 -9.93 -23.62
N ARG B 439 5.64 -9.78 -23.08
CA ARG B 439 4.95 -10.90 -22.47
C ARG B 439 4.82 -12.04 -23.48
N GLN B 440 4.53 -11.70 -24.74
CA GLN B 440 4.38 -12.71 -25.80
C GLN B 440 5.62 -13.58 -26.05
N PHE B 441 6.80 -12.99 -25.84
CA PHE B 441 8.06 -13.72 -26.01
C PHE B 441 8.35 -14.48 -24.71
N THR B 442 7.95 -13.87 -23.58
CA THR B 442 8.11 -14.42 -22.23
C THR B 442 7.32 -15.74 -22.15
N SER B 443 6.06 -15.70 -22.60
CA SER B 443 5.19 -16.86 -22.69
C SER B 443 5.62 -17.44 -24.04
N LEU B 444 6.10 -18.69 -24.05
CA LEU B 444 6.59 -19.24 -25.31
C LEU B 444 5.55 -19.36 -26.45
N THR B 445 4.32 -18.89 -26.19
CA THR B 445 3.23 -18.94 -27.18
C THR B 445 2.32 -17.69 -27.32
N HIS B 446 1.83 -17.50 -28.54
CA HIS B 446 0.92 -16.40 -28.84
C HIS B 446 -0.49 -16.97 -28.69
N VAL B 447 -0.68 -17.78 -27.64
CA VAL B 447 -1.98 -18.42 -27.39
C VAL B 447 -3.13 -17.47 -27.33
N PHE B 448 -2.90 -16.31 -26.72
CA PHE B 448 -3.97 -15.35 -26.62
C PHE B 448 -4.01 -14.42 -27.81
N ASN B 449 -2.86 -14.25 -28.46
CA ASN B 449 -2.81 -13.35 -29.59
C ASN B 449 -2.89 -13.96 -30.97
N ARG B 450 -3.32 -15.21 -31.05
CA ARG B 450 -3.45 -15.90 -32.32
C ARG B 450 -3.57 -15.10 -33.63
N PHE B 451 -4.14 -13.90 -33.60
CA PHE B 451 -4.32 -13.13 -34.82
C PHE B 451 -3.57 -11.80 -34.80
N PRO B 452 -2.27 -11.83 -34.48
CA PRO B 452 -1.42 -10.65 -34.39
C PRO B 452 -1.37 -9.68 -35.55
N GLU B 453 -2.32 -9.76 -36.46
CA GLU B 453 -2.29 -8.84 -37.58
C GLU B 453 -3.60 -8.09 -37.60
N ASN B 454 -4.67 -8.85 -37.56
CA ASN B 454 -6.00 -8.28 -37.58
C ASN B 454 -6.13 -7.24 -36.47
N GLN B 455 -6.32 -5.98 -36.84
CA GLN B 455 -6.43 -4.91 -35.87
C GLN B 455 -7.56 -5.11 -34.87
N ILE B 456 -8.54 -5.94 -35.22
CA ILE B 456 -9.63 -6.20 -34.30
C ILE B 456 -9.24 -7.41 -33.46
N LEU B 457 -9.43 -8.60 -33.99
CA LEU B 457 -9.10 -9.84 -33.28
C LEU B 457 -7.75 -9.87 -32.55
N ALA B 458 -6.98 -8.79 -32.66
CA ALA B 458 -5.69 -8.72 -31.99
C ALA B 458 -5.90 -8.91 -30.49
N ARG B 459 -4.82 -8.97 -29.73
CA ARG B 459 -4.94 -9.13 -28.28
C ARG B 459 -5.08 -7.77 -27.62
N PRO B 460 -6.21 -7.54 -26.94
CA PRO B 460 -6.45 -6.26 -26.27
C PRO B 460 -5.25 -5.82 -25.48
N PRO B 461 -5.05 -4.51 -25.41
CA PRO B 461 -3.93 -3.93 -24.68
C PRO B 461 -4.13 -4.18 -23.21
N ALA B 462 -3.03 -4.39 -22.50
CA ALA B 462 -3.12 -4.58 -21.06
C ALA B 462 -3.25 -3.15 -20.52
N PRO B 463 -4.19 -2.92 -19.60
CA PRO B 463 -4.35 -1.56 -19.07
C PRO B 463 -3.37 -1.32 -17.95
N THR B 464 -2.89 -0.08 -17.82
CA THR B 464 -2.00 0.24 -16.72
C THR B 464 -2.96 0.16 -15.55
N ILE B 465 -2.51 -0.35 -14.41
CA ILE B 465 -3.39 -0.46 -13.25
C ILE B 465 -4.28 -1.70 -13.33
N THR B 466 -3.70 -2.83 -12.97
CA THR B 466 -4.46 -4.07 -12.98
C THR B 466 -5.03 -4.21 -11.58
N THR B 467 -6.10 -4.97 -11.47
CA THR B 467 -6.74 -5.17 -10.19
C THR B 467 -6.66 -6.66 -9.91
N VAL B 468 -6.67 -7.04 -8.64
CA VAL B 468 -6.60 -8.45 -8.30
C VAL B 468 -7.35 -8.71 -7.03
N SER B 469 -8.29 -9.64 -7.04
CA SER B 469 -9.03 -9.92 -5.82
C SER B 469 -8.02 -10.47 -4.85
N GLU B 470 -8.10 -10.01 -3.61
CA GLU B 470 -7.16 -10.43 -2.59
C GLU B 470 -7.95 -10.75 -1.34
N ASN B 471 -7.69 -11.92 -0.75
CA ASN B 471 -8.38 -12.32 0.47
C ASN B 471 -7.75 -11.69 1.70
N VAL B 472 -8.56 -11.26 2.65
CA VAL B 472 -8.02 -10.64 3.84
C VAL B 472 -8.82 -10.99 5.09
N PRO B 473 -8.14 -11.29 6.21
CA PRO B 473 -8.85 -11.63 7.43
C PRO B 473 -9.65 -10.41 7.82
N ALA B 474 -10.85 -10.64 8.35
CA ALA B 474 -11.71 -9.54 8.74
C ALA B 474 -12.08 -9.59 10.21
N LEU B 475 -11.50 -8.67 10.96
CA LEU B 475 -11.76 -8.55 12.39
C LEU B 475 -12.97 -7.66 12.51
N THR B 476 -14.12 -8.26 12.34
CA THR B 476 -15.38 -7.53 12.40
C THR B 476 -15.91 -7.46 13.84
N ASP B 477 -16.98 -6.71 14.05
CA ASP B 477 -17.56 -6.57 15.37
C ASP B 477 -19.05 -6.30 15.32
N HIS B 478 -19.84 -7.28 15.74
CA HIS B 478 -21.29 -7.14 15.73
C HIS B 478 -21.64 -6.58 17.05
N GLY B 479 -22.89 -6.19 17.24
CA GLY B 479 -23.22 -5.61 18.53
C GLY B 479 -23.56 -6.59 19.61
N THR B 480 -24.04 -6.09 20.74
CA THR B 480 -24.46 -6.97 21.81
C THR B 480 -25.76 -7.59 21.31
N LEU B 481 -25.93 -8.89 21.49
CA LEU B 481 -27.14 -9.57 21.05
C LEU B 481 -27.71 -10.32 22.21
N PRO B 482 -29.03 -10.50 22.24
CA PRO B 482 -29.63 -11.21 23.37
C PRO B 482 -29.16 -12.67 23.42
N LEU B 483 -29.04 -13.22 24.62
CA LEU B 483 -28.61 -14.61 24.79
C LEU B 483 -29.68 -15.45 25.46
N ARG B 484 -29.54 -16.76 25.41
CA ARG B 484 -30.50 -17.61 26.08
C ARG B 484 -29.90 -17.76 27.47
N ASN B 485 -30.73 -17.90 28.49
CA ASN B 485 -30.15 -17.99 29.82
C ASN B 485 -29.56 -19.35 30.12
N SER B 486 -29.54 -20.23 29.13
CA SER B 486 -29.00 -21.56 29.33
C SER B 486 -28.30 -21.93 28.06
N ILE B 487 -27.00 -21.75 28.06
CA ILE B 487 -26.21 -22.05 26.90
C ILE B 487 -25.73 -23.49 26.83
N GLY B 488 -26.15 -24.16 25.76
CA GLY B 488 -25.80 -25.56 25.57
C GLY B 488 -24.32 -25.83 25.46
N GLY B 489 -23.93 -27.04 25.84
CA GLY B 489 -22.53 -27.40 25.79
C GLY B 489 -22.00 -27.31 24.37
N VAL B 490 -22.80 -27.69 23.39
CA VAL B 490 -22.32 -27.63 22.02
C VAL B 490 -23.14 -26.64 21.27
N GLN B 491 -22.46 -25.67 20.68
CA GLN B 491 -23.11 -24.65 19.92
C GLN B 491 -22.86 -24.91 18.48
N ARG B 492 -23.77 -24.47 17.63
CA ARG B 492 -23.60 -24.66 16.21
C ARG B 492 -23.34 -23.30 15.58
N VAL B 493 -22.25 -23.19 14.84
CA VAL B 493 -21.88 -21.95 14.17
C VAL B 493 -22.16 -22.09 12.69
N THR B 494 -22.65 -21.03 12.05
CA THR B 494 -22.98 -21.11 10.63
C THR B 494 -22.91 -19.83 9.84
N ILE B 495 -22.00 -19.81 8.87
CA ILE B 495 -21.85 -18.65 8.02
C ILE B 495 -22.50 -18.96 6.70
N THR B 496 -23.44 -18.12 6.30
CA THR B 496 -24.18 -18.32 5.06
C THR B 496 -23.91 -17.18 4.10
N ASP B 497 -24.34 -17.33 2.86
CA ASP B 497 -24.13 -16.28 1.89
C ASP B 497 -25.45 -15.68 1.46
N ALA B 498 -25.37 -14.70 0.58
CA ALA B 498 -26.55 -14.01 0.11
C ALA B 498 -27.74 -14.93 -0.18
N ARG B 499 -27.50 -16.04 -0.87
CA ARG B 499 -28.57 -16.96 -1.24
C ARG B 499 -28.84 -17.99 -0.16
N ARG B 500 -28.12 -17.89 0.93
CA ARG B 500 -28.30 -18.81 2.04
C ARG B 500 -27.82 -20.20 1.76
N ARG B 501 -26.51 -20.38 1.89
CA ARG B 501 -25.88 -21.67 1.68
C ARG B 501 -24.47 -21.54 2.19
N THR B 502 -23.97 -22.59 2.84
CA THR B 502 -22.62 -22.53 3.36
C THR B 502 -21.71 -22.02 2.26
N CYS B 503 -20.57 -21.47 2.67
CA CYS B 503 -19.62 -20.95 1.72
C CYS B 503 -18.32 -21.72 1.85
N PRO B 504 -18.05 -22.61 0.90
CA PRO B 504 -16.87 -23.46 0.84
C PRO B 504 -15.54 -22.79 1.06
N TYR B 505 -15.47 -21.51 0.71
CA TYR B 505 -14.19 -20.82 0.82
C TYR B 505 -13.79 -20.23 2.16
N VAL B 506 -14.34 -20.74 3.25
CA VAL B 506 -13.96 -20.22 4.55
C VAL B 506 -12.87 -21.07 5.18
N TYR B 507 -11.74 -20.45 5.52
CA TYR B 507 -10.67 -21.20 6.12
C TYR B 507 -10.70 -21.05 7.63
N LYS B 508 -11.10 -19.89 8.12
CA LYS B 508 -11.13 -19.72 9.56
C LYS B 508 -12.27 -18.84 9.99
N ALA B 509 -13.02 -19.33 10.95
CA ALA B 509 -14.13 -18.58 11.48
C ALA B 509 -14.14 -18.89 12.94
N LEU B 510 -14.31 -17.87 13.76
CA LEU B 510 -14.37 -18.08 15.20
C LEU B 510 -14.83 -16.79 15.82
N GLY B 511 -15.52 -16.91 16.94
CA GLY B 511 -15.99 -15.70 17.57
C GLY B 511 -15.87 -15.75 19.07
N ILE B 512 -15.91 -14.57 19.66
CA ILE B 512 -15.81 -14.42 21.09
C ILE B 512 -17.05 -13.72 21.60
N VAL B 513 -17.72 -14.32 22.58
CA VAL B 513 -18.92 -13.71 23.12
C VAL B 513 -18.70 -13.36 24.57
N SER B 514 -19.14 -12.16 24.93
CA SER B 514 -18.97 -11.66 26.27
C SER B 514 -20.31 -11.24 26.83
N PRO B 515 -20.99 -12.13 27.54
CA PRO B 515 -22.29 -11.83 28.12
C PRO B 515 -22.29 -10.77 29.20
N ARG B 516 -23.44 -10.13 29.39
CA ARG B 516 -23.62 -9.11 30.40
C ARG B 516 -25.08 -8.78 30.54
N VAL B 517 -25.47 -8.36 31.75
CA VAL B 517 -26.85 -8.05 32.06
C VAL B 517 -27.50 -6.94 31.27
N LEU B 518 -28.81 -7.00 31.11
CA LEU B 518 -29.52 -5.97 30.36
C LEU B 518 -30.76 -5.45 31.05
N SER B 519 -31.34 -6.24 31.95
CA SER B 519 -32.54 -5.83 32.69
C SER B 519 -33.00 -7.05 33.46
N SER B 520 -34.04 -6.93 34.27
CA SER B 520 -34.47 -8.12 34.99
C SER B 520 -35.92 -8.55 34.73
N ARG B 521 -36.26 -9.76 35.16
CA ARG B 521 -37.61 -10.28 35.00
C ARG B 521 -38.48 -10.03 36.24
N ARG C 4 -15.99 2.28 49.37
CA ARG C 4 -17.07 1.90 48.39
C ARG C 4 -16.47 1.33 47.08
N ASN C 5 -15.36 1.93 46.65
CA ASN C 5 -14.72 1.60 45.39
C ASN C 5 -13.26 2.06 45.41
N SER C 6 -12.56 1.81 46.50
CA SER C 6 -11.17 2.21 46.60
C SER C 6 -10.23 1.34 45.78
N ILE C 7 -8.95 1.58 45.93
CA ILE C 7 -7.90 0.84 45.25
C ILE C 7 -6.70 1.17 46.09
N ARG C 8 -6.35 0.28 47.00
CA ARG C 8 -5.27 0.53 47.92
C ARG C 8 -3.99 -0.20 47.62
N TYR C 9 -2.87 0.38 48.03
CA TYR C 9 -1.56 -0.22 47.85
C TYR C 9 -0.69 0.04 49.07
N SER C 10 0.02 -1.00 49.52
CA SER C 10 0.91 -0.91 50.69
C SER C 10 0.55 0.34 51.46
N GLU C 11 1.46 1.30 51.42
CA GLU C 11 1.24 2.52 52.14
C GLU C 11 1.42 3.70 51.18
N LEU C 12 0.35 3.99 50.45
CA LEU C 12 0.30 5.12 49.53
C LEU C 12 -1.12 5.60 49.60
N ALA C 13 -1.35 6.85 49.19
CA ALA C 13 -2.69 7.38 49.22
C ALA C 13 -3.63 6.44 48.47
N PRO C 14 -4.85 6.25 48.98
CA PRO C 14 -5.76 5.37 48.26
C PRO C 14 -6.21 6.06 46.99
N LEU C 15 -6.45 5.28 45.94
CA LEU C 15 -6.90 5.81 44.66
C LEU C 15 -8.30 5.33 44.45
N PHE C 16 -9.09 6.09 43.70
CA PHE C 16 -10.47 5.70 43.47
C PHE C 16 -10.94 5.62 42.05
N ASP C 17 -11.87 4.70 41.84
CA ASP C 17 -12.54 4.51 40.57
C ASP C 17 -11.83 3.81 39.45
N THR C 18 -10.53 3.99 39.35
CA THR C 18 -9.81 3.33 38.28
C THR C 18 -8.36 3.77 38.24
N THR C 19 -7.58 3.07 37.43
CA THR C 19 -6.18 3.38 37.30
C THR C 19 -5.59 2.42 36.30
N ARG C 20 -4.28 2.19 36.35
CA ARG C 20 -3.68 1.28 35.39
C ARG C 20 -2.55 0.44 35.93
N VAL C 21 -2.62 -0.85 35.67
CA VAL C 21 -1.57 -1.75 36.10
C VAL C 21 -0.92 -2.11 34.79
N TYR C 22 0.40 -2.17 34.75
CA TYR C 22 1.03 -2.50 33.48
C TYR C 22 1.77 -3.82 33.45
N LEU C 23 1.46 -4.62 32.45
CA LEU C 23 2.13 -5.90 32.29
C LEU C 23 3.16 -5.66 31.21
N VAL C 24 4.44 -5.73 31.56
CA VAL C 24 5.48 -5.50 30.58
C VAL C 24 6.75 -6.33 30.82
N ASP C 25 7.31 -6.90 29.76
CA ASP C 25 8.53 -7.73 29.85
C ASP C 25 9.85 -6.99 30.06
N ASN C 26 10.06 -5.94 29.28
CA ASN C 26 11.24 -5.09 29.30
C ASN C 26 11.92 -4.72 30.62
N LYS C 27 11.15 -4.30 31.63
CA LYS C 27 11.70 -3.89 32.93
C LYS C 27 13.12 -4.44 33.18
N SER C 28 14.07 -3.56 33.48
CA SER C 28 15.45 -3.99 33.67
C SER C 28 15.68 -4.95 34.85
N THR C 29 15.03 -4.66 35.98
CA THR C 29 15.17 -5.45 37.19
C THR C 29 14.75 -6.92 37.12
N ASP C 30 13.49 -7.12 36.78
CA ASP C 30 12.88 -8.45 36.68
C ASP C 30 13.53 -9.39 35.65
N VAL C 31 13.93 -8.83 34.51
CA VAL C 31 14.59 -9.61 33.47
C VAL C 31 15.80 -10.26 34.10
N ALA C 32 16.58 -9.46 34.80
CA ALA C 32 17.78 -9.92 35.48
C ALA C 32 17.41 -11.13 36.35
N SER C 33 16.60 -10.87 37.38
CA SER C 33 16.18 -11.92 38.30
C SER C 33 15.17 -12.90 37.70
N LEU C 34 13.89 -12.59 37.90
CA LEU C 34 12.77 -13.43 37.44
C LEU C 34 12.92 -14.30 36.19
N ASN C 35 12.42 -13.82 35.05
CA ASN C 35 12.52 -14.59 33.82
C ASN C 35 13.99 -14.74 33.58
N TYR C 36 14.36 -15.72 32.78
CA TYR C 36 15.75 -15.93 32.49
C TYR C 36 15.62 -17.06 31.53
N GLN C 37 15.15 -18.16 32.06
CA GLN C 37 14.96 -19.34 31.25
C GLN C 37 13.63 -19.25 30.51
N ASN C 38 13.00 -18.08 30.56
CA ASN C 38 11.72 -17.88 29.89
C ASN C 38 11.91 -17.10 28.59
N ASP C 39 10.80 -16.77 27.92
CA ASP C 39 10.84 -16.00 26.68
C ASP C 39 9.58 -15.15 26.56
N HIS C 40 9.54 -14.25 25.58
CA HIS C 40 8.38 -13.38 25.41
C HIS C 40 7.10 -14.10 25.05
N SER C 41 6.67 -15.03 25.86
CA SER C 41 5.47 -15.75 25.54
C SER C 41 5.13 -16.54 26.76
N ASN C 42 5.98 -16.39 27.75
CA ASN C 42 5.77 -17.08 28.99
C ASN C 42 6.75 -16.44 29.91
N PHE C 43 6.34 -15.35 30.56
CA PHE C 43 7.25 -14.66 31.44
C PHE C 43 6.59 -14.11 32.66
N LEU C 44 7.41 -13.65 33.60
CA LEU C 44 6.88 -13.07 34.81
C LEU C 44 7.19 -11.61 34.72
N THR C 45 6.49 -10.81 35.50
CA THR C 45 6.74 -9.39 35.49
C THR C 45 6.14 -8.84 36.76
N THR C 46 6.73 -7.80 37.31
CA THR C 46 6.20 -7.22 38.52
C THR C 46 5.23 -6.16 38.08
N VAL C 47 4.08 -6.10 38.74
CA VAL C 47 3.12 -5.09 38.38
C VAL C 47 3.37 -3.90 39.27
N ILE C 48 4.14 -4.11 40.32
CA ILE C 48 4.46 -3.07 41.27
C ILE C 48 4.86 -1.72 40.73
N GLN C 49 5.88 -1.65 39.87
CA GLN C 49 6.27 -0.34 39.34
C GLN C 49 6.75 0.68 40.40
N ASN C 50 7.15 0.23 41.59
CA ASN C 50 7.65 1.17 42.59
C ASN C 50 9.14 0.97 42.68
N ASN C 51 9.86 2.02 42.34
CA ASN C 51 11.31 2.02 42.32
C ASN C 51 12.04 1.38 43.51
N ASP C 52 11.53 1.53 44.74
CA ASP C 52 12.20 0.89 45.89
C ASP C 52 11.77 -0.56 45.82
N TYR C 53 12.08 -1.33 46.85
CA TYR C 53 11.66 -2.73 46.86
C TYR C 53 12.26 -3.66 45.80
N SER C 54 12.97 -4.66 46.28
CA SER C 54 13.60 -5.64 45.44
C SER C 54 12.53 -6.49 44.80
N PRO C 55 12.62 -6.69 43.48
CA PRO C 55 11.57 -7.51 42.85
C PRO C 55 11.59 -8.77 43.72
N GLY C 56 10.48 -9.50 43.73
CA GLY C 56 10.44 -10.66 44.59
C GLY C 56 9.90 -10.13 45.89
N GLU C 57 10.66 -9.24 46.55
CA GLU C 57 10.14 -8.65 47.77
C GLU C 57 8.92 -7.86 47.34
N ALA C 58 8.90 -7.53 46.06
CA ALA C 58 7.78 -6.81 45.48
C ALA C 58 6.67 -7.83 45.50
N SER C 59 7.01 -9.02 45.01
CA SER C 59 6.08 -10.13 44.96
C SER C 59 5.24 -10.27 46.21
N THR C 60 5.75 -9.82 47.34
CA THR C 60 5.00 -9.91 48.56
C THR C 60 3.80 -8.97 48.54
N GLN C 61 4.05 -7.73 48.13
CA GLN C 61 3.01 -6.72 48.08
C GLN C 61 1.86 -7.08 47.17
N THR C 62 0.80 -6.29 47.24
CA THR C 62 -0.37 -6.55 46.42
C THR C 62 -1.21 -5.33 46.19
N ILE C 63 -1.82 -5.27 45.02
CA ILE C 63 -2.69 -4.18 44.68
C ILE C 63 -4.06 -4.67 45.07
N ASN C 64 -4.75 -3.97 45.95
CA ASN C 64 -6.08 -4.41 46.37
C ASN C 64 -7.21 -3.58 45.83
N LEU C 65 -8.10 -4.20 45.06
CA LEU C 65 -9.22 -3.46 44.54
C LEU C 65 -10.28 -3.64 45.61
N ASP C 66 -10.85 -2.53 46.09
CA ASP C 66 -11.86 -2.59 47.14
C ASP C 66 -12.59 -3.91 47.12
N ASP C 67 -12.72 -4.49 48.30
CA ASP C 67 -13.34 -5.76 48.47
C ASP C 67 -14.84 -5.76 48.26
N ARG C 68 -15.51 -4.70 48.68
CA ARG C 68 -16.95 -4.64 48.58
C ARG C 68 -17.54 -4.66 47.17
N SER C 69 -16.71 -4.63 46.13
CA SER C 69 -17.25 -4.63 44.77
C SER C 69 -16.56 -5.62 43.85
N HIS C 70 -17.25 -6.11 42.83
CA HIS C 70 -16.62 -7.03 41.87
C HIS C 70 -16.01 -6.16 40.80
N TRP C 71 -14.71 -6.25 40.63
CA TRP C 71 -14.06 -5.44 39.63
C TRP C 71 -13.83 -6.14 38.31
N GLY C 72 -13.48 -5.35 37.32
CA GLY C 72 -13.18 -5.87 36.01
C GLY C 72 -12.17 -4.92 35.41
N GLY C 73 -11.47 -5.33 34.35
CA GLY C 73 -10.50 -4.43 33.76
C GLY C 73 -10.45 -4.54 32.26
N ASP C 74 -10.24 -3.42 31.57
CA ASP C 74 -10.15 -3.43 30.12
C ASP C 74 -8.75 -3.91 29.84
N LEU C 75 -8.60 -4.81 28.88
CA LEU C 75 -7.27 -5.32 28.60
C LEU C 75 -6.89 -5.16 27.17
N LYS C 76 -6.10 -4.14 26.85
CA LYS C 76 -5.66 -4.01 25.47
C LYS C 76 -4.23 -4.45 25.49
N THR C 77 -3.78 -5.06 24.40
CA THR C 77 -2.42 -5.54 24.34
C THR C 77 -1.75 -5.19 23.06
N ILE C 78 -0.42 -5.27 23.10
CA ILE C 78 0.40 -4.96 21.96
C ILE C 78 1.25 -6.19 21.71
N LEU C 79 0.92 -6.92 20.65
CA LEU C 79 1.67 -8.13 20.33
C LEU C 79 2.44 -7.96 19.04
N HIS C 80 3.68 -8.43 19.02
CA HIS C 80 4.51 -8.32 17.82
C HIS C 80 5.41 -9.50 17.64
N THR C 81 5.28 -10.16 16.50
CA THR C 81 6.10 -11.32 16.24
C THR C 81 7.09 -11.10 15.12
N ASN C 82 7.49 -12.20 14.49
CA ASN C 82 8.44 -12.15 13.38
C ASN C 82 8.73 -13.59 13.03
N MET C 83 7.64 -14.31 12.81
CA MET C 83 7.73 -15.71 12.47
C MET C 83 7.87 -15.88 10.97
N PRO C 84 8.73 -16.80 10.56
CA PRO C 84 9.02 -17.13 9.18
C PRO C 84 7.96 -17.90 8.46
N ASN C 85 7.81 -17.50 7.22
CA ASN C 85 6.90 -18.10 6.28
C ASN C 85 7.02 -19.60 6.46
N VAL C 86 8.23 -20.08 6.29
CA VAL C 86 8.50 -21.48 6.37
C VAL C 86 9.37 -21.88 7.53
N ASN C 87 8.79 -22.50 8.53
CA ASN C 87 9.60 -22.95 9.63
C ASN C 87 9.13 -24.26 10.22
N GLU C 88 9.93 -24.83 11.10
CA GLU C 88 9.62 -26.11 11.68
C GLU C 88 8.47 -26.15 12.65
N PHE C 89 8.41 -25.15 13.51
CA PHE C 89 7.36 -25.12 14.53
C PHE C 89 5.96 -25.00 13.95
N MET C 90 5.81 -24.26 12.88
CA MET C 90 4.48 -24.12 12.29
C MET C 90 4.13 -25.23 11.32
N PHE C 91 5.08 -26.11 11.06
CA PHE C 91 4.84 -27.22 10.15
C PHE C 91 4.79 -26.77 8.72
N THR C 92 5.81 -26.03 8.29
CA THR C 92 5.83 -25.59 6.91
C THR C 92 7.18 -25.88 6.31
N ASN C 93 7.98 -26.68 7.00
CA ASN C 93 9.29 -27.00 6.47
C ASN C 93 9.43 -28.44 6.07
N LYS C 94 8.36 -29.23 6.18
CA LYS C 94 8.43 -30.63 5.79
C LYS C 94 7.24 -30.97 4.93
N PHE C 95 7.30 -32.13 4.27
CA PHE C 95 6.20 -32.58 3.44
C PHE C 95 6.57 -33.90 2.79
N LYS C 96 5.71 -34.89 2.96
CA LYS C 96 5.94 -36.21 2.41
C LYS C 96 5.46 -36.30 0.97
N ALA C 97 6.22 -37.03 0.17
CA ALA C 97 5.91 -37.25 -1.23
C ALA C 97 6.48 -38.61 -1.58
N ARG C 98 5.89 -39.28 -2.55
CA ARG C 98 6.39 -40.58 -2.96
C ARG C 98 7.09 -40.48 -4.29
N VAL C 99 8.36 -40.87 -4.32
CA VAL C 99 9.13 -40.79 -5.54
C VAL C 99 9.71 -42.13 -5.94
N MET C 100 10.29 -42.17 -7.13
CA MET C 100 10.89 -43.40 -7.59
C MET C 100 12.27 -43.51 -6.97
N VAL C 101 12.57 -44.69 -6.47
CA VAL C 101 13.84 -44.94 -5.85
C VAL C 101 14.79 -45.70 -6.78
N SER C 102 14.28 -46.77 -7.40
CA SER C 102 15.12 -47.57 -8.29
C SER C 102 14.46 -48.06 -9.59
N ARG C 103 15.27 -48.03 -10.64
CA ARG C 103 14.88 -48.49 -11.96
C ARG C 103 15.85 -49.62 -12.26
N SER C 104 15.35 -50.83 -12.42
CA SER C 104 16.26 -51.95 -12.68
C SER C 104 15.89 -52.92 -13.81
N LEU C 105 16.91 -53.65 -14.26
CA LEU C 105 16.81 -54.67 -15.31
C LEU C 105 16.76 -55.96 -14.49
N THR C 106 15.62 -56.64 -14.46
CA THR C 106 15.52 -57.84 -13.64
C THR C 106 14.98 -59.13 -14.24
N LYS C 107 15.31 -60.23 -13.57
CA LYS C 107 14.92 -61.60 -13.93
C LYS C 107 14.71 -61.79 -15.43
N ASP C 108 15.78 -61.50 -16.16
CA ASP C 108 15.84 -61.62 -17.61
C ASP C 108 15.08 -60.52 -18.41
N LYS C 109 13.76 -60.46 -18.30
CA LYS C 109 12.95 -59.49 -19.09
C LYS C 109 12.14 -58.39 -18.35
N GLN C 110 11.97 -58.55 -17.04
CA GLN C 110 11.22 -57.60 -16.21
C GLN C 110 11.88 -56.23 -15.99
N VAL C 111 11.05 -55.19 -15.97
CA VAL C 111 11.48 -53.81 -15.69
C VAL C 111 10.95 -53.61 -14.27
N GLU C 112 11.84 -53.62 -13.29
CA GLU C 112 11.39 -53.48 -11.90
C GLU C 112 11.49 -52.05 -11.36
N LEU C 113 10.32 -51.45 -11.13
CA LEU C 113 10.22 -50.11 -10.60
C LEU C 113 9.88 -50.16 -9.12
N LYS C 114 10.73 -49.56 -8.30
CA LYS C 114 10.51 -49.52 -6.87
C LYS C 114 10.31 -48.08 -6.41
N TYR C 115 9.13 -47.82 -5.86
CA TYR C 115 8.77 -46.50 -5.35
C TYR C 115 8.68 -46.52 -3.84
N GLU C 116 8.93 -45.38 -3.20
CA GLU C 116 8.85 -45.28 -1.74
C GLU C 116 8.51 -43.86 -1.28
N TRP C 117 7.90 -43.75 -0.09
CA TRP C 117 7.55 -42.45 0.45
C TRP C 117 8.74 -41.90 1.18
N VAL C 118 8.89 -40.60 1.13
CA VAL C 118 9.99 -39.98 1.83
C VAL C 118 9.65 -38.55 2.15
N GLU C 119 10.13 -38.10 3.29
CA GLU C 119 9.85 -36.75 3.78
C GLU C 119 10.99 -35.77 3.57
N PHE C 120 10.79 -34.80 2.70
CA PHE C 120 11.82 -33.81 2.43
C PHE C 120 11.59 -32.60 3.29
N THR C 121 12.68 -31.93 3.68
CA THR C 121 12.58 -30.74 4.51
C THR C 121 13.13 -29.52 3.81
N LEU C 122 12.68 -28.35 4.25
CA LEU C 122 13.13 -27.11 3.67
C LEU C 122 13.91 -26.30 4.68
N PRO C 123 14.77 -25.41 4.20
CA PRO C 123 15.57 -24.56 5.06
C PRO C 123 14.79 -23.33 5.55
N GLU C 124 14.35 -23.40 6.80
CA GLU C 124 13.56 -22.33 7.39
C GLU C 124 13.77 -20.92 6.82
N GLY C 125 12.70 -20.13 6.85
CA GLY C 125 12.77 -18.75 6.38
C GLY C 125 12.18 -18.44 5.03
N ASN C 126 12.97 -18.72 3.99
CA ASN C 126 12.69 -18.52 2.54
C ASN C 126 11.25 -18.27 2.08
N TYR C 127 10.84 -17.03 2.31
CA TYR C 127 9.51 -16.56 2.00
C TYR C 127 9.13 -16.62 0.53
N SER C 128 8.10 -15.84 0.18
CA SER C 128 7.60 -15.77 -1.19
C SER C 128 7.05 -17.11 -1.57
N GLU C 129 5.95 -17.13 -2.29
CA GLU C 129 5.40 -18.41 -2.64
C GLU C 129 6.16 -19.08 -3.73
N THR C 130 6.33 -18.39 -4.85
CA THR C 130 7.04 -19.00 -5.95
C THR C 130 8.30 -19.66 -5.50
N MET C 131 9.15 -18.88 -4.86
CA MET C 131 10.40 -19.46 -4.42
C MET C 131 10.20 -20.67 -3.54
N THR C 132 9.13 -20.66 -2.75
CA THR C 132 8.87 -21.79 -1.87
C THR C 132 8.63 -23.01 -2.72
N ILE C 133 7.93 -22.81 -3.84
CA ILE C 133 7.66 -23.92 -4.72
C ILE C 133 9.01 -24.47 -5.12
N ASP C 134 9.81 -23.61 -5.75
CA ASP C 134 11.14 -23.96 -6.20
C ASP C 134 11.92 -24.76 -5.17
N LEU C 135 11.94 -24.28 -3.93
CA LEU C 135 12.67 -24.98 -2.89
C LEU C 135 12.15 -26.38 -2.72
N MET C 136 10.87 -26.56 -2.96
CA MET C 136 10.27 -27.88 -2.86
C MET C 136 10.77 -28.72 -4.02
N ASN C 137 10.52 -28.27 -5.24
CA ASN C 137 10.99 -28.99 -6.40
C ASN C 137 12.44 -29.38 -6.21
N ASN C 138 13.24 -28.44 -5.73
CA ASN C 138 14.66 -28.69 -5.50
C ASN C 138 14.87 -29.83 -4.51
N ALA C 139 14.05 -29.90 -3.48
CA ALA C 139 14.21 -30.96 -2.50
C ALA C 139 13.88 -32.31 -3.12
N ILE C 140 13.00 -32.34 -4.11
CA ILE C 140 12.66 -33.59 -4.77
C ILE C 140 13.93 -34.05 -5.44
N VAL C 141 14.56 -33.12 -6.14
CA VAL C 141 15.80 -33.34 -6.86
C VAL C 141 16.92 -33.76 -5.91
N GLU C 142 17.26 -32.89 -4.97
CA GLU C 142 18.32 -33.16 -4.01
C GLU C 142 18.28 -34.59 -3.51
N HIS C 143 17.09 -35.16 -3.49
CA HIS C 143 16.92 -36.53 -3.04
C HIS C 143 17.34 -37.47 -4.16
N TYR C 144 16.85 -37.20 -5.36
CA TYR C 144 17.21 -37.99 -6.54
C TYR C 144 18.73 -38.05 -6.60
N LEU C 145 19.37 -36.93 -6.29
CA LEU C 145 20.82 -36.86 -6.30
C LEU C 145 21.47 -37.78 -5.31
N LYS C 146 20.76 -38.13 -4.24
CA LYS C 146 21.34 -38.99 -3.24
C LYS C 146 20.87 -40.43 -3.33
N VAL C 147 19.87 -40.67 -4.15
CA VAL C 147 19.35 -42.02 -4.27
C VAL C 147 18.96 -42.39 -5.69
N GLY C 148 18.18 -41.51 -6.30
CA GLY C 148 17.72 -41.76 -7.66
C GLY C 148 18.73 -42.32 -8.64
N ARG C 149 19.46 -41.42 -9.29
CA ARG C 149 20.44 -41.83 -10.29
C ARG C 149 21.25 -43.06 -9.90
N GLN C 150 21.84 -43.03 -8.71
CA GLN C 150 22.64 -44.16 -8.31
C GLN C 150 21.85 -45.41 -7.98
N ASN C 151 20.83 -45.69 -8.77
CA ASN C 151 20.00 -46.85 -8.58
C ASN C 151 19.11 -47.01 -9.79
N GLY C 152 19.61 -46.50 -10.91
CA GLY C 152 18.87 -46.58 -12.16
C GLY C 152 18.20 -45.27 -12.47
N VAL C 153 16.89 -45.26 -12.24
CA VAL C 153 16.03 -44.10 -12.45
C VAL C 153 16.66 -42.86 -13.10
N LEU C 154 16.22 -42.59 -14.33
CA LEU C 154 16.71 -41.45 -15.10
C LEU C 154 15.95 -40.21 -14.69
N GLU C 155 16.30 -39.09 -15.30
CA GLU C 155 15.64 -37.84 -15.02
C GLU C 155 14.28 -37.98 -15.70
N SER C 156 14.30 -38.57 -16.89
CA SER C 156 13.09 -38.79 -17.68
C SER C 156 11.92 -39.27 -16.83
N ASP C 157 12.23 -40.06 -15.81
CA ASP C 157 11.17 -40.58 -14.98
C ASP C 157 11.20 -40.11 -13.51
N ILE C 158 11.31 -38.80 -13.33
CA ILE C 158 11.31 -38.21 -11.99
C ILE C 158 9.87 -38.01 -11.59
N GLY C 159 9.45 -38.69 -10.53
CA GLY C 159 8.06 -38.55 -10.11
C GLY C 159 7.79 -37.39 -9.18
N VAL C 160 6.74 -36.62 -9.44
CA VAL C 160 6.39 -35.49 -8.59
C VAL C 160 7.13 -34.18 -8.82
N LYS C 161 6.40 -33.19 -9.29
CA LYS C 161 6.99 -31.90 -9.49
C LYS C 161 5.89 -30.88 -9.41
N PHE C 162 6.13 -29.84 -8.61
CA PHE C 162 5.17 -28.78 -8.43
C PHE C 162 5.45 -27.75 -9.50
N ASP C 163 4.42 -27.43 -10.27
CA ASP C 163 4.52 -26.48 -11.35
C ASP C 163 3.41 -25.48 -11.07
N THR C 164 3.13 -24.61 -12.04
CA THR C 164 2.11 -23.60 -11.86
C THR C 164 1.48 -23.17 -13.19
N ARG C 165 1.39 -24.05 -14.17
CA ARG C 165 0.81 -23.62 -15.44
C ARG C 165 -0.25 -24.54 -15.96
N ASN C 166 -0.97 -24.05 -16.97
CA ASN C 166 -2.05 -24.79 -17.57
C ASN C 166 -1.63 -25.59 -18.77
N PHE C 167 -1.01 -26.75 -18.52
CA PHE C 167 -0.58 -27.60 -19.63
C PHE C 167 -1.83 -27.98 -20.38
N ARG C 168 -2.27 -27.12 -21.29
CA ARG C 168 -3.48 -27.42 -22.03
C ARG C 168 -3.96 -26.19 -22.73
N LEU C 169 -3.16 -25.13 -22.71
CA LEU C 169 -3.61 -23.97 -23.40
C LEU C 169 -3.52 -24.13 -24.91
N GLY C 170 -2.38 -24.64 -25.38
CA GLY C 170 -2.25 -24.83 -26.81
C GLY C 170 -3.25 -25.81 -27.40
N PHE C 171 -3.45 -26.91 -26.69
CA PHE C 171 -4.36 -27.99 -27.08
C PHE C 171 -5.37 -27.70 -28.17
N ASP C 172 -5.42 -28.62 -29.14
CA ASP C 172 -6.32 -28.58 -30.28
C ASP C 172 -7.20 -29.82 -30.21
N PRO C 173 -8.52 -29.61 -30.07
CA PRO C 173 -9.49 -30.70 -29.97
C PRO C 173 -9.44 -31.77 -31.06
N VAL C 174 -8.76 -31.50 -32.17
CA VAL C 174 -8.66 -32.47 -33.25
C VAL C 174 -7.31 -33.16 -33.22
N THR C 175 -6.28 -32.36 -33.31
CA THR C 175 -4.90 -32.83 -33.28
C THR C 175 -4.63 -33.71 -32.07
N GLY C 176 -5.14 -33.29 -30.92
CA GLY C 176 -4.90 -34.02 -29.71
C GLY C 176 -3.55 -33.58 -29.20
N LEU C 177 -3.06 -32.45 -29.70
CA LEU C 177 -1.77 -31.94 -29.27
C LEU C 177 -1.71 -30.45 -29.03
N VAL C 178 -0.70 -30.04 -28.28
CA VAL C 178 -0.48 -28.64 -27.96
C VAL C 178 0.26 -28.04 -29.14
N MET C 179 -0.47 -27.74 -30.19
CA MET C 179 0.07 -27.20 -31.43
C MET C 179 1.33 -26.35 -31.40
N PRO C 180 1.40 -25.39 -30.46
CA PRO C 180 2.56 -24.51 -30.34
C PRO C 180 3.90 -25.21 -30.17
N GLY C 181 3.86 -26.48 -29.79
CA GLY C 181 5.09 -27.24 -29.60
C GLY C 181 5.75 -26.90 -28.28
N VAL C 182 5.04 -26.09 -27.50
CA VAL C 182 5.52 -25.65 -26.22
C VAL C 182 4.35 -25.44 -25.27
N TYR C 183 4.49 -25.89 -24.03
CA TYR C 183 3.41 -25.67 -23.07
C TYR C 183 3.49 -24.20 -22.75
N THR C 184 2.50 -23.46 -23.23
CA THR C 184 2.48 -22.01 -23.03
C THR C 184 2.94 -21.61 -21.63
N ASN C 185 4.13 -21.02 -21.59
CA ASN C 185 4.83 -20.61 -20.37
C ASN C 185 4.27 -19.52 -19.47
N GLU C 186 2.97 -19.56 -19.16
CA GLU C 186 2.44 -18.56 -18.25
C GLU C 186 1.86 -19.23 -17.02
N ALA C 187 2.02 -18.56 -15.87
CA ALA C 187 1.58 -19.07 -14.57
C ALA C 187 0.14 -18.77 -14.20
N PHE C 188 -0.61 -19.80 -13.85
CA PHE C 188 -2.01 -19.61 -13.50
C PHE C 188 -2.36 -19.96 -12.06
N HIS C 189 -1.80 -21.06 -11.58
CA HIS C 189 -2.07 -21.48 -10.21
C HIS C 189 -1.16 -22.64 -9.87
N PRO C 190 -0.76 -22.75 -8.62
CA PRO C 190 0.12 -23.89 -8.38
C PRO C 190 -0.62 -25.19 -8.52
N ASP C 191 0.07 -26.22 -8.98
CA ASP C 191 -0.53 -27.54 -9.05
C ASP C 191 0.61 -28.51 -8.94
N ILE C 192 0.29 -29.77 -8.73
CA ILE C 192 1.35 -30.74 -8.59
C ILE C 192 1.18 -31.81 -9.64
N ILE C 193 2.27 -32.13 -10.32
CA ILE C 193 2.27 -33.12 -11.37
C ILE C 193 2.84 -34.44 -10.91
N LEU C 194 2.24 -35.52 -11.35
CA LEU C 194 2.72 -36.82 -10.94
C LEU C 194 2.93 -37.80 -12.07
N LEU C 195 3.84 -38.73 -11.84
CA LEU C 195 4.14 -39.80 -12.79
C LEU C 195 3.44 -41.05 -12.28
N PRO C 196 3.29 -42.05 -13.13
CA PRO C 196 2.61 -43.25 -12.64
C PRO C 196 3.24 -43.69 -11.34
N GLY C 197 2.45 -44.36 -10.53
CA GLY C 197 2.95 -44.88 -9.27
C GLY C 197 3.36 -43.97 -8.13
N CYS C 198 3.60 -42.68 -8.35
CA CYS C 198 3.97 -41.85 -7.21
C CYS C 198 2.90 -40.85 -6.77
N GLY C 199 3.27 -39.87 -5.95
CA GLY C 199 2.30 -38.88 -5.46
C GLY C 199 2.77 -38.16 -4.20
N VAL C 200 1.98 -37.24 -3.67
CA VAL C 200 2.37 -36.51 -2.46
C VAL C 200 1.36 -36.57 -1.33
N ASP C 201 1.84 -36.30 -0.12
CA ASP C 201 1.03 -36.35 1.10
C ASP C 201 1.32 -35.14 1.99
N PHE C 202 0.28 -34.42 2.42
CA PHE C 202 0.50 -33.25 3.27
C PHE C 202 -0.06 -33.41 4.66
N THR C 203 -0.61 -34.59 4.94
CA THR C 203 -1.18 -34.91 6.23
C THR C 203 -0.58 -34.14 7.40
N HIS C 204 0.74 -33.93 7.38
CA HIS C 204 1.37 -33.20 8.46
C HIS C 204 2.08 -31.97 7.92
N SER C 205 1.36 -31.12 7.21
CA SER C 205 1.99 -29.93 6.68
C SER C 205 1.01 -28.89 6.20
N ARG C 206 1.34 -27.63 6.47
CA ARG C 206 0.49 -26.54 6.07
C ARG C 206 0.84 -26.06 4.67
N LEU C 207 1.95 -26.56 4.13
CA LEU C 207 2.36 -26.15 2.80
C LEU C 207 1.22 -26.36 1.83
N SER C 208 0.39 -27.35 2.12
CA SER C 208 -0.76 -27.60 1.28
C SER C 208 -1.45 -26.26 1.03
N ASN C 209 -1.77 -25.59 2.13
CA ASN C 209 -2.42 -24.30 2.06
C ASN C 209 -1.65 -23.28 1.24
N LEU C 210 -0.34 -23.49 1.09
CA LEU C 210 0.47 -22.56 0.32
C LEU C 210 0.24 -22.77 -1.15
N LEU C 211 0.07 -24.03 -1.56
CA LEU C 211 -0.18 -24.36 -2.94
C LEU C 211 -1.58 -23.93 -3.31
N GLY C 212 -2.43 -23.80 -2.31
CA GLY C 212 -3.79 -23.39 -2.59
C GLY C 212 -4.65 -24.55 -3.01
N ILE C 213 -4.46 -25.67 -2.34
CA ILE C 213 -5.22 -26.87 -2.61
C ILE C 213 -5.74 -27.41 -1.28
N ARG C 214 -7.05 -27.38 -1.05
CA ARG C 214 -7.59 -27.86 0.22
C ARG C 214 -8.67 -28.92 0.06
N LYS C 215 -8.92 -29.68 1.11
CA LYS C 215 -9.95 -30.72 1.07
C LYS C 215 -11.29 -30.05 1.24
N ARG C 216 -12.30 -30.55 0.54
CA ARG C 216 -13.61 -29.95 0.67
C ARG C 216 -14.23 -30.40 1.98
N GLN C 217 -13.50 -31.25 2.71
CA GLN C 217 -13.96 -31.77 4.00
C GLN C 217 -12.80 -31.85 4.95
N PRO C 218 -12.25 -30.70 5.34
CA PRO C 218 -11.13 -30.42 6.21
C PRO C 218 -10.89 -31.32 7.39
N PHE C 219 -11.89 -31.49 8.23
CA PHE C 219 -11.71 -32.29 9.42
C PHE C 219 -11.35 -33.77 9.29
N GLN C 220 -11.45 -34.32 8.08
CA GLN C 220 -11.08 -35.71 7.90
C GLN C 220 -9.58 -35.83 7.75
N GLU C 221 -8.85 -35.71 8.85
CA GLU C 221 -7.38 -35.79 8.82
C GLU C 221 -6.87 -36.81 7.81
N GLY C 222 -6.14 -36.34 6.80
CA GLY C 222 -5.61 -37.27 5.82
C GLY C 222 -5.51 -36.75 4.39
N PHE C 223 -4.58 -35.84 4.16
CA PHE C 223 -4.40 -35.28 2.84
C PHE C 223 -3.37 -36.06 2.02
N ARG C 224 -3.85 -36.99 1.19
CA ARG C 224 -3.01 -37.80 0.32
C ARG C 224 -3.51 -37.67 -1.11
N ILE C 225 -2.66 -37.20 -2.00
CA ILE C 225 -3.11 -37.05 -3.37
C ILE C 225 -2.21 -37.92 -4.30
N THR C 226 -2.71 -39.12 -4.62
CA THR C 226 -2.03 -40.12 -5.47
C THR C 226 -2.12 -39.82 -6.95
N TYR C 227 -1.25 -40.46 -7.72
CA TYR C 227 -1.25 -40.32 -9.16
C TYR C 227 -2.62 -40.82 -9.59
N ASP C 228 -2.97 -41.98 -9.06
CA ASP C 228 -4.24 -42.60 -9.36
C ASP C 228 -5.44 -41.65 -9.24
N ASP C 229 -5.37 -40.72 -8.30
CA ASP C 229 -6.46 -39.78 -8.08
C ASP C 229 -6.62 -38.79 -9.20
N LEU C 230 -5.50 -38.30 -9.71
CA LEU C 230 -5.55 -37.35 -10.80
C LEU C 230 -6.07 -38.01 -12.06
N GLU C 231 -7.25 -38.62 -12.00
CA GLU C 231 -7.79 -39.28 -13.18
C GLU C 231 -7.91 -38.23 -14.27
N GLY C 232 -8.55 -38.59 -15.37
CA GLY C 232 -8.70 -37.68 -16.49
C GLY C 232 -7.92 -36.38 -16.40
N GLY C 233 -6.95 -36.17 -17.28
CA GLY C 233 -6.19 -34.93 -17.18
C GLY C 233 -4.72 -35.18 -17.05
N ASN C 234 -4.19 -35.86 -18.05
CA ASN C 234 -2.78 -36.16 -18.09
C ASN C 234 -2.33 -35.10 -19.06
N ILE C 235 -1.23 -34.44 -18.77
CA ILE C 235 -0.72 -33.42 -19.67
C ILE C 235 -0.64 -33.94 -21.10
N PRO C 236 -1.34 -33.29 -22.04
CA PRO C 236 -1.34 -33.69 -23.44
C PRO C 236 0.10 -33.55 -23.93
N ALA C 237 0.37 -33.99 -25.15
CA ALA C 237 1.73 -33.91 -25.70
C ALA C 237 1.91 -32.76 -26.67
N LEU C 238 3.17 -32.50 -27.00
CA LEU C 238 3.53 -31.41 -27.89
C LEU C 238 3.58 -31.79 -29.37
N LEU C 239 3.14 -30.87 -30.21
CA LEU C 239 3.18 -31.11 -31.65
C LEU C 239 4.64 -31.09 -32.08
N ASP C 240 5.00 -31.91 -33.07
CA ASP C 240 6.39 -31.88 -33.52
C ASP C 240 6.47 -30.69 -34.46
N VAL C 241 6.45 -29.51 -33.88
CA VAL C 241 6.50 -28.27 -34.64
C VAL C 241 7.48 -28.35 -35.82
N ASP C 242 8.68 -28.88 -35.58
CA ASP C 242 9.67 -29.00 -36.64
C ASP C 242 9.19 -29.84 -37.81
N ALA C 243 8.85 -31.10 -37.53
CA ALA C 243 8.37 -32.01 -38.56
C ALA C 243 7.25 -31.36 -39.37
N TYR C 244 6.12 -31.09 -38.71
CA TYR C 244 4.97 -30.46 -39.37
C TYR C 244 5.38 -29.38 -40.38
N GLN C 245 6.05 -28.33 -39.90
CA GLN C 245 6.48 -27.22 -40.78
C GLN C 245 7.36 -27.65 -41.95
N ALA C 246 8.51 -28.23 -41.64
CA ALA C 246 9.44 -28.70 -42.68
C ALA C 246 8.67 -29.53 -43.70
N SER C 247 7.76 -30.37 -43.20
CA SER C 247 6.96 -31.24 -44.04
C SER C 247 6.00 -30.54 -45.01
N LEU C 248 5.87 -29.23 -44.92
CA LEU C 248 4.97 -28.57 -45.85
C LEU C 248 5.71 -28.05 -47.10
N LYS C 327 -1.36 -35.08 -47.12
CA LYS C 327 -0.87 -35.38 -45.77
C LYS C 327 -0.17 -34.18 -45.12
N LYS C 328 0.18 -34.38 -43.86
CA LYS C 328 0.89 -33.43 -43.02
C LYS C 328 1.28 -34.30 -41.82
N PRO C 329 2.55 -34.20 -41.34
CA PRO C 329 3.03 -35.01 -40.21
C PRO C 329 2.13 -34.94 -38.98
N VAL C 330 1.91 -33.71 -38.52
CA VAL C 330 1.09 -33.40 -37.34
C VAL C 330 0.98 -34.51 -36.30
N ILE C 331 0.24 -35.59 -36.58
CA ILE C 331 0.07 -36.69 -35.63
C ILE C 331 1.37 -36.88 -34.80
N LYS C 332 2.50 -36.42 -35.35
CA LYS C 332 3.78 -36.53 -34.65
C LYS C 332 3.86 -35.73 -33.36
N PRO C 333 3.80 -36.44 -32.22
CA PRO C 333 3.85 -35.86 -30.88
C PRO C 333 5.26 -35.96 -30.34
N LEU C 334 6.00 -34.85 -30.41
CA LEU C 334 7.38 -34.78 -29.91
C LEU C 334 7.66 -35.74 -28.74
N THR C 335 8.42 -36.81 -28.99
CA THR C 335 8.74 -37.83 -27.96
C THR C 335 9.84 -37.52 -26.98
N GLU C 336 10.74 -36.62 -27.34
CA GLU C 336 11.83 -36.30 -26.45
C GLU C 336 12.06 -34.80 -26.41
N ASP C 337 13.31 -34.41 -26.61
CA ASP C 337 13.72 -33.01 -26.60
C ASP C 337 15.23 -32.99 -26.76
N SER C 338 15.82 -31.81 -26.67
CA SER C 338 17.27 -31.72 -26.75
C SER C 338 17.73 -32.68 -25.65
N LYS C 339 19.03 -32.91 -25.55
CA LYS C 339 19.53 -33.83 -24.52
C LYS C 339 18.68 -35.09 -24.29
N LYS C 340 17.89 -35.42 -25.30
CA LYS C 340 17.02 -36.60 -25.34
C LYS C 340 16.45 -37.21 -24.04
N ARG C 341 15.37 -36.63 -23.54
CA ARG C 341 14.66 -37.12 -22.34
C ARG C 341 13.31 -37.56 -22.89
N SER C 342 12.79 -38.68 -22.42
CA SER C 342 11.49 -39.13 -22.93
C SER C 342 10.33 -38.48 -22.20
N TYR C 343 9.28 -38.13 -22.93
CA TYR C 343 8.13 -37.52 -22.31
C TYR C 343 7.15 -38.63 -21.94
N ASN C 344 7.69 -39.76 -21.51
CA ASN C 344 6.86 -40.89 -21.10
C ASN C 344 5.45 -40.91 -21.74
N LEU C 345 5.33 -41.11 -23.05
CA LEU C 345 4.01 -41.17 -23.66
C LEU C 345 3.39 -42.52 -23.40
N ILE C 346 2.11 -42.57 -23.05
CA ILE C 346 1.49 -43.84 -22.73
C ILE C 346 1.71 -44.97 -23.75
N SER C 347 1.61 -44.66 -25.03
CA SER C 347 1.82 -45.65 -26.09
C SER C 347 2.28 -44.94 -27.35
N ASN C 348 2.82 -45.70 -28.30
CA ASN C 348 3.31 -45.18 -29.57
C ASN C 348 2.23 -44.43 -30.35
N ASP C 349 0.98 -44.56 -29.89
CA ASP C 349 -0.17 -43.93 -30.54
C ASP C 349 -0.66 -42.66 -29.86
N SER C 350 -1.24 -42.81 -28.67
CA SER C 350 -1.81 -41.69 -27.90
C SER C 350 -1.04 -40.38 -27.91
N THR C 351 -1.83 -39.30 -27.89
CA THR C 351 -1.33 -37.94 -27.91
C THR C 351 -1.06 -37.49 -26.46
N PHE C 352 -1.56 -38.26 -25.50
CA PHE C 352 -1.40 -37.95 -24.08
C PHE C 352 -0.11 -38.52 -23.51
N THR C 353 0.43 -37.86 -22.50
CA THR C 353 1.64 -38.32 -21.82
C THR C 353 1.23 -38.94 -20.49
N GLN C 354 2.13 -39.67 -19.86
CA GLN C 354 1.82 -40.30 -18.58
C GLN C 354 1.84 -39.32 -17.42
N TYR C 355 2.23 -38.08 -17.71
CA TYR C 355 2.29 -37.04 -16.70
C TYR C 355 0.89 -36.52 -16.36
N ARG C 356 0.47 -36.69 -15.10
CA ARG C 356 -0.85 -36.22 -14.66
C ARG C 356 -0.74 -34.92 -13.84
N SER C 357 -1.59 -33.94 -14.18
CA SER C 357 -1.60 -32.64 -13.50
C SER C 357 -2.83 -32.42 -12.64
N TRP C 358 -2.64 -31.95 -11.43
CA TRP C 358 -3.77 -31.70 -10.58
C TRP C 358 -4.67 -30.68 -11.26
N TYR C 359 -4.13 -29.47 -11.44
CA TYR C 359 -4.89 -28.39 -12.05
C TYR C 359 -5.78 -28.84 -13.19
N LEU C 360 -5.33 -29.84 -13.95
CA LEU C 360 -6.15 -30.30 -15.07
C LEU C 360 -7.35 -31.07 -14.56
N ALA C 361 -7.08 -32.06 -13.73
CA ALA C 361 -8.14 -32.87 -13.19
C ALA C 361 -9.23 -32.03 -12.56
N TYR C 362 -8.85 -30.96 -11.90
CA TYR C 362 -9.82 -30.12 -11.24
C TYR C 362 -10.84 -29.51 -12.19
N ASN C 363 -10.39 -28.74 -13.18
CA ASN C 363 -11.36 -28.14 -14.10
C ASN C 363 -11.47 -28.78 -15.48
N TYR C 364 -10.66 -29.79 -15.76
CA TYR C 364 -10.76 -30.45 -17.07
C TYR C 364 -11.25 -31.89 -16.98
N GLY C 365 -11.33 -32.42 -15.76
CA GLY C 365 -11.77 -33.79 -15.59
C GLY C 365 -13.21 -33.91 -15.10
N ASP C 366 -13.69 -35.15 -15.03
CA ASP C 366 -15.06 -35.43 -14.59
C ASP C 366 -15.38 -34.68 -13.29
N PRO C 367 -16.26 -33.67 -13.35
CA PRO C 367 -16.62 -32.91 -12.16
C PRO C 367 -17.27 -33.74 -11.06
N GLN C 368 -18.03 -34.77 -11.45
CA GLN C 368 -18.71 -35.60 -10.46
C GLN C 368 -17.85 -36.65 -9.76
N THR C 369 -16.82 -37.18 -10.43
CA THR C 369 -15.96 -38.22 -9.81
C THR C 369 -14.48 -37.87 -9.75
N GLY C 370 -14.08 -36.87 -10.52
CA GLY C 370 -12.67 -36.47 -10.55
C GLY C 370 -12.15 -35.95 -9.24
N ILE C 371 -11.14 -35.11 -9.29
CA ILE C 371 -10.61 -34.59 -8.05
C ILE C 371 -11.43 -33.40 -7.61
N ARG C 372 -12.01 -32.67 -8.56
CA ARG C 372 -12.80 -31.50 -8.20
C ARG C 372 -13.91 -31.90 -7.23
N SER C 373 -14.12 -33.20 -7.08
CA SER C 373 -15.16 -33.71 -6.21
C SER C 373 -14.83 -33.57 -4.73
N TRP C 374 -13.55 -33.72 -4.40
CA TRP C 374 -13.18 -33.66 -2.99
C TRP C 374 -12.01 -32.75 -2.62
N THR C 375 -11.66 -31.83 -3.50
CA THR C 375 -10.58 -30.91 -3.18
C THR C 375 -11.04 -29.57 -3.71
N LEU C 376 -10.47 -28.48 -3.20
CA LEU C 376 -10.93 -27.17 -3.65
C LEU C 376 -9.80 -26.29 -4.13
N LEU C 377 -10.02 -25.64 -5.28
CA LEU C 377 -9.02 -24.74 -5.83
C LEU C 377 -9.12 -23.42 -5.10
N CYS C 378 -8.07 -23.05 -4.36
CA CYS C 378 -8.11 -21.81 -3.59
C CYS C 378 -6.96 -20.89 -3.79
N THR C 379 -7.18 -19.67 -3.33
CA THR C 379 -6.16 -18.65 -3.39
C THR C 379 -5.02 -19.12 -2.54
N PRO C 380 -3.80 -18.96 -3.02
CA PRO C 380 -2.59 -19.37 -2.32
C PRO C 380 -2.47 -19.01 -0.84
N ASP C 381 -1.98 -17.82 -0.53
CA ASP C 381 -1.76 -17.39 0.86
C ASP C 381 -0.47 -18.02 1.38
N VAL C 382 0.56 -17.20 1.53
CA VAL C 382 1.82 -17.72 1.98
C VAL C 382 1.86 -18.03 3.46
N THR C 383 1.19 -17.24 4.27
CA THR C 383 1.18 -17.45 5.73
C THR C 383 0.88 -18.90 6.08
N CYS C 384 0.31 -19.61 5.11
CA CYS C 384 -0.04 -21.00 5.27
C CYS C 384 -1.27 -21.24 6.10
N GLY C 385 -1.86 -20.15 6.61
CA GLY C 385 -3.06 -20.32 7.39
C GLY C 385 -3.14 -19.49 8.64
N SER C 386 -4.02 -18.50 8.60
CA SER C 386 -4.22 -17.62 9.72
C SER C 386 -4.51 -18.44 10.97
N GLU C 387 -3.56 -18.49 11.90
CA GLU C 387 -3.78 -19.23 13.14
C GLU C 387 -3.92 -18.23 14.27
N GLN C 388 -4.59 -18.64 15.33
CA GLN C 388 -4.80 -17.73 16.46
C GLN C 388 -4.00 -18.09 17.66
N VAL C 389 -3.81 -17.10 18.52
CA VAL C 389 -3.06 -17.27 19.75
C VAL C 389 -3.96 -16.86 20.88
N TYR C 390 -3.81 -17.52 22.03
CA TYR C 390 -4.64 -17.22 23.17
C TYR C 390 -3.79 -16.62 24.29
N TRP C 391 -4.32 -15.61 24.98
CA TRP C 391 -3.62 -14.97 26.09
C TRP C 391 -4.12 -15.57 27.40
N SER C 392 -3.41 -15.31 28.48
CA SER C 392 -3.80 -15.82 29.79
C SER C 392 -3.04 -15.08 30.86
N LEU C 393 -3.75 -14.60 31.88
CA LEU C 393 -3.10 -13.85 32.94
C LEU C 393 -3.49 -14.45 34.27
N PRO C 394 -3.40 -15.76 34.37
CA PRO C 394 -3.70 -16.65 35.48
C PRO C 394 -3.74 -16.01 36.83
N ASP C 395 -2.79 -15.11 37.08
CA ASP C 395 -2.74 -14.51 38.39
C ASP C 395 -3.44 -13.17 38.52
N MET C 396 -4.15 -12.76 37.49
CA MET C 396 -4.81 -11.46 37.54
C MET C 396 -6.25 -11.40 37.09
N MET C 397 -6.70 -12.31 36.24
CA MET C 397 -8.09 -12.29 35.81
C MET C 397 -8.78 -13.50 36.38
N GLN C 398 -10.11 -13.41 36.49
CA GLN C 398 -10.84 -14.55 37.02
C GLN C 398 -10.92 -15.52 35.86
N ASP C 399 -11.04 -16.78 36.18
CA ASP C 399 -11.08 -17.78 35.15
C ASP C 399 -12.42 -17.89 34.46
N PRO C 400 -12.47 -17.47 33.19
CA PRO C 400 -13.62 -17.46 32.29
C PRO C 400 -14.53 -18.67 32.34
N VAL C 401 -15.80 -18.38 32.51
CA VAL C 401 -16.85 -19.39 32.61
C VAL C 401 -16.44 -20.78 32.95
N THR C 402 -16.05 -21.53 31.93
CA THR C 402 -15.75 -22.92 32.17
C THR C 402 -14.35 -23.41 32.32
N PHE C 403 -13.37 -22.52 32.30
CA PHE C 403 -12.01 -23.00 32.46
C PHE C 403 -11.83 -23.25 33.92
N ARG C 404 -10.95 -24.19 34.24
CA ARG C 404 -10.69 -24.43 35.63
C ARG C 404 -9.26 -23.97 35.82
N SER C 405 -8.98 -23.45 37.01
CA SER C 405 -7.65 -22.95 37.33
C SER C 405 -6.68 -24.07 37.55
N THR C 406 -5.51 -23.94 36.97
CA THR C 406 -4.48 -24.94 37.14
C THR C 406 -3.13 -24.27 37.13
N SER C 407 -2.08 -25.07 37.11
CA SER C 407 -0.72 -24.54 37.11
C SER C 407 0.07 -25.13 35.95
N GLN C 408 -0.65 -25.78 35.07
CA GLN C 408 -0.05 -26.41 33.91
C GLN C 408 -0.04 -25.40 32.74
N ILE C 409 1.07 -24.68 32.60
CA ILE C 409 1.25 -23.70 31.53
C ILE C 409 0.47 -23.93 30.26
N SER C 410 0.28 -25.19 29.90
CA SER C 410 -0.44 -25.50 28.67
C SER C 410 -1.93 -25.74 28.87
N ASN C 411 -2.51 -25.10 29.89
CA ASN C 411 -3.94 -25.26 30.14
C ASN C 411 -4.49 -24.07 30.91
N PHE C 412 -3.65 -23.07 31.12
CA PHE C 412 -4.08 -21.89 31.81
C PHE C 412 -5.39 -21.43 31.23
N PRO C 413 -6.15 -20.67 31.99
CA PRO C 413 -7.42 -20.19 31.46
C PRO C 413 -7.09 -19.15 30.39
N VAL C 414 -8.00 -18.99 29.43
CA VAL C 414 -7.79 -18.02 28.37
C VAL C 414 -8.61 -16.77 28.62
N VAL C 415 -8.08 -15.61 28.27
CA VAL C 415 -8.84 -14.41 28.52
C VAL C 415 -8.98 -13.62 27.25
N GLY C 416 -8.24 -14.00 26.22
CA GLY C 416 -8.36 -13.24 25.00
C GLY C 416 -7.77 -14.01 23.84
N ALA C 417 -8.43 -13.92 22.70
CA ALA C 417 -7.97 -14.63 21.51
C ALA C 417 -7.66 -13.58 20.49
N GLU C 418 -6.72 -13.87 19.61
CA GLU C 418 -6.32 -12.89 18.64
C GLU C 418 -5.56 -13.62 17.56
N LEU C 419 -5.74 -13.17 16.33
CA LEU C 419 -5.07 -13.80 15.22
C LEU C 419 -3.57 -13.54 15.33
N LEU C 420 -2.76 -14.54 14.99
CA LEU C 420 -1.31 -14.39 15.05
C LEU C 420 -0.82 -13.44 13.95
N PRO C 421 -0.31 -12.27 14.34
CA PRO C 421 0.22 -11.15 13.56
C PRO C 421 0.98 -11.41 12.27
N VAL C 422 0.32 -11.86 11.23
CA VAL C 422 1.02 -12.13 9.98
C VAL C 422 0.09 -11.83 8.82
N HIS C 423 0.54 -11.04 7.85
CA HIS C 423 -0.29 -10.70 6.71
C HIS C 423 0.30 -11.10 5.36
N SER C 424 -0.51 -11.07 4.32
CA SER C 424 -0.04 -11.42 2.98
C SER C 424 0.09 -10.16 2.16
N LYS C 425 1.30 -9.61 2.05
CA LYS C 425 1.47 -8.41 1.23
C LYS C 425 1.59 -8.92 -0.20
N SER C 426 0.96 -8.20 -1.12
CA SER C 426 1.00 -8.62 -2.50
C SER C 426 1.71 -7.62 -3.38
N PHE C 427 2.55 -8.12 -4.28
CA PHE C 427 3.27 -7.25 -5.17
C PHE C 427 3.10 -7.60 -6.63
N TYR C 428 3.65 -6.75 -7.49
CA TYR C 428 3.58 -6.95 -8.93
C TYR C 428 4.97 -7.03 -9.51
N ASN C 429 5.25 -8.11 -10.21
CA ASN C 429 6.56 -8.26 -10.81
C ASN C 429 6.36 -8.77 -12.23
N ASP C 430 5.94 -7.89 -13.13
CA ASP C 430 5.74 -8.33 -14.53
C ASP C 430 7.09 -8.82 -14.97
N GLN C 431 8.06 -8.56 -14.10
CA GLN C 431 9.41 -8.96 -14.26
C GLN C 431 9.52 -10.47 -14.14
N ALA C 432 8.45 -11.12 -13.73
CA ALA C 432 8.41 -12.58 -13.59
C ALA C 432 8.40 -13.21 -14.97
N VAL C 433 9.21 -14.24 -15.13
CA VAL C 433 9.35 -14.95 -16.39
C VAL C 433 10.01 -14.07 -17.46
N TYR C 434 10.26 -12.81 -17.12
CA TYR C 434 11.00 -12.03 -18.11
C TYR C 434 12.25 -12.00 -17.21
N SER C 435 12.00 -12.16 -15.90
CA SER C 435 12.95 -12.20 -14.83
C SER C 435 13.43 -13.64 -14.70
N GLN C 436 12.55 -14.66 -14.70
CA GLN C 436 13.07 -16.05 -14.60
C GLN C 436 14.16 -16.15 -15.68
N LEU C 437 13.83 -15.59 -16.84
CA LEU C 437 14.69 -15.53 -18.02
C LEU C 437 15.98 -14.80 -17.64
N ILE C 438 15.84 -13.65 -16.96
CA ILE C 438 17.00 -12.87 -16.54
C ILE C 438 17.46 -13.32 -15.16
N ARG C 439 16.54 -13.77 -14.33
CA ARG C 439 16.89 -14.22 -13.00
C ARG C 439 17.96 -15.32 -13.09
N GLN C 440 17.82 -16.21 -14.07
CA GLN C 440 18.78 -17.30 -14.27
C GLN C 440 20.23 -16.86 -14.52
N PHE C 441 20.38 -15.72 -15.17
CA PHE C 441 21.71 -15.16 -15.45
C PHE C 441 22.18 -14.37 -14.22
N THR C 442 21.20 -13.75 -13.55
CA THR C 442 21.40 -12.95 -12.31
C THR C 442 21.97 -13.88 -11.23
N SER C 443 21.33 -15.05 -11.05
CA SER C 443 21.79 -16.09 -10.14
C SER C 443 22.82 -16.82 -11.01
N LEU C 444 24.06 -16.88 -10.57
CA LEU C 444 25.07 -17.51 -11.42
C LEU C 444 24.85 -19.00 -11.75
N THR C 445 23.72 -19.56 -11.30
CA THR C 445 23.38 -20.97 -11.53
C THR C 445 21.91 -21.30 -11.90
N HIS C 446 21.76 -22.36 -12.69
CA HIS C 446 20.47 -22.85 -13.11
C HIS C 446 20.07 -23.93 -12.09
N VAL C 447 20.35 -23.65 -10.82
CA VAL C 447 20.08 -24.62 -9.74
C VAL C 447 18.65 -25.10 -9.72
N PHE C 448 17.73 -24.18 -9.96
CA PHE C 448 16.34 -24.57 -9.93
C PHE C 448 15.85 -25.05 -11.28
N ASN C 449 16.52 -24.60 -12.34
CA ASN C 449 16.11 -24.99 -13.68
C ASN C 449 16.88 -26.11 -14.33
N ARG C 450 17.63 -26.86 -13.56
CA ARG C 450 18.41 -27.98 -14.08
C ARG C 450 18.01 -28.64 -15.42
N PHE C 451 16.73 -28.65 -15.77
CA PHE C 451 16.32 -29.30 -17.01
C PHE C 451 15.69 -28.33 -18.01
N PRO C 452 16.38 -27.22 -18.30
CA PRO C 452 15.89 -26.18 -19.22
C PRO C 452 15.43 -26.58 -20.60
N GLU C 453 15.17 -27.85 -20.84
CA GLU C 453 14.72 -28.23 -22.16
C GLU C 453 13.40 -28.94 -22.00
N ASN C 454 13.39 -29.92 -21.12
CA ASN C 454 12.18 -30.69 -20.87
C ASN C 454 11.02 -29.75 -20.54
N GLN C 455 10.01 -29.72 -21.40
CA GLN C 455 8.87 -28.84 -21.19
C GLN C 455 8.15 -29.07 -19.87
N ILE C 456 8.34 -30.24 -19.28
CA ILE C 456 7.71 -30.52 -18.00
C ILE C 456 8.69 -30.09 -16.91
N LEU C 457 9.66 -30.94 -16.60
CA LEU C 457 10.65 -30.66 -15.57
C LEU C 457 11.26 -29.26 -15.59
N ALA C 458 10.87 -28.42 -16.55
CA ALA C 458 11.39 -27.06 -16.64
C ALA C 458 11.07 -26.34 -15.34
N ARG C 459 11.54 -25.10 -15.22
CA ARG C 459 11.27 -24.33 -14.02
C ARG C 459 9.96 -23.57 -14.18
N PRO C 460 8.97 -23.87 -13.32
CA PRO C 460 7.68 -23.21 -13.39
C PRO C 460 7.82 -21.72 -13.55
N PRO C 461 6.88 -21.12 -14.27
CA PRO C 461 6.88 -19.69 -14.52
C PRO C 461 6.61 -18.97 -13.21
N ALA C 462 7.24 -17.81 -13.05
CA ALA C 462 7.00 -17.03 -11.84
C ALA C 462 5.67 -16.34 -12.14
N PRO C 463 4.73 -16.34 -11.18
CA PRO C 463 3.45 -15.68 -11.44
C PRO C 463 3.55 -14.20 -11.15
N THR C 464 2.81 -13.39 -11.91
CA THR C 464 2.81 -11.95 -11.64
C THR C 464 2.04 -11.92 -10.34
N ILE C 465 2.44 -11.05 -9.42
CA ILE C 465 1.75 -10.97 -8.13
C ILE C 465 2.25 -12.04 -7.16
N THR C 466 3.39 -11.76 -6.55
CA THR C 466 3.94 -12.69 -5.58
C THR C 466 3.39 -12.26 -4.23
N THR C 467 3.37 -13.19 -3.30
CA THR C 467 2.86 -12.90 -1.97
C THR C 467 4.02 -13.14 -1.03
N VAL C 468 4.01 -12.47 0.11
CA VAL C 468 5.08 -12.65 1.08
C VAL C 468 4.56 -12.46 2.47
N SER C 469 4.78 -13.42 3.35
CA SER C 469 4.29 -13.27 4.72
C SER C 469 5.06 -12.11 5.28
N GLU C 470 4.37 -11.24 5.99
CA GLU C 470 4.98 -10.07 6.57
C GLU C 470 4.49 -9.93 7.99
N ASN C 471 5.42 -9.74 8.92
CA ASN C 471 5.06 -9.58 10.34
C ASN C 471 4.64 -8.16 10.64
N VAL C 472 3.62 -8.00 11.46
CA VAL C 472 3.14 -6.67 11.79
C VAL C 472 2.68 -6.56 13.24
N PRO C 473 3.04 -5.46 13.92
CA PRO C 473 2.62 -5.30 15.30
C PRO C 473 1.11 -5.23 15.30
N ALA C 474 0.49 -5.82 16.32
CA ALA C 474 -0.96 -5.83 16.40
C ALA C 474 -1.48 -5.18 17.66
N LEU C 475 -2.04 -4.00 17.49
CA LEU C 475 -2.62 -3.25 18.59
C LEU C 475 -4.05 -3.73 18.73
N THR C 476 -4.19 -4.86 19.40
CA THR C 476 -5.48 -5.46 19.61
C THR C 476 -6.17 -4.91 20.86
N ASP C 477 -7.43 -5.30 21.07
CA ASP C 477 -8.18 -4.82 22.23
C ASP C 477 -9.23 -5.84 22.68
N HIS C 478 -8.99 -6.43 23.83
CA HIS C 478 -9.92 -7.41 24.36
C HIS C 478 -10.88 -6.64 25.20
N GLY C 479 -11.94 -7.29 25.66
CA GLY C 479 -12.89 -6.52 26.44
C GLY C 479 -12.55 -6.38 27.90
N THR C 480 -13.48 -5.84 28.68
CA THR C 480 -13.29 -5.75 30.11
C THR C 480 -13.42 -7.19 30.61
N LEU C 481 -12.53 -7.60 31.50
CA LEU C 481 -12.56 -8.96 32.05
C LEU C 481 -12.58 -8.86 33.55
N PRO C 482 -13.18 -9.83 34.22
CA PRO C 482 -13.23 -9.77 35.68
C PRO C 482 -11.83 -9.87 36.27
N LEU C 483 -11.60 -9.20 37.40
CA LEU C 483 -10.30 -9.22 38.07
C LEU C 483 -10.41 -9.83 39.46
N ARG C 484 -9.27 -10.18 40.06
CA ARG C 484 -9.30 -10.70 41.41
C ARG C 484 -9.17 -9.45 42.25
N ASN C 485 -9.77 -9.43 43.44
CA ASN C 485 -9.69 -8.22 44.22
C ASN C 485 -8.35 -8.03 44.90
N SER C 486 -7.41 -8.93 44.62
CA SER C 486 -6.10 -8.85 45.24
C SER C 486 -5.11 -9.27 44.20
N ILE C 487 -4.52 -8.29 43.55
CA ILE C 487 -3.56 -8.56 42.51
C ILE C 487 -2.13 -8.72 43.02
N GLY C 488 -1.59 -9.91 42.76
CA GLY C 488 -0.24 -10.23 43.20
C GLY C 488 0.83 -9.33 42.63
N GLY C 489 1.92 -9.21 43.38
CA GLY C 489 3.01 -8.37 42.94
C GLY C 489 3.58 -8.85 41.62
N VAL C 490 3.66 -10.16 41.44
CA VAL C 490 4.20 -10.67 40.19
C VAL C 490 3.13 -11.42 39.46
N GLN C 491 2.89 -10.99 38.24
CA GLN C 491 1.88 -11.62 37.41
C GLN C 491 2.59 -12.43 36.38
N ARG C 492 1.92 -13.47 35.91
CA ARG C 492 2.50 -14.31 34.89
C ARG C 492 1.71 -14.10 33.61
N VAL C 493 2.43 -13.76 32.53
CA VAL C 493 1.80 -13.53 31.24
C VAL C 493 2.11 -14.70 30.33
N THR C 494 1.14 -15.12 29.52
CA THR C 494 1.35 -16.28 28.65
C THR C 494 0.57 -16.32 27.35
N ILE C 495 1.29 -16.27 26.24
CA ILE C 495 0.66 -16.34 24.95
C ILE C 495 0.85 -17.74 24.41
N THR C 496 -0.25 -18.38 24.07
CA THR C 496 -0.21 -19.75 23.58
C THR C 496 -0.74 -19.81 22.16
N ASP C 497 -0.57 -20.96 21.52
CA ASP C 497 -1.05 -21.08 20.15
C ASP C 497 -2.17 -22.08 20.08
N ALA C 498 -2.70 -22.27 18.88
CA ALA C 498 -3.79 -23.20 18.68
C ALA C 498 -3.68 -24.51 19.45
N ARG C 499 -2.50 -25.12 19.42
CA ARG C 499 -2.29 -26.40 20.08
C ARG C 499 -1.89 -26.24 21.54
N ARG C 500 -1.81 -25.01 21.99
CA ARG C 500 -1.46 -24.73 23.37
C ARG C 500 -0.01 -25.00 23.68
N ARG C 501 0.83 -24.06 23.32
CA ARG C 501 2.26 -24.16 23.56
C ARG C 501 2.84 -22.79 23.27
N THR C 502 3.80 -22.37 24.09
CA THR C 502 4.39 -21.07 23.87
C THR C 502 4.77 -20.95 22.41
N CYS C 503 4.87 -19.72 21.94
CA CYS C 503 5.23 -19.48 20.55
C CYS C 503 6.54 -18.72 20.51
N PRO C 504 7.62 -19.42 20.15
CA PRO C 504 8.98 -18.88 20.06
C PRO C 504 9.15 -17.60 19.29
N TYR C 505 8.26 -17.37 18.34
CA TYR C 505 8.40 -16.17 17.53
C TYR C 505 7.86 -14.85 18.04
N VAL C 506 7.70 -14.72 19.34
CA VAL C 506 7.19 -13.45 19.85
C VAL C 506 8.34 -12.56 20.30
N TYR C 507 8.40 -11.36 19.75
CA TYR C 507 9.46 -10.45 20.14
C TYR C 507 8.96 -9.47 21.19
N LYS C 508 7.71 -9.08 21.11
CA LYS C 508 7.22 -8.13 22.09
C LYS C 508 5.79 -8.39 22.43
N ALA C 509 5.52 -8.46 23.71
CA ALA C 509 4.17 -8.68 24.18
C ALA C 509 4.07 -7.86 25.43
N LEU C 510 2.97 -7.14 25.57
CA LEU C 510 2.76 -6.33 26.77
C LEU C 510 1.34 -5.85 26.74
N GLY C 511 0.77 -5.67 27.93
CA GLY C 511 -0.60 -5.23 27.96
C GLY C 511 -0.84 -4.22 29.05
N ILE C 512 -1.94 -3.49 28.87
CA ILE C 512 -2.33 -2.46 29.81
C ILE C 512 -3.71 -2.79 30.35
N VAL C 513 -3.84 -2.85 31.67
CA VAL C 513 -5.13 -3.15 32.27
C VAL C 513 -5.63 -1.98 33.05
N SER C 514 -6.91 -1.68 32.87
CA SER C 514 -7.53 -0.55 33.52
C SER C 514 -8.76 -1.00 34.29
N PRO C 515 -8.60 -1.32 35.57
CA PRO C 515 -9.71 -1.78 36.39
C PRO C 515 -10.80 -0.76 36.64
N ARG C 516 -12.00 -1.25 36.92
CA ARG C 516 -13.14 -0.40 37.22
C ARG C 516 -14.28 -1.24 37.76
N VAL C 517 -15.10 -0.62 38.60
CA VAL C 517 -16.21 -1.30 39.25
C VAL C 517 -17.26 -1.91 38.36
N LEU C 518 -17.92 -2.95 38.83
CA LEU C 518 -18.95 -3.60 38.06
C LEU C 518 -20.23 -3.87 38.81
N SER C 519 -20.15 -3.97 40.14
CA SER C 519 -21.33 -4.22 40.98
C SER C 519 -20.80 -4.45 42.37
N SER C 520 -21.67 -4.62 43.37
CA SER C 520 -21.14 -4.86 44.70
C SER C 520 -21.56 -6.18 45.35
N ARG C 521 -20.91 -6.53 46.44
CA ARG C 521 -21.22 -7.76 47.17
C ARG C 521 -22.21 -7.51 48.32
N ARG D 4 -22.48 20.64 42.06
CA ARG D 4 -22.56 19.14 41.99
C ARG D 4 -21.47 18.53 41.07
N ASN D 5 -21.22 19.24 39.96
CA ASN D 5 -20.29 18.80 38.93
C ASN D 5 -19.83 19.99 38.09
N SER D 6 -19.49 21.08 38.72
CA SER D 6 -19.06 22.27 38.00
C SER D 6 -17.65 22.13 37.45
N ILE D 7 -17.13 23.21 36.89
CA ILE D 7 -15.79 23.29 36.34
C ILE D 7 -15.59 24.77 36.28
N ARG D 8 -14.90 25.31 37.27
CA ARG D 8 -14.69 26.74 37.36
C ARG D 8 -13.31 27.21 36.96
N TYR D 9 -13.24 28.45 36.51
CA TYR D 9 -11.98 29.07 36.13
C TYR D 9 -11.98 30.53 36.51
N SER D 10 -10.86 30.99 37.09
CA SER D 10 -10.71 32.39 37.53
C SER D 10 -12.08 33.02 37.60
N GLU D 11 -12.31 33.94 36.69
CA GLU D 11 -13.57 34.63 36.66
C GLU D 11 -14.17 34.53 35.27
N LEU D 12 -14.83 33.41 35.03
CA LEU D 12 -15.54 33.16 33.78
C LEU D 12 -16.75 32.34 34.18
N ALA D 13 -17.76 32.33 33.33
CA ALA D 13 -18.96 31.56 33.64
C ALA D 13 -18.57 30.12 33.97
N PRO D 14 -19.22 29.53 34.97
CA PRO D 14 -18.87 28.15 35.28
C PRO D 14 -19.38 27.24 34.17
N LEU D 15 -18.64 26.16 33.91
CA LEU D 15 -19.02 25.21 32.88
C LEU D 15 -19.38 23.92 33.56
N PHE D 16 -20.27 23.14 32.94
CA PHE D 16 -20.68 21.90 33.57
C PHE D 16 -20.56 20.64 32.76
N ASP D 17 -20.31 19.56 33.48
CA ASP D 17 -20.23 18.23 32.93
C ASP D 17 -19.02 17.80 32.16
N THR D 18 -18.39 18.72 31.44
CA THR D 18 -17.21 18.34 30.69
C THR D 18 -16.74 19.46 29.82
N THR D 19 -15.55 19.29 29.25
CA THR D 19 -14.97 20.30 28.40
C THR D 19 -13.65 19.77 27.92
N ARG D 20 -12.73 20.66 27.52
CA ARG D 20 -11.45 20.18 27.02
C ARG D 20 -10.27 21.05 27.38
N VAL D 21 -9.23 20.42 27.90
CA VAL D 21 -8.03 21.16 28.23
C VAL D 21 -7.07 20.66 27.20
N TYR D 22 -6.26 21.56 26.63
CA TYR D 22 -5.35 21.11 25.60
C TYR D 22 -3.88 21.19 25.95
N LEU D 23 -3.18 20.08 25.77
CA LEU D 23 -1.76 20.04 26.03
C LEU D 23 -1.11 20.16 24.67
N VAL D 24 -0.41 21.27 24.43
CA VAL D 24 0.23 21.46 23.13
C VAL D 24 1.54 22.24 23.21
N ASP D 25 2.55 21.79 22.49
CA ASP D 25 3.88 22.43 22.47
C ASP D 25 3.99 23.74 21.68
N ASN D 26 3.46 23.73 20.46
CA ASN D 26 3.46 24.86 19.53
C ASN D 26 3.25 26.28 20.02
N LYS D 27 2.24 26.50 20.88
CA LYS D 27 1.93 27.85 21.38
C LYS D 27 3.10 28.83 21.26
N SER D 28 2.88 29.97 20.62
CA SER D 28 3.96 30.93 20.40
C SER D 28 4.56 31.53 21.67
N THR D 29 3.70 31.88 22.62
CA THR D 29 4.12 32.50 23.89
C THR D 29 5.06 31.69 24.77
N ASP D 30 4.59 30.52 25.17
CA ASP D 30 5.32 29.60 26.05
C ASP D 30 6.67 29.11 25.50
N VAL D 31 6.72 28.85 24.20
CA VAL D 31 7.95 28.40 23.55
C VAL D 31 9.00 29.44 23.85
N ALA D 32 8.65 30.70 23.61
CA ALA D 32 9.53 31.83 23.85
C ALA D 32 10.08 31.74 25.28
N SER D 33 9.17 31.90 26.25
CA SER D 33 9.54 31.84 27.65
C SER D 33 9.89 30.44 28.16
N LEU D 34 8.87 29.75 28.69
CA LEU D 34 9.01 28.41 29.26
C LEU D 34 10.08 27.45 28.73
N ASN D 35 9.68 26.53 27.85
CA ASN D 35 10.63 25.57 27.29
C ASN D 35 11.64 26.41 26.56
N TYR D 36 12.81 25.86 26.33
CA TYR D 36 13.84 26.59 25.64
C TYR D 36 14.88 25.54 25.58
N GLN D 37 15.36 25.18 26.75
CA GLN D 37 16.37 24.17 26.84
C GLN D 37 15.72 22.78 26.82
N ASN D 38 14.43 22.74 26.51
CA ASN D 38 13.70 21.47 26.45
C ASN D 38 13.50 21.04 25.01
N ASP D 39 12.77 19.94 24.80
CA ASP D 39 12.47 19.44 23.47
C ASP D 39 11.11 18.73 23.47
N HIS D 40 10.60 18.37 22.30
CA HIS D 40 9.30 17.74 22.21
C HIS D 40 9.23 16.37 22.86
N SER D 41 9.54 16.29 24.13
CA SER D 41 9.50 14.99 24.77
C SER D 41 9.65 15.27 26.23
N ASN D 42 9.77 16.55 26.53
CA ASN D 42 9.91 16.96 27.89
C ASN D 42 9.74 18.44 27.82
N PHE D 43 8.51 18.91 27.90
CA PHE D 43 8.27 20.33 27.81
C PHE D 43 7.16 20.81 28.70
N LEU D 44 7.05 22.12 28.82
CA LEU D 44 6.01 22.70 29.62
C LEU D 44 5.05 23.32 28.66
N THR D 45 3.84 23.58 29.11
CA THR D 45 2.85 24.21 28.26
C THR D 45 1.79 24.76 29.18
N THR D 46 1.17 25.86 28.78
CA THR D 46 0.14 26.44 29.60
C THR D 46 -1.15 25.81 29.13
N VAL D 47 -2.00 25.43 30.07
CA VAL D 47 -3.27 24.85 29.69
C VAL D 47 -4.27 25.95 29.61
N ILE D 48 -3.92 27.10 30.18
CA ILE D 48 -4.78 28.26 30.20
C ILE D 48 -5.49 28.63 28.92
N GLN D 49 -4.78 28.83 27.82
CA GLN D 49 -5.47 29.19 26.57
C GLN D 49 -6.23 30.52 26.62
N ASN D 50 -5.95 31.41 27.56
CA ASN D 50 -6.62 32.70 27.60
C ASN D 50 -5.64 33.74 27.14
N ASN D 51 -5.98 34.37 26.03
CA ASN D 51 -5.17 35.39 25.40
C ASN D 51 -4.54 36.46 26.30
N ASP D 52 -5.22 36.92 27.36
CA ASP D 52 -4.61 37.90 28.26
C ASP D 52 -3.69 37.10 29.14
N TYR D 53 -3.15 37.72 30.18
CA TYR D 53 -2.27 36.99 31.09
C TYR D 53 -0.95 36.44 30.55
N SER D 54 0.12 36.94 31.13
CA SER D 54 1.45 36.53 30.75
C SER D 54 1.66 35.10 31.17
N PRO D 55 2.18 34.26 30.25
CA PRO D 55 2.40 32.87 30.67
C PRO D 55 3.18 33.02 31.96
N GLY D 56 3.14 32.02 32.82
CA GLY D 56 3.83 32.16 34.08
C GLY D 56 2.80 32.77 35.00
N GLU D 57 2.36 34.00 34.69
CA GLU D 57 1.32 34.60 35.51
C GLU D 57 0.11 33.72 35.29
N ALA D 58 0.13 33.00 34.19
CA ALA D 58 -0.93 32.07 33.86
C ALA D 58 -0.75 30.98 34.87
N SER D 59 0.50 30.53 34.99
CA SER D 59 0.85 29.49 35.93
C SER D 59 0.18 29.63 37.28
N THR D 60 -0.13 30.86 37.66
CA THR D 60 -0.78 31.06 38.93
C THR D 60 -2.19 30.50 38.93
N GLN D 61 -2.94 30.82 37.87
CA GLN D 61 -4.31 30.37 37.75
C GLN D 61 -4.46 28.87 37.76
N THR D 62 -5.70 28.41 37.85
CA THR D 62 -5.97 26.98 37.87
C THR D 62 -7.36 26.64 37.42
N ILE D 63 -7.47 25.49 36.77
CA ILE D 63 -8.75 25.01 36.32
C ILE D 63 -9.23 24.12 37.46
N ASN D 64 -10.38 24.42 38.03
CA ASN D 64 -10.89 23.60 39.14
C ASN D 64 -12.06 22.73 38.79
N LEU D 65 -11.88 21.42 38.92
CA LEU D 65 -12.98 20.53 38.63
C LEU D 65 -13.69 20.39 39.95
N ASP D 66 -15.00 20.65 39.97
CA ASP D 66 -15.77 20.58 41.21
C ASP D 66 -15.13 19.64 42.19
N ASP D 67 -15.03 20.11 43.42
CA ASP D 67 -14.41 19.37 44.47
C ASP D 67 -15.22 18.18 44.97
N ARG D 68 -16.53 18.31 45.00
CA ARG D 68 -17.37 17.24 45.50
C ARG D 68 -17.36 15.93 44.72
N SER D 69 -16.67 15.87 43.59
CA SER D 69 -16.66 14.63 42.81
C SER D 69 -15.27 14.22 42.35
N HIS D 70 -15.03 12.92 42.15
CA HIS D 70 -13.73 12.47 41.66
C HIS D 70 -13.82 12.50 40.16
N TRP D 71 -12.96 13.29 39.52
CA TRP D 71 -13.01 13.39 38.08
C TRP D 71 -12.03 12.49 37.38
N GLY D 72 -12.21 12.36 36.07
CA GLY D 72 -11.32 11.57 35.26
C GLY D 72 -11.35 12.22 33.89
N GLY D 73 -10.39 11.91 33.03
CA GLY D 73 -10.42 12.51 31.70
C GLY D 73 -9.95 11.56 30.63
N ASP D 74 -10.55 11.63 29.45
CA ASP D 74 -10.16 10.77 28.34
C ASP D 74 -8.92 11.44 27.80
N LEU D 75 -7.89 10.66 27.49
CA LEU D 75 -6.68 11.25 26.99
C LEU D 75 -6.25 10.66 25.68
N LYS D 76 -6.53 11.35 24.57
CA LYS D 76 -6.07 10.83 23.30
C LYS D 76 -4.91 11.71 22.94
N THR D 77 -3.92 11.14 22.26
CA THR D 77 -2.76 11.91 21.90
C THR D 77 -2.34 11.69 20.48
N ILE D 78 -1.56 12.63 19.99
CA ILE D 78 -1.06 12.59 18.64
C ILE D 78 0.45 12.64 18.74
N LEU D 79 1.09 11.51 18.47
CA LEU D 79 2.55 11.45 18.55
C LEU D 79 3.14 11.23 17.18
N HIS D 80 4.23 11.95 16.88
CA HIS D 80 4.90 11.81 15.59
C HIS D 80 6.39 11.96 15.69
N THR D 81 7.10 10.93 15.25
CA THR D 81 8.55 10.97 15.32
C THR D 81 9.19 11.04 13.95
N ASN D 82 10.42 10.58 13.89
CA ASN D 82 11.18 10.57 12.64
C ASN D 82 12.57 10.08 13.01
N MET D 83 12.58 8.95 13.69
CA MET D 83 13.80 8.35 14.13
C MET D 83 14.38 7.44 13.06
N PRO D 84 15.68 7.51 12.86
CA PRO D 84 16.44 6.74 11.91
C PRO D 84 16.62 5.28 12.22
N ASN D 85 16.50 4.52 11.15
CA ASN D 85 16.68 3.09 11.17
C ASN D 85 17.89 2.80 12.03
N VAL D 86 18.99 3.40 11.63
CA VAL D 86 20.24 3.20 12.33
C VAL D 86 20.78 4.42 13.01
N ASN D 87 20.70 4.44 14.33
CA ASN D 87 21.25 5.58 15.04
C ASN D 87 21.89 5.18 16.35
N GLU D 88 22.58 6.13 16.96
CA GLU D 88 23.29 5.86 18.19
C GLU D 88 22.44 5.66 19.42
N PHE D 89 21.41 6.48 19.56
CA PHE D 89 20.55 6.39 20.74
C PHE D 89 19.81 5.07 20.86
N MET D 90 19.38 4.52 19.73
CA MET D 90 18.65 3.26 19.78
C MET D 90 19.56 2.05 19.80
N PHE D 91 20.86 2.26 19.66
CA PHE D 91 21.82 1.17 19.67
C PHE D 91 21.77 0.38 18.39
N THR D 92 21.86 1.06 17.27
CA THR D 92 21.83 0.35 16.01
C THR D 92 22.98 0.82 15.14
N ASN D 93 23.90 1.57 15.72
CA ASN D 93 25.02 2.06 14.94
C ASN D 93 26.35 1.45 15.35
N LYS D 94 26.32 0.51 16.29
CA LYS D 94 27.56 -0.13 16.71
C LYS D 94 27.37 -1.63 16.76
N PHE D 95 28.47 -2.37 16.85
CA PHE D 95 28.40 -3.82 16.94
C PHE D 95 29.80 -4.38 16.99
N LYS D 96 30.04 -5.20 17.99
CA LYS D 96 31.35 -5.81 18.19
C LYS D 96 31.50 -7.08 17.37
N ALA D 97 32.69 -7.29 16.84
CA ALA D 97 33.02 -8.47 16.06
C ALA D 97 34.50 -8.71 16.27
N ARG D 98 34.92 -9.96 16.14
CA ARG D 98 36.32 -10.29 16.31
C ARG D 98 36.95 -10.59 14.98
N VAL D 99 37.99 -9.84 14.63
CA VAL D 99 38.64 -10.03 13.36
C VAL D 99 40.13 -10.31 13.52
N MET D 100 40.76 -10.66 12.41
CA MET D 100 42.18 -10.91 12.47
C MET D 100 42.91 -9.59 12.38
N VAL D 101 43.89 -9.44 13.25
CA VAL D 101 44.66 -8.22 13.30
C VAL D 101 46.01 -8.39 12.62
N SER D 102 46.72 -9.47 12.92
CA SER D 102 48.04 -9.71 12.33
C SER D 102 48.36 -11.13 11.90
N ARG D 103 49.05 -11.22 10.77
CA ARG D 103 49.49 -12.48 10.19
C ARG D 103 51.00 -12.34 10.15
N SER D 104 51.72 -13.19 10.89
CA SER D 104 53.18 -13.07 10.90
C SER D 104 54.00 -14.36 10.73
N LEU D 105 55.26 -14.15 10.34
CA LEU D 105 56.25 -15.20 10.14
C LEU D 105 57.05 -15.13 11.44
N THR D 106 56.94 -16.15 12.31
CA THR D 106 57.64 -16.07 13.58
C THR D 106 58.49 -17.26 14.03
N LYS D 107 59.39 -16.95 14.97
CA LYS D 107 60.34 -17.87 15.59
C LYS D 107 60.70 -19.04 14.67
N ASP D 108 61.27 -18.66 13.53
CA ASP D 108 61.73 -19.56 12.48
C ASP D 108 60.63 -20.26 11.63
N LYS D 109 59.80 -21.10 12.25
CA LYS D 109 58.76 -21.85 11.51
C LYS D 109 57.26 -21.61 11.83
N GLN D 110 56.98 -20.96 12.95
CA GLN D 110 55.62 -20.66 13.37
C GLN D 110 54.85 -19.61 12.55
N VAL D 111 53.55 -19.85 12.36
CA VAL D 111 52.64 -18.94 11.67
C VAL D 111 51.85 -18.35 12.84
N GLU D 112 52.13 -17.11 13.20
CA GLU D 112 51.44 -16.51 14.33
C GLU D 112 50.24 -15.64 13.95
N LEU D 113 49.06 -16.13 14.29
CA LEU D 113 47.82 -15.44 14.03
C LEU D 113 47.31 -14.76 15.30
N LYS D 114 47.13 -13.44 15.23
CA LYS D 114 46.64 -12.69 16.35
C LYS D 114 45.28 -12.08 16.02
N TYR D 115 44.27 -12.48 16.81
CA TYR D 115 42.91 -12.00 16.63
C TYR D 115 42.52 -11.11 17.81
N GLU D 116 41.61 -10.16 17.57
CA GLU D 116 41.15 -9.28 18.62
C GLU D 116 39.72 -8.77 18.38
N TRP D 117 39.02 -8.41 19.46
CA TRP D 117 37.66 -7.89 19.33
C TRP D 117 37.73 -6.42 19.07
N VAL D 118 36.79 -5.93 18.29
CA VAL D 118 36.77 -4.52 18.01
C VAL D 118 35.36 -4.10 17.64
N GLU D 119 35.01 -2.90 18.05
CA GLU D 119 33.67 -2.36 17.82
C GLU D 119 33.60 -1.37 16.68
N PHE D 120 32.91 -1.75 15.61
CA PHE D 120 32.79 -0.87 14.45
C PHE D 120 31.50 -0.10 14.55
N THR D 121 31.49 1.12 14.02
CA THR D 121 30.30 1.95 14.06
C THR D 121 29.81 2.29 12.67
N LEU D 122 28.54 2.62 12.58
CA LEU D 122 27.94 2.97 11.30
C LEU D 122 27.50 4.41 11.30
N PRO D 123 27.40 5.00 10.12
CA PRO D 123 26.99 6.39 9.96
C PRO D 123 25.46 6.54 10.02
N GLU D 124 24.97 6.99 11.16
CA GLU D 124 23.53 7.15 11.38
C GLU D 124 22.68 7.38 10.13
N GLY D 125 21.43 6.90 10.19
CA GLY D 125 20.50 7.10 9.08
C GLY D 125 20.23 5.92 8.19
N ASN D 126 21.15 5.74 7.21
CA ASN D 126 21.18 4.69 6.16
C ASN D 126 20.27 3.47 6.31
N TYR D 127 19.00 3.71 6.00
CA TYR D 127 17.96 2.73 6.08
C TYR D 127 18.11 1.50 5.20
N SER D 128 17.00 0.81 4.97
CA SER D 128 16.99 -0.39 4.14
C SER D 128 17.83 -1.44 4.78
N GLU D 129 17.38 -2.69 4.73
CA GLU D 129 18.16 -3.71 5.37
C GLU D 129 19.39 -4.07 4.59
N THR D 130 19.20 -4.44 3.33
CA THR D 130 20.34 -4.83 2.54
C THR D 130 21.46 -3.85 2.68
N MET D 131 21.19 -2.60 2.38
CA MET D 131 22.24 -1.63 2.48
C MET D 131 22.88 -1.60 3.86
N THR D 132 22.09 -1.85 4.89
CA THR D 132 22.62 -1.85 6.23
C THR D 132 23.64 -2.94 6.35
N ILE D 133 23.37 -4.07 5.72
CA ILE D 133 24.29 -5.18 5.75
C ILE D 133 25.58 -4.65 5.16
N ASP D 134 25.50 -4.20 3.93
CA ASP D 134 26.65 -3.66 3.21
C ASP D 134 27.48 -2.71 4.06
N LEU D 135 26.81 -1.76 4.71
CA LEU D 135 27.54 -0.82 5.54
C LEU D 135 28.31 -1.52 6.62
N MET D 136 27.77 -2.64 7.09
CA MET D 136 28.46 -3.42 8.10
C MET D 136 29.68 -4.06 7.47
N ASN D 137 29.46 -4.87 6.43
CA ASN D 137 30.58 -5.51 5.76
C ASN D 137 31.66 -4.48 5.48
N ASN D 138 31.26 -3.31 5.01
CA ASN D 138 32.20 -2.25 4.71
C ASN D 138 32.99 -1.84 5.94
N ALA D 139 32.34 -1.78 7.10
CA ALA D 139 33.04 -1.40 8.30
C ALA D 139 34.07 -2.45 8.69
N ILE D 140 33.82 -3.70 8.35
CA ILE D 140 34.78 -4.76 8.66
C ILE D 140 36.03 -4.44 7.87
N VAL D 141 35.80 -4.13 6.59
CA VAL D 141 36.85 -3.78 5.65
C VAL D 141 37.59 -2.52 6.10
N GLU D 142 36.87 -1.41 6.19
CA GLU D 142 37.46 -0.14 6.60
C GLU D 142 38.46 -0.31 7.73
N HIS D 143 38.23 -1.31 8.56
CA HIS D 143 39.11 -1.59 9.67
C HIS D 143 40.35 -2.30 9.16
N TYR D 144 40.14 -3.33 8.33
CA TYR D 144 41.24 -4.06 7.73
C TYR D 144 42.16 -3.05 7.06
N LEU D 145 41.56 -2.04 6.44
CA LEU D 145 42.34 -1.00 5.77
C LEU D 145 43.20 -0.21 6.72
N LYS D 146 42.82 -0.15 7.99
CA LYS D 146 43.61 0.62 8.93
C LYS D 146 44.50 -0.23 9.81
N VAL D 147 44.30 -1.54 9.77
CA VAL D 147 45.11 -2.40 10.59
C VAL D 147 45.51 -3.69 9.92
N GLY D 148 44.52 -4.35 9.32
CA GLY D 148 44.77 -5.61 8.66
C GLY D 148 46.02 -5.68 7.79
N ARG D 149 45.88 -5.30 6.54
CA ARG D 149 46.98 -5.36 5.59
C ARG D 149 48.32 -4.95 6.19
N GLN D 150 48.36 -3.77 6.79
CA GLN D 150 49.61 -3.32 7.34
C GLN D 150 50.07 -4.06 8.58
N ASN D 151 49.90 -5.37 8.56
CA ASN D 151 50.30 -6.21 9.68
C ASN D 151 50.21 -7.66 9.23
N GLY D 152 50.36 -7.85 7.93
CA GLY D 152 50.29 -9.19 7.36
C GLY D 152 48.94 -9.44 6.74
N VAL D 153 48.14 -10.21 7.45
CA VAL D 153 46.79 -10.58 7.05
C VAL D 153 46.31 -10.16 5.65
N LEU D 154 46.14 -11.16 4.79
CA LEU D 154 45.70 -10.94 3.42
C LEU D 154 44.20 -10.81 3.40
N GLU D 155 43.66 -10.59 2.22
CA GLU D 155 42.22 -10.49 2.04
C GLU D 155 41.72 -11.92 2.19
N SER D 156 42.47 -12.84 1.61
CA SER D 156 42.16 -14.26 1.65
C SER D 156 41.67 -14.71 3.03
N ASP D 157 42.22 -14.10 4.06
CA ASP D 157 41.85 -14.49 5.41
C ASP D 157 41.14 -13.39 6.24
N ILE D 158 40.14 -12.78 5.63
CA ILE D 158 39.36 -11.74 6.31
C ILE D 158 38.28 -12.45 7.12
N GLY D 159 38.34 -12.30 8.43
CA GLY D 159 37.34 -12.96 9.27
C GLY D 159 36.05 -12.19 9.46
N VAL D 160 34.91 -12.87 9.30
CA VAL D 160 33.62 -12.21 9.49
C VAL D 160 33.07 -11.41 8.32
N LYS D 161 31.98 -11.91 7.77
CA LYS D 161 31.34 -11.21 6.70
C LYS D 161 29.89 -11.61 6.68
N PHE D 162 29.01 -10.60 6.64
CA PHE D 162 27.59 -10.83 6.62
C PHE D 162 27.19 -10.98 5.17
N ASP D 163 26.53 -12.09 4.88
CA ASP D 163 26.08 -12.40 3.53
C ASP D 163 24.60 -12.68 3.68
N THR D 164 23.99 -13.22 2.64
CA THR D 164 22.57 -13.51 2.67
C THR D 164 22.18 -14.64 1.72
N ARG D 165 23.06 -15.61 1.50
CA ARG D 165 22.68 -16.69 0.59
C ARG D 165 22.94 -18.07 1.14
N ASN D 166 22.38 -19.04 0.43
CA ASN D 166 22.49 -20.43 0.84
C ASN D 166 23.65 -21.15 0.19
N PHE D 167 24.85 -20.93 0.72
CA PHE D 167 26.03 -21.59 0.16
C PHE D 167 25.79 -23.07 0.33
N ARG D 168 25.07 -23.68 -0.61
CA ARG D 168 24.80 -25.09 -0.48
C ARG D 168 23.73 -25.48 -1.44
N LEU D 169 23.35 -24.56 -2.31
CA LEU D 169 22.32 -24.95 -3.24
C LEU D 169 22.85 -25.89 -4.31
N GLY D 170 24.01 -25.55 -4.87
CA GLY D 170 24.58 -26.41 -5.89
C GLY D 170 24.93 -27.81 -5.38
N PHE D 171 25.51 -27.86 -4.20
CA PHE D 171 25.95 -29.09 -3.55
C PHE D 171 25.40 -30.41 -4.06
N ASP D 172 26.32 -31.33 -4.28
CA ASP D 172 26.05 -32.68 -4.76
C ASP D 172 26.51 -33.66 -3.68
N PRO D 173 25.57 -34.43 -3.13
CA PRO D 173 25.86 -35.42 -2.08
C PRO D 173 26.99 -36.40 -2.35
N VAL D 174 27.41 -36.53 -3.59
CA VAL D 174 28.49 -37.46 -3.92
C VAL D 174 29.80 -36.70 -4.11
N THR D 175 29.77 -35.77 -5.05
CA THR D 175 30.91 -34.93 -5.36
C THR D 175 31.47 -34.25 -4.11
N GLY D 176 30.59 -33.75 -3.28
CA GLY D 176 31.03 -33.06 -2.09
C GLY D 176 31.31 -31.64 -2.52
N LEU D 177 30.81 -31.25 -3.69
CA LEU D 177 31.04 -29.91 -4.19
C LEU D 177 29.83 -29.23 -4.81
N VAL D 178 29.91 -27.90 -4.91
CA VAL D 178 28.85 -27.11 -5.49
C VAL D 178 29.08 -27.13 -6.99
N MET D 179 28.68 -28.23 -7.61
CA MET D 179 28.84 -28.46 -9.05
C MET D 179 28.88 -27.26 -9.99
N PRO D 180 27.95 -26.33 -9.84
CA PRO D 180 27.87 -25.14 -10.70
C PRO D 180 29.15 -24.32 -10.78
N GLY D 181 30.04 -24.51 -9.82
CA GLY D 181 31.29 -23.76 -9.81
C GLY D 181 31.09 -22.36 -9.29
N VAL D 182 29.86 -22.11 -8.83
CA VAL D 182 29.49 -20.81 -8.32
C VAL D 182 28.43 -20.98 -7.22
N TYR D 183 28.57 -20.24 -6.14
CA TYR D 183 27.57 -20.33 -5.09
C TYR D 183 26.37 -19.60 -5.65
N THR D 184 25.34 -20.36 -5.98
CA THR D 184 24.14 -19.79 -6.58
C THR D 184 23.75 -18.45 -5.94
N ASN D 185 23.95 -17.40 -6.72
CA ASN D 185 23.74 -16.01 -6.33
C ASN D 185 22.35 -15.48 -6.01
N GLU D 186 21.57 -16.21 -5.21
CA GLU D 186 20.27 -15.70 -4.83
C GLU D 186 20.18 -15.54 -3.32
N ALA D 187 19.47 -14.50 -2.90
CA ALA D 187 19.33 -14.15 -1.48
C ALA D 187 18.18 -14.82 -0.75
N PHE D 188 18.48 -15.47 0.37
CA PHE D 188 17.47 -16.18 1.12
C PHE D 188 17.21 -15.63 2.51
N HIS D 189 18.28 -15.28 3.21
CA HIS D 189 18.15 -14.74 4.55
C HIS D 189 19.49 -14.25 5.01
N PRO D 190 19.51 -13.21 5.83
CA PRO D 190 20.85 -12.81 6.23
C PRO D 190 21.50 -13.83 7.12
N ASP D 191 22.81 -13.97 7.03
CA ASP D 191 23.53 -14.86 7.93
C ASP D 191 24.91 -14.29 8.03
N ILE D 192 25.68 -14.79 8.97
CA ILE D 192 27.01 -14.26 9.15
C ILE D 192 28.00 -15.38 9.00
N ILE D 193 29.03 -15.14 8.21
CA ILE D 193 30.06 -16.12 7.95
C ILE D 193 31.32 -15.84 8.73
N LEU D 194 31.94 -16.89 9.23
CA LEU D 194 33.15 -16.71 10.00
C LEU D 194 34.30 -17.60 9.60
N LEU D 195 35.50 -17.09 9.88
CA LEU D 195 36.73 -17.83 9.60
C LEU D 195 37.20 -18.40 10.92
N PRO D 196 38.11 -19.36 10.89
CA PRO D 196 38.56 -19.91 12.16
C PRO D 196 38.96 -18.79 13.09
N GLY D 197 38.86 -19.05 14.38
CA GLY D 197 39.26 -18.06 15.35
C GLY D 197 38.49 -16.76 15.55
N CYS D 198 37.68 -16.32 14.61
CA CYS D 198 36.96 -15.07 14.86
C CYS D 198 35.45 -15.23 15.12
N GLY D 199 34.70 -14.14 15.07
CA GLY D 199 33.26 -14.20 15.32
C GLY D 199 32.65 -12.84 15.67
N VAL D 200 31.35 -12.78 15.92
CA VAL D 200 30.71 -11.50 16.26
C VAL D 200 29.93 -11.52 17.57
N ASP D 201 29.70 -10.33 18.11
CA ASP D 201 28.99 -10.15 19.37
C ASP D 201 27.98 -9.00 19.28
N PHE D 202 26.73 -9.23 19.67
CA PHE D 202 25.74 -8.17 19.59
C PHE D 202 25.22 -7.73 20.94
N THR D 203 25.78 -8.32 21.99
CA THR D 203 25.40 -8.02 23.36
C THR D 203 24.86 -6.60 23.56
N HIS D 204 25.45 -5.63 22.88
CA HIS D 204 24.97 -4.25 23.02
C HIS D 204 24.53 -3.70 21.68
N SER D 205 23.62 -4.39 21.02
CA SER D 205 23.15 -3.90 19.73
C SER D 205 21.89 -4.56 19.24
N ARG D 206 21.02 -3.75 18.65
CA ARG D 206 19.78 -4.27 18.14
C ARG D 206 19.92 -4.74 16.71
N LEU D 207 21.07 -4.47 16.09
CA LEU D 207 21.28 -4.88 14.72
C LEU D 207 21.04 -6.36 14.61
N SER D 208 21.28 -7.08 15.69
CA SER D 208 21.02 -8.51 15.69
C SER D 208 19.64 -8.72 15.10
N ASN D 209 18.66 -8.05 15.70
CA ASN D 209 17.29 -8.14 15.25
C ASN D 209 17.12 -7.78 13.78
N LEU D 210 18.06 -7.02 13.23
CA LEU D 210 17.97 -6.64 11.82
C LEU D 210 18.36 -7.80 10.94
N LEU D 211 19.34 -8.57 11.38
CA LEU D 211 19.79 -9.73 10.63
C LEU D 211 18.74 -10.82 10.73
N GLY D 212 17.91 -10.76 11.76
CA GLY D 212 16.88 -11.75 11.91
C GLY D 212 17.41 -13.01 12.57
N ILE D 213 18.26 -12.80 13.58
CA ILE D 213 18.82 -13.89 14.33
C ILE D 213 18.65 -13.59 15.81
N ARG D 214 17.83 -14.35 16.52
CA ARG D 214 17.60 -14.09 17.95
C ARG D 214 17.88 -15.30 18.83
N LYS D 215 18.09 -15.04 20.12
CA LYS D 215 18.33 -16.13 21.07
C LYS D 215 17.00 -16.76 21.41
N ARG D 216 16.99 -18.07 21.58
CA ARG D 216 15.74 -18.73 21.93
C ARG D 216 15.45 -18.48 23.40
N GLN D 217 16.36 -17.78 24.07
CA GLN D 217 16.20 -17.45 25.49
C GLN D 217 16.71 -16.05 25.74
N PRO D 218 16.02 -15.07 25.19
CA PRO D 218 16.22 -13.62 25.21
C PRO D 218 16.80 -13.00 26.45
N PHE D 219 16.16 -13.23 27.59
CA PHE D 219 16.62 -12.60 28.81
C PHE D 219 18.03 -12.90 29.33
N GLN D 220 18.69 -13.91 28.77
CA GLN D 220 20.04 -14.21 29.21
C GLN D 220 21.02 -13.28 28.52
N GLU D 221 21.08 -12.04 28.95
CA GLU D 221 21.98 -11.05 28.36
C GLU D 221 23.31 -11.64 27.93
N GLY D 222 23.59 -11.61 26.63
CA GLY D 222 24.85 -12.16 26.16
C GLY D 222 24.83 -12.82 24.80
N PHE D 223 24.70 -12.02 23.75
CA PHE D 223 24.67 -12.56 22.40
C PHE D 223 26.05 -12.59 21.76
N ARG D 224 26.71 -13.75 21.85
CA ARG D 224 28.03 -13.97 21.27
C ARG D 224 27.99 -15.18 20.37
N ILE D 225 28.29 -14.99 19.10
CA ILE D 225 28.26 -16.12 18.20
C ILE D 225 29.66 -16.35 17.57
N THR D 226 30.40 -17.29 18.19
CA THR D 226 31.77 -17.66 17.80
C THR D 226 31.83 -18.57 16.58
N TYR D 227 33.01 -18.64 15.98
CA TYR D 227 33.24 -19.52 14.84
C TYR D 227 32.97 -20.91 15.37
N ASP D 228 33.55 -21.19 16.51
CA ASP D 228 33.41 -22.47 17.16
C ASP D 228 31.95 -22.94 17.27
N ASP D 229 31.03 -22.00 17.43
CA ASP D 229 29.62 -22.34 17.57
C ASP D 229 29.00 -22.84 16.28
N LEU D 230 29.37 -22.21 15.18
CA LEU D 230 28.85 -22.64 13.90
C LEU D 230 29.38 -24.01 13.53
N GLU D 231 29.17 -25.00 14.39
CA GLU D 231 29.66 -26.33 14.11
C GLU D 231 29.02 -26.78 12.80
N GLY D 232 29.20 -28.04 12.44
CA GLY D 232 28.65 -28.57 11.20
C GLY D 232 28.06 -27.53 10.26
N GLY D 233 28.63 -27.34 9.08
CA GLY D 233 28.06 -26.35 8.19
C GLY D 233 29.08 -25.30 7.79
N ASN D 234 30.15 -25.78 7.18
CA ASN D 234 31.18 -24.90 6.71
C ASN D 234 30.83 -24.87 5.24
N ILE D 235 30.86 -23.69 4.65
CA ILE D 235 30.56 -23.58 3.24
C ILE D 235 31.34 -24.59 2.42
N PRO D 236 30.65 -25.46 1.68
CA PRO D 236 31.31 -26.47 0.85
C PRO D 236 32.12 -25.72 -0.19
N ALA D 237 32.91 -26.45 -0.98
CA ALA D 237 33.74 -25.81 -2.00
C ALA D 237 33.16 -25.92 -3.40
N LEU D 238 33.75 -25.16 -4.30
CA LEU D 238 33.31 -25.12 -5.69
C LEU D 238 33.98 -26.13 -6.61
N LEU D 239 33.21 -26.69 -7.53
CA LEU D 239 33.75 -27.64 -8.48
C LEU D 239 34.66 -26.88 -9.43
N ASP D 240 35.74 -27.50 -9.89
CA ASP D 240 36.61 -26.81 -10.81
C ASP D 240 35.94 -26.96 -12.18
N VAL D 241 34.85 -26.23 -12.36
CA VAL D 241 34.09 -26.28 -13.59
C VAL D 241 34.97 -26.35 -14.83
N ASP D 242 36.02 -25.53 -14.88
CA ASP D 242 36.92 -25.53 -16.03
C ASP D 242 37.59 -26.88 -16.25
N ALA D 243 38.32 -27.34 -15.24
CA ALA D 243 39.01 -28.63 -15.32
C ALA D 243 38.06 -29.72 -15.78
N TYR D 244 37.05 -30.02 -14.96
CA TYR D 244 36.06 -31.04 -15.29
C TYR D 244 35.67 -31.05 -16.77
N GLN D 245 35.11 -29.94 -17.26
CA GLN D 245 34.68 -29.84 -18.66
C GLN D 245 35.80 -30.09 -19.68
N ALA D 246 36.83 -29.27 -19.63
CA ALA D 246 37.96 -29.41 -20.54
C ALA D 246 38.44 -30.87 -20.53
N SER D 247 38.45 -31.46 -19.35
CA SER D 247 38.88 -32.83 -19.18
C SER D 247 38.02 -33.90 -19.84
N LEU D 248 36.90 -33.53 -20.41
CA LEU D 248 36.08 -34.53 -21.07
C LEU D 248 36.38 -34.64 -22.57
N LYS D 327 37.93 -41.88 -15.91
CA LYS D 327 38.14 -40.78 -14.97
C LYS D 327 37.43 -39.50 -15.41
N LYS D 328 37.50 -38.52 -14.52
CA LYS D 328 36.94 -37.18 -14.69
C LYS D 328 37.58 -36.42 -13.53
N PRO D 329 38.10 -35.20 -13.76
CA PRO D 329 38.75 -34.41 -12.70
C PRO D 329 37.90 -34.23 -11.46
N VAL D 330 36.69 -33.71 -11.65
CA VAL D 330 35.72 -33.45 -10.61
C VAL D 330 36.28 -33.22 -9.20
N ILE D 331 36.78 -34.27 -8.54
CA ILE D 331 37.34 -34.13 -7.18
C ILE D 331 38.02 -32.75 -7.02
N LYS D 332 38.42 -32.14 -8.14
CA LYS D 332 39.07 -30.84 -8.12
C LYS D 332 38.17 -29.71 -7.61
N PRO D 333 38.43 -29.26 -6.37
CA PRO D 333 37.70 -28.20 -5.71
C PRO D 333 38.45 -26.89 -5.86
N LEU D 334 38.01 -26.06 -6.81
CA LEU D 334 38.61 -24.75 -7.06
C LEU D 334 39.26 -24.12 -5.80
N THR D 335 40.59 -24.07 -5.76
CA THR D 335 41.34 -23.53 -4.60
C THR D 335 41.49 -22.02 -4.50
N GLU D 336 41.38 -21.34 -5.61
CA GLU D 336 41.53 -19.90 -5.59
C GLU D 336 40.45 -19.24 -6.45
N ASP D 337 40.90 -18.35 -7.33
CA ASP D 337 40.03 -17.62 -8.23
C ASP D 337 40.91 -16.65 -9.00
N SER D 338 40.29 -15.78 -9.80
CA SER D 338 41.07 -14.79 -10.51
C SER D 338 41.82 -14.07 -9.39
N LYS D 339 42.72 -13.17 -9.76
CA LYS D 339 43.47 -12.45 -8.72
C LYS D 339 43.93 -13.31 -7.53
N LYS D 340 44.00 -14.62 -7.78
CA LYS D 340 44.44 -15.63 -6.82
C LYS D 340 44.31 -15.40 -5.30
N ARG D 341 43.11 -15.67 -4.77
CA ARG D 341 42.82 -15.57 -3.33
C ARG D 341 42.52 -17.01 -2.93
N SER D 342 43.01 -17.44 -1.77
CA SER D 342 42.75 -18.83 -1.36
C SER D 342 41.40 -18.96 -0.68
N TYR D 343 40.70 -20.06 -0.95
CA TYR D 343 39.42 -20.29 -0.31
C TYR D 343 39.66 -21.10 0.94
N ASN D 344 40.76 -20.81 1.63
CA ASN D 344 41.09 -21.50 2.87
C ASN D 344 40.46 -22.90 3.01
N LEU D 345 40.86 -23.88 2.19
CA LEU D 345 40.29 -25.23 2.33
C LEU D 345 40.95 -25.93 3.49
N ILE D 346 40.17 -26.62 4.31
CA ILE D 346 40.77 -27.27 5.49
C ILE D 346 42.02 -28.11 5.23
N SER D 347 42.01 -28.89 4.16
CA SER D 347 43.17 -29.72 3.81
C SER D 347 43.16 -29.97 2.32
N ASN D 348 44.28 -30.43 1.79
CA ASN D 348 44.45 -30.72 0.36
C ASN D 348 43.41 -31.74 -0.15
N ASP D 349 42.72 -32.37 0.79
CA ASP D 349 41.72 -33.39 0.46
C ASP D 349 40.27 -32.91 0.51
N SER D 350 39.79 -32.62 1.72
CA SER D 350 38.41 -32.17 1.95
C SER D 350 37.80 -31.22 0.93
N THR D 351 36.50 -31.43 0.71
CA THR D 351 35.72 -30.64 -0.22
C THR D 351 35.17 -29.40 0.50
N PHE D 352 35.27 -29.39 1.82
CA PHE D 352 34.78 -28.28 2.64
C PHE D 352 35.84 -27.19 2.80
N THR D 353 35.37 -25.95 2.99
CA THR D 353 36.27 -24.83 3.21
C THR D 353 36.22 -24.47 4.69
N GLN D 354 37.16 -23.66 5.15
CA GLN D 354 37.19 -23.28 6.56
C GLN D 354 36.13 -22.22 6.90
N TYR D 355 35.45 -21.73 5.87
CA TYR D 355 34.42 -20.73 6.04
C TYR D 355 33.14 -21.33 6.62
N ARG D 356 32.74 -20.89 7.82
CA ARG D 356 31.52 -21.39 8.46
C ARG D 356 30.37 -20.37 8.34
N SER D 357 29.19 -20.87 7.94
CA SER D 357 28.00 -20.05 7.76
C SER D 357 26.92 -20.31 8.81
N TRP D 358 26.37 -19.24 9.36
CA TRP D 358 25.34 -19.44 10.35
C TRP D 358 24.17 -20.17 9.70
N TYR D 359 23.58 -19.53 8.70
CA TYR D 359 22.44 -20.10 8.02
C TYR D 359 22.56 -21.59 7.77
N LEU D 360 23.77 -22.08 7.55
CA LEU D 360 23.93 -23.49 7.30
C LEU D 360 23.75 -24.28 8.59
N ALA D 361 24.49 -23.89 9.60
CA ALA D 361 24.40 -24.54 10.89
C ALA D 361 22.98 -24.65 11.37
N TYR D 362 22.19 -23.62 11.14
CA TYR D 362 20.81 -23.62 11.59
C TYR D 362 19.99 -24.76 11.01
N ASN D 363 19.86 -24.81 9.69
CA ASN D 363 19.06 -25.88 9.11
C ASN D 363 19.82 -27.04 8.47
N TYR D 364 21.15 -26.97 8.44
CA TYR D 364 21.91 -28.07 7.86
C TYR D 364 22.75 -28.82 8.89
N GLY D 365 22.84 -28.28 10.10
CA GLY D 365 23.63 -28.92 11.14
C GLY D 365 22.81 -29.67 12.16
N ASP D 366 23.49 -30.36 13.08
CA ASP D 366 22.83 -31.13 14.13
C ASP D 366 21.76 -30.29 14.84
N PRO D 367 20.48 -30.64 14.63
CA PRO D 367 19.39 -29.89 15.27
C PRO D 367 19.42 -29.93 16.79
N GLN D 368 19.89 -31.04 17.36
CA GLN D 368 19.94 -31.17 18.82
C GLN D 368 21.09 -30.44 19.52
N THR D 369 22.25 -30.31 18.87
CA THR D 369 23.40 -29.64 19.50
C THR D 369 23.96 -28.45 18.73
N GLY D 370 23.58 -28.33 17.47
CA GLY D 370 24.05 -27.24 16.65
C GLY D 370 23.64 -25.86 17.13
N ILE D 371 23.57 -24.91 16.21
CA ILE D 371 23.16 -23.59 16.64
C ILE D 371 21.64 -23.51 16.68
N ARG D 372 20.97 -24.29 15.84
CA ARG D 372 19.51 -24.24 15.84
C ARG D 372 18.97 -24.55 17.24
N SER D 373 19.84 -25.02 18.11
CA SER D 373 19.45 -25.37 19.45
C SER D 373 19.19 -24.15 20.34
N TRP D 374 19.95 -23.08 20.12
CA TRP D 374 19.79 -21.92 20.97
C TRP D 374 19.64 -20.58 20.27
N THR D 375 19.32 -20.57 19.00
CA THR D 375 19.13 -19.32 18.30
C THR D 375 17.92 -19.55 17.40
N LEU D 376 17.27 -18.48 16.96
CA LEU D 376 16.09 -18.67 16.14
C LEU D 376 16.13 -17.90 14.84
N LEU D 377 15.78 -18.56 13.74
CA LEU D 377 15.75 -17.92 12.45
C LEU D 377 14.48 -17.12 12.34
N CYS D 378 14.61 -15.79 12.26
CA CYS D 378 13.42 -14.93 12.18
C CYS D 378 13.39 -13.95 11.07
N THR D 379 12.21 -13.42 10.86
CA THR D 379 11.98 -12.42 9.85
C THR D 379 12.81 -11.22 10.25
N PRO D 380 13.48 -10.62 9.28
CA PRO D 380 14.33 -9.46 9.50
C PRO D 380 13.76 -8.32 10.36
N ASP D 381 13.02 -7.39 9.74
CA ASP D 381 12.49 -6.23 10.47
C ASP D 381 13.59 -5.18 10.64
N VAL D 382 13.50 -4.10 9.87
CA VAL D 382 14.52 -3.09 9.95
C VAL D 382 14.44 -2.22 11.18
N THR D 383 13.23 -1.93 11.66
CA THR D 383 13.07 -1.09 12.84
C THR D 383 13.95 -1.55 13.99
N CYS D 384 14.42 -2.78 13.88
CA CYS D 384 15.28 -3.38 14.88
C CYS D 384 14.57 -3.80 16.13
N GLY D 385 13.28 -3.55 16.20
CA GLY D 385 12.54 -3.96 17.38
C GLY D 385 11.53 -2.95 17.90
N SER D 386 10.28 -3.29 17.72
CA SER D 386 9.20 -2.44 18.17
C SER D 386 9.40 -2.12 19.65
N GLU D 387 9.75 -0.88 19.96
CA GLU D 387 9.92 -0.48 21.35
C GLU D 387 8.79 0.45 21.73
N GLN D 388 8.48 0.52 23.02
CA GLN D 388 7.39 1.37 23.45
C GLN D 388 7.84 2.58 24.20
N VAL D 389 6.96 3.57 24.23
CA VAL D 389 7.24 4.83 24.90
C VAL D 389 6.13 5.03 25.92
N TYR D 390 6.47 5.65 27.04
CA TYR D 390 5.49 5.88 28.08
C TYR D 390 5.24 7.38 28.24
N TRP D 391 3.98 7.76 28.43
CA TRP D 391 3.60 9.17 28.64
C TRP D 391 3.49 9.44 30.12
N SER D 392 3.44 10.72 30.49
CA SER D 392 3.31 11.10 31.89
C SER D 392 2.90 12.56 31.96
N LEU D 393 1.89 12.85 32.77
CA LEU D 393 1.41 14.21 32.88
C LEU D 393 1.35 14.59 34.35
N PRO D 394 2.42 14.30 35.07
CA PRO D 394 2.69 14.51 36.48
C PRO D 394 1.85 15.54 37.17
N ASP D 395 1.61 16.64 36.48
CA ASP D 395 0.86 17.70 37.10
C ASP D 395 -0.63 17.72 36.80
N MET D 396 -1.11 16.70 36.11
CA MET D 396 -2.52 16.67 35.76
C MET D 396 -3.27 15.39 36.01
N MET D 397 -2.61 14.24 36.04
CA MET D 397 -3.33 13.00 36.31
C MET D 397 -2.89 12.49 37.65
N GLN D 398 -3.74 11.65 38.26
CA GLN D 398 -3.37 11.10 39.55
C GLN D 398 -2.39 10.00 39.24
N ASP D 399 -1.53 9.72 40.18
CA ASP D 399 -0.52 8.72 39.96
C ASP D 399 -1.03 7.30 40.07
N PRO D 400 -1.10 6.59 38.95
CA PRO D 400 -1.54 5.23 38.76
C PRO D 400 -1.11 4.23 39.81
N VAL D 401 -2.10 3.53 40.33
CA VAL D 401 -1.92 2.53 41.37
C VAL D 401 -0.66 2.58 42.18
N THR D 402 0.38 1.98 41.65
CA THR D 402 1.59 1.90 42.43
C THR D 402 2.74 2.83 42.21
N PHE D 403 2.61 3.80 41.31
CA PHE D 403 3.71 4.70 41.10
C PHE D 403 3.67 5.67 42.23
N ARG D 404 4.83 6.19 42.58
CA ARG D 404 4.85 7.18 43.64
C ARG D 404 5.24 8.46 42.93
N SER D 405 4.72 9.57 43.42
CA SER D 405 5.00 10.87 42.83
C SER D 405 6.38 11.34 43.17
N THR D 406 7.08 11.84 42.17
CA THR D 406 8.41 12.36 42.37
C THR D 406 8.64 13.52 41.44
N SER D 407 9.88 13.99 41.40
CA SER D 407 10.23 15.12 40.56
C SER D 407 11.41 14.77 39.68
N GLN D 408 11.73 13.48 39.66
CA GLN D 408 12.83 12.98 38.88
C GLN D 408 12.32 12.58 37.48
N ILE D 409 12.41 13.50 36.54
CA ILE D 409 11.98 13.26 35.15
C ILE D 409 12.03 11.83 34.66
N SER D 410 13.00 11.06 35.13
CA SER D 410 13.12 9.69 34.70
C SER D 410 12.43 8.69 35.61
N ASN D 411 11.35 9.12 36.26
CA ASN D 411 10.61 8.22 37.14
C ASN D 411 9.18 8.69 37.32
N PHE D 412 8.82 9.74 36.60
CA PHE D 412 7.47 10.25 36.67
C PHE D 412 6.49 9.10 36.56
N PRO D 413 5.28 9.29 37.05
CA PRO D 413 4.33 8.20 36.94
C PRO D 413 3.93 8.10 35.47
N VAL D 414 3.52 6.91 35.06
CA VAL D 414 3.12 6.69 33.67
C VAL D 414 1.62 6.66 33.55
N VAL D 415 1.09 7.19 32.47
CA VAL D 415 -0.35 7.19 32.34
C VAL D 415 -0.77 6.54 31.06
N GLY D 416 0.19 6.30 30.18
CA GLY D 416 -0.18 5.68 28.92
C GLY D 416 1.03 5.12 28.23
N ALA D 417 0.86 3.96 27.61
CA ALA D 417 1.95 3.31 26.91
C ALA D 417 1.52 3.22 25.48
N GLU D 418 2.50 3.24 24.58
CA GLU D 418 2.19 3.21 23.18
C GLU D 418 3.44 2.84 22.44
N LEU D 419 3.27 2.08 21.38
CA LEU D 419 4.41 1.65 20.61
C LEU D 419 5.03 2.86 19.92
N LEU D 420 6.35 2.91 19.84
CA LEU D 420 7.05 4.01 19.19
C LEU D 420 6.83 3.97 17.67
N PRO D 421 6.10 4.95 17.13
CA PRO D 421 5.70 5.19 15.74
C PRO D 421 6.64 4.84 14.61
N VAL D 422 6.87 3.55 14.35
CA VAL D 422 7.76 3.18 13.27
C VAL D 422 7.27 1.88 12.65
N HIS D 423 7.13 1.84 11.33
CA HIS D 423 6.66 0.64 10.66
C HIS D 423 7.64 0.08 9.63
N SER D 424 7.39 -1.15 9.19
CA SER D 424 8.25 -1.76 8.17
C SER D 424 7.52 -1.80 6.85
N LYS D 425 7.79 -0.84 5.97
CA LYS D 425 7.14 -0.83 4.67
C LYS D 425 7.93 -1.82 3.83
N SER D 426 7.24 -2.63 3.05
CA SER D 426 7.90 -3.60 2.22
C SER D 426 7.72 -3.34 0.74
N PHE D 427 8.80 -3.47 -0.02
CA PHE D 427 8.74 -3.24 -1.44
C PHE D 427 9.26 -4.40 -2.26
N TYR D 428 9.10 -4.28 -3.58
CA TYR D 428 9.56 -5.30 -4.50
C TYR D 428 10.53 -4.71 -5.48
N ASN D 429 11.72 -5.29 -5.55
CA ASN D 429 12.73 -4.81 -6.47
C ASN D 429 13.34 -6.00 -7.17
N ASP D 430 12.63 -6.59 -8.12
CA ASP D 430 13.18 -7.75 -8.83
C ASP D 430 14.44 -7.23 -9.48
N GLN D 431 14.58 -5.91 -9.38
CA GLN D 431 15.70 -5.19 -9.86
C GLN D 431 16.92 -5.52 -9.03
N ALA D 432 16.74 -6.23 -7.92
CA ALA D 432 17.82 -6.63 -7.04
C ALA D 432 18.65 -7.71 -7.74
N VAL D 433 19.96 -7.57 -7.65
CA VAL D 433 20.90 -8.48 -8.28
C VAL D 433 20.82 -8.42 -9.80
N TYR D 434 19.88 -7.62 -10.33
CA TYR D 434 19.92 -7.48 -11.77
C TYR D 434 20.39 -6.02 -11.65
N SER D 435 20.07 -5.43 -10.50
CA SER D 435 20.39 -4.08 -10.10
C SER D 435 21.77 -4.12 -9.45
N GLN D 436 22.08 -5.06 -8.54
CA GLN D 436 23.44 -5.08 -7.96
C GLN D 436 24.39 -5.03 -9.16
N LEU D 437 24.04 -5.81 -10.18
CA LEU D 437 24.76 -5.94 -11.44
C LEU D 437 24.82 -4.55 -12.09
N ILE D 438 23.68 -3.85 -12.13
CA ILE D 438 23.61 -2.52 -12.72
C ILE D 438 23.91 -1.46 -11.66
N ARG D 439 23.54 -1.73 -10.43
CA ARG D 439 23.79 -0.79 -9.35
C ARG D 439 25.28 -0.45 -9.30
N GLN D 440 26.14 -1.44 -9.50
CA GLN D 440 27.60 -1.23 -9.47
C GLN D 440 28.13 -0.23 -10.51
N PHE D 441 27.46 -0.17 -11.66
CA PHE D 441 27.84 0.77 -12.72
C PHE D 441 27.19 2.13 -12.42
N THR D 442 25.99 2.06 -11.83
CA THR D 442 25.18 3.24 -11.42
C THR D 442 25.99 4.02 -10.38
N SER D 443 26.51 3.31 -9.37
CA SER D 443 27.37 3.88 -8.33
C SER D 443 28.73 3.83 -9.03
N LEU D 444 29.39 4.96 -9.21
CA LEU D 444 30.65 4.95 -9.94
C LEU D 444 31.78 4.11 -9.30
N THR D 445 31.48 3.42 -8.19
CA THR D 445 32.46 2.56 -7.49
C THR D 445 31.98 1.19 -6.97
N HIS D 446 32.91 0.25 -6.93
CA HIS D 446 32.65 -1.09 -6.44
C HIS D 446 33.05 -1.06 -4.95
N VAL D 447 32.70 0.03 -4.27
CA VAL D 447 33.05 0.21 -2.86
C VAL D 447 32.61 -0.93 -1.98
N PHE D 448 31.42 -1.46 -2.25
CA PHE D 448 30.94 -2.55 -1.44
C PHE D 448 31.36 -3.89 -1.98
N ASN D 449 31.64 -3.94 -3.28
CA ASN D 449 32.01 -5.20 -3.88
C ASN D 449 33.49 -5.43 -4.11
N ARG D 450 34.34 -4.65 -3.47
CA ARG D 450 35.77 -4.79 -3.60
C ARG D 450 36.39 -6.12 -4.07
N PHE D 451 35.75 -7.25 -3.79
CA PHE D 451 36.32 -8.54 -4.18
C PHE D 451 35.43 -9.30 -5.17
N PRO D 452 35.02 -8.65 -6.25
CA PRO D 452 34.14 -9.24 -7.27
C PRO D 452 34.51 -10.56 -7.89
N GLU D 453 35.42 -11.30 -7.28
CA GLU D 453 35.78 -12.58 -7.86
C GLU D 453 35.55 -13.64 -6.83
N ASN D 454 36.12 -13.40 -5.65
CA ASN D 454 35.98 -14.34 -4.55
C ASN D 454 34.50 -14.64 -4.31
N GLN D 455 34.11 -15.89 -4.54
CA GLN D 455 32.72 -16.29 -4.35
C GLN D 455 32.19 -16.04 -2.95
N ILE D 456 33.08 -15.91 -1.99
CA ILE D 456 32.65 -15.63 -0.63
C ILE D 456 32.60 -14.12 -0.46
N LEU D 457 33.75 -13.51 -0.20
CA LEU D 457 33.85 -12.06 -0.01
C LEU D 457 33.09 -11.20 -1.01
N ALA D 458 32.45 -11.81 -2.00
CA ALA D 458 31.68 -11.07 -3.00
C ALA D 458 30.62 -10.25 -2.28
N ARG D 459 29.89 -9.44 -3.03
CA ARG D 459 28.83 -8.62 -2.43
C ARG D 459 27.53 -9.41 -2.39
N PRO D 460 27.01 -9.66 -1.18
CA PRO D 460 25.77 -10.41 -1.03
C PRO D 460 24.70 -9.94 -1.98
N PRO D 461 23.87 -10.86 -2.43
CA PRO D 461 22.79 -10.56 -3.36
C PRO D 461 21.77 -9.70 -2.67
N ALA D 462 21.17 -8.79 -3.41
CA ALA D 462 20.15 -7.95 -2.83
C ALA D 462 18.90 -8.85 -2.85
N PRO D 463 18.16 -8.90 -1.74
CA PRO D 463 16.97 -9.76 -1.73
C PRO D 463 15.79 -9.04 -2.34
N THR D 464 14.91 -9.78 -3.02
CA THR D 464 13.71 -9.15 -3.56
C THR D 464 12.94 -8.87 -2.29
N ILE D 465 12.26 -7.73 -2.23
CA ILE D 465 11.51 -7.37 -1.03
C ILE D 465 12.42 -6.75 0.03
N THR D 466 12.70 -5.46 -0.14
CA THR D 466 13.52 -4.77 0.83
C THR D 466 12.55 -4.16 1.83
N THR D 467 13.05 -3.89 3.02
CA THR D 467 12.22 -3.32 4.06
C THR D 467 12.84 -1.98 4.39
N VAL D 468 12.04 -1.05 4.89
CA VAL D 468 12.56 0.26 5.24
C VAL D 468 11.79 0.83 6.39
N SER D 469 12.47 1.23 7.46
CA SER D 469 11.74 1.79 8.59
C SER D 469 11.13 3.07 8.07
N GLU D 470 9.89 3.30 8.44
CA GLU D 470 9.18 4.49 7.98
C GLU D 470 8.46 5.08 9.17
N ASN D 471 8.62 6.39 9.37
CA ASN D 471 7.96 7.07 10.49
C ASN D 471 6.52 7.41 10.14
N VAL D 472 5.63 7.26 11.10
CA VAL D 472 4.23 7.56 10.85
C VAL D 472 3.54 8.18 12.06
N PRO D 473 2.71 9.22 11.84
CA PRO D 473 2.03 9.84 12.96
C PRO D 473 1.13 8.80 13.55
N ALA D 474 1.00 8.82 14.87
CA ALA D 474 0.17 7.85 15.55
C ALA D 474 -0.93 8.49 16.37
N LEU D 475 -2.16 8.35 15.87
CA LEU D 475 -3.34 8.87 16.53
C LEU D 475 -3.78 7.80 17.49
N THR D 476 -3.14 7.77 18.64
CA THR D 476 -3.44 6.79 19.65
C THR D 476 -4.56 7.26 20.58
N ASP D 477 -5.01 6.39 21.47
CA ASP D 477 -6.09 6.74 22.41
C ASP D 477 -5.99 5.96 23.71
N HIS D 478 -5.65 6.66 24.77
CA HIS D 478 -5.52 6.04 26.08
C HIS D 478 -6.88 6.13 26.70
N GLY D 479 -7.08 5.47 27.82
CA GLY D 479 -8.40 5.54 28.40
C GLY D 479 -8.66 6.75 29.27
N THR D 480 -9.79 6.74 29.96
CA THR D 480 -10.10 7.82 30.88
C THR D 480 -9.15 7.58 32.07
N LEU D 481 -8.52 8.64 32.55
CA LEU D 481 -7.60 8.52 33.68
C LEU D 481 -8.05 9.49 34.74
N PRO D 482 -7.78 9.19 36.01
CA PRO D 482 -8.19 10.10 37.07
C PRO D 482 -7.45 11.43 36.97
N LEU D 483 -8.12 12.51 37.36
CA LEU D 483 -7.53 13.85 37.32
C LEU D 483 -7.44 14.46 38.70
N ARG D 484 -6.66 15.52 38.84
CA ARG D 484 -6.57 16.20 40.13
C ARG D 484 -7.69 17.21 40.05
N ASN D 485 -8.31 17.55 41.17
CA ASN D 485 -9.42 18.48 41.07
C ASN D 485 -8.96 19.92 40.92
N SER D 486 -7.66 20.12 40.78
CA SER D 486 -7.13 21.46 40.63
C SER D 486 -5.98 21.37 39.66
N ILE D 487 -6.28 21.70 38.42
CA ILE D 487 -5.27 21.62 37.38
C ILE D 487 -4.45 22.90 37.24
N GLY D 488 -3.15 22.74 37.45
CA GLY D 488 -2.24 23.87 37.37
C GLY D 488 -2.19 24.56 36.02
N GLY D 489 -1.86 25.84 36.04
CA GLY D 489 -1.81 26.60 34.81
C GLY D 489 -0.79 26.02 33.86
N VAL D 490 0.33 25.54 34.37
CA VAL D 490 1.34 24.97 33.49
C VAL D 490 1.50 23.51 33.79
N GLN D 491 1.30 22.70 32.76
CA GLN D 491 1.42 21.28 32.90
C GLN D 491 2.71 20.86 32.27
N ARG D 492 3.25 19.76 32.75
CA ARG D 492 4.49 19.25 32.19
C ARG D 492 4.18 17.96 31.46
N VAL D 493 4.56 17.89 30.20
CA VAL D 493 4.33 16.71 29.38
C VAL D 493 5.65 15.98 29.20
N THR D 494 5.62 14.65 29.22
CA THR D 494 6.85 13.88 29.10
C THR D 494 6.75 12.50 28.50
N ILE D 495 7.39 12.32 27.35
CA ILE D 495 7.38 11.04 26.69
C ILE D 495 8.72 10.39 26.95
N THR D 496 8.68 9.18 27.50
CA THR D 496 9.90 8.47 27.83
C THR D 496 9.99 7.18 27.04
N ASP D 497 11.13 6.52 27.08
CA ASP D 497 11.28 5.28 26.35
C ASP D 497 11.46 4.12 27.30
N ALA D 498 11.59 2.94 26.73
CA ALA D 498 11.74 1.74 27.52
C ALA D 498 12.67 1.89 28.75
N ARG D 499 13.83 2.51 28.53
CA ARG D 499 14.80 2.67 29.61
C ARG D 499 14.57 3.91 30.43
N ARG D 500 13.53 4.65 30.09
CA ARG D 500 13.18 5.86 30.80
C ARG D 500 14.14 6.99 30.57
N ARG D 501 13.97 7.66 29.45
CA ARG D 501 14.79 8.80 29.07
C ARG D 501 14.11 9.46 27.91
N THR D 502 14.13 10.78 27.88
CA THR D 502 13.48 11.48 26.78
C THR D 502 13.94 10.86 25.47
N CYS D 503 13.14 11.03 24.43
CA CYS D 503 13.48 10.48 23.14
C CYS D 503 13.63 11.62 22.16
N PRO D 504 14.88 11.94 21.80
CA PRO D 504 15.25 13.01 20.88
C PRO D 504 14.51 13.06 19.57
N TYR D 505 14.05 11.91 19.12
CA TYR D 505 13.37 11.87 17.83
C TYR D 505 11.90 12.23 17.74
N VAL D 506 11.40 12.97 18.71
CA VAL D 506 10.00 13.36 18.65
C VAL D 506 9.83 14.73 18.02
N TYR D 507 9.05 14.81 16.96
CA TYR D 507 8.84 16.09 16.31
C TYR D 507 7.54 16.71 16.79
N LYS D 508 6.53 15.91 17.06
CA LYS D 508 5.28 16.48 17.50
C LYS D 508 4.59 15.60 18.50
N ALA D 509 4.19 16.20 19.59
CA ALA D 509 3.50 15.47 20.63
C ALA D 509 2.49 16.45 21.16
N LEU D 510 1.27 15.99 21.36
CA LEU D 510 0.24 16.85 21.91
C LEU D 510 -0.94 15.99 22.24
N GLY D 511 -1.69 16.40 23.26
CA GLY D 511 -2.82 15.59 23.64
C GLY D 511 -4.01 16.42 24.01
N ILE D 512 -5.16 15.78 23.97
CA ILE D 512 -6.42 16.41 24.29
C ILE D 512 -7.06 15.67 25.45
N VAL D 513 -7.41 16.40 26.50
CA VAL D 513 -8.04 15.77 27.65
C VAL D 513 -9.43 16.29 27.83
N SER D 514 -10.35 15.37 28.08
CA SER D 514 -11.76 15.71 28.24
C SER D 514 -12.26 15.18 29.57
N PRO D 515 -12.22 15.99 30.61
CA PRO D 515 -12.68 15.57 31.93
C PRO D 515 -14.15 15.28 32.04
N ARG D 516 -14.51 14.46 33.01
CA ARG D 516 -15.90 14.11 33.27
C ARG D 516 -16.01 13.39 34.60
N VAL D 517 -17.16 13.54 35.25
CA VAL D 517 -17.40 12.95 36.55
C VAL D 517 -17.32 11.44 36.65
N LEU D 518 -16.97 10.94 37.83
CA LEU D 518 -16.86 9.52 38.02
C LEU D 518 -17.55 9.00 39.27
N SER D 519 -17.74 9.87 40.27
CA SER D 519 -18.41 9.49 41.52
C SER D 519 -18.26 10.67 42.45
N SER D 520 -18.84 10.62 43.65
CA SER D 520 -18.66 11.76 44.53
C SER D 520 -18.01 11.45 45.87
N ARG D 521 -17.62 12.50 46.60
CA ARG D 521 -16.99 12.34 47.91
C ARG D 521 -18.03 12.45 49.04
N ARG E 4 -38.98 17.41 29.91
CA ARG E 4 -37.82 16.85 30.68
C ARG E 4 -36.51 16.85 29.84
N ASN E 5 -36.67 16.54 28.55
CA ASN E 5 -35.56 16.40 27.63
C ASN E 5 -36.04 16.56 26.18
N SER E 6 -36.88 17.55 25.93
CA SER E 6 -37.38 17.77 24.58
C SER E 6 -36.35 18.37 23.65
N ILE E 7 -36.80 18.72 22.46
CA ILE E 7 -35.96 19.34 21.44
C ILE E 7 -37.01 19.90 20.52
N ARG E 8 -37.27 21.19 20.67
CA ARG E 8 -38.31 21.85 19.90
C ARG E 8 -37.81 22.72 18.78
N TYR E 9 -38.65 22.86 17.75
CA TYR E 9 -38.33 23.70 16.61
C TYR E 9 -39.59 24.42 16.13
N SER E 10 -39.45 25.71 15.83
CA SER E 10 -40.57 26.54 15.35
C SER E 10 -41.86 25.83 15.66
N GLU E 11 -42.50 25.36 14.61
CA GLU E 11 -43.76 24.68 14.77
C GLU E 11 -43.69 23.34 14.07
N LEU E 12 -43.11 22.36 14.75
CA LEU E 12 -43.02 20.99 14.27
C LEU E 12 -43.15 20.14 15.51
N ALA E 13 -43.52 18.88 15.33
CA ALA E 13 -43.65 18.00 16.47
C ALA E 13 -42.38 18.02 17.29
N PRO E 14 -42.51 18.00 18.63
CA PRO E 14 -41.30 18.02 19.43
C PRO E 14 -40.60 16.67 19.30
N LEU E 15 -39.28 16.68 19.37
CA LEU E 15 -38.48 15.46 19.27
C LEU E 15 -37.84 15.24 20.60
N PHE E 16 -37.57 13.98 20.93
CA PHE E 16 -36.97 13.69 22.22
C PHE E 16 -35.71 12.87 22.23
N ASP E 17 -34.88 13.16 23.23
CA ASP E 17 -33.65 12.44 23.48
C ASP E 17 -32.46 12.68 22.62
N THR E 18 -32.66 12.94 21.35
CA THR E 18 -31.52 13.19 20.48
C THR E 18 -31.94 13.32 19.04
N THR E 19 -30.99 13.74 18.22
CA THR E 19 -31.27 13.93 16.81
C THR E 19 -29.99 14.39 16.17
N ARG E 20 -30.08 15.06 15.01
CA ARG E 20 -28.86 15.50 14.35
C ARG E 20 -28.97 16.83 13.65
N VAL E 21 -28.00 17.69 13.91
CA VAL E 21 -27.99 18.99 13.26
C VAL E 21 -26.81 18.85 12.33
N TYR E 22 -26.93 19.34 11.11
CA TYR E 22 -25.82 19.17 10.20
C TYR E 22 -25.13 20.47 9.78
N LEU E 23 -23.82 20.50 9.93
CA LEU E 23 -23.04 21.66 9.53
C LEU E 23 -22.45 21.28 8.18
N VAL E 24 -22.88 21.97 7.13
CA VAL E 24 -22.37 21.66 5.80
C VAL E 24 -22.28 22.88 4.89
N ASP E 25 -21.16 22.99 4.16
CA ASP E 25 -20.92 24.12 3.24
C ASP E 25 -21.71 24.10 1.92
N ASN E 26 -21.71 22.95 1.26
CA ASN E 26 -22.39 22.72 -0.02
C ASN E 26 -23.75 23.32 -0.31
N LYS E 27 -24.69 23.23 0.63
CA LYS E 27 -26.05 23.76 0.44
C LYS E 27 -26.15 24.81 -0.67
N SER E 28 -27.01 24.60 -1.65
CA SER E 28 -27.12 25.54 -2.77
C SER E 28 -27.55 26.96 -2.40
N THR E 29 -28.53 27.06 -1.52
CA THR E 29 -29.09 28.35 -1.11
C THR E 29 -28.12 29.33 -0.43
N ASP E 30 -27.55 28.87 0.69
CA ASP E 30 -26.62 29.66 1.50
C ASP E 30 -25.35 30.11 0.77
N VAL E 31 -24.80 29.23 -0.08
CA VAL E 31 -23.60 29.56 -0.84
C VAL E 31 -23.90 30.82 -1.62
N ALA E 32 -25.04 30.80 -2.30
CA ALA E 32 -25.48 31.94 -3.09
C ALA E 32 -25.45 33.20 -2.22
N SER E 33 -26.30 33.24 -1.21
CA SER E 33 -26.38 34.37 -0.32
C SER E 33 -25.20 34.48 0.65
N LEU E 34 -25.35 33.89 1.84
CA LEU E 34 -24.36 33.93 2.90
C LEU E 34 -22.86 34.04 2.55
N ASN E 35 -22.15 32.92 2.56
CA ASN E 35 -20.73 32.94 2.24
C ASN E 35 -20.66 33.45 0.84
N TYR E 36 -19.51 33.95 0.45
CA TYR E 36 -19.33 34.47 -0.88
C TYR E 36 -17.90 34.82 -0.82
N GLN E 37 -17.62 35.80 0.02
CA GLN E 37 -16.26 36.26 0.19
C GLN E 37 -15.53 35.35 1.18
N ASN E 38 -16.16 34.23 1.52
CA ASN E 38 -15.55 33.27 2.46
C ASN E 38 -14.98 32.07 1.71
N ASP E 39 -14.48 31.09 2.46
CA ASP E 39 -13.94 29.87 1.86
C ASP E 39 -14.14 28.70 2.82
N HIS E 40 -13.88 27.48 2.35
CA HIS E 40 -14.08 26.29 3.19
C HIS E 40 -13.19 26.24 4.41
N SER E 41 -13.25 27.23 5.26
CA SER E 41 -12.40 27.20 6.42
C SER E 41 -12.88 28.32 7.29
N ASN E 42 -13.89 29.01 6.79
CA ASN E 42 -14.46 30.09 7.51
C ASN E 42 -15.71 30.40 6.75
N PHE E 43 -16.80 29.73 7.10
CA PHE E 43 -18.04 29.95 6.39
C PHE E 43 -19.25 29.88 7.26
N LEU E 44 -20.38 30.29 6.71
CA LEU E 44 -21.61 30.26 7.45
C LEU E 44 -22.42 29.16 6.83
N THR E 45 -23.41 28.68 7.54
CA THR E 45 -24.27 27.64 7.01
C THR E 45 -25.52 27.64 7.85
N THR E 46 -26.64 27.29 7.24
CA THR E 46 -27.88 27.27 8.00
C THR E 46 -28.00 25.87 8.53
N VAL E 47 -28.40 25.74 9.78
CA VAL E 47 -28.57 24.43 10.35
C VAL E 47 -29.99 24.02 10.14
N ILE E 48 -30.82 24.99 9.80
CA ILE E 48 -32.23 24.76 9.58
C ILE E 48 -32.63 23.56 8.75
N GLN E 49 -32.13 23.43 7.54
CA GLN E 49 -32.50 22.26 6.72
C GLN E 49 -34.00 22.17 6.39
N ASN E 50 -34.77 23.25 6.49
CA ASN E 50 -36.19 23.21 6.14
C ASN E 50 -36.34 23.92 4.83
N ASN E 51 -36.78 23.18 3.83
CA ASN E 51 -36.98 23.68 2.48
C ASN E 51 -37.67 25.04 2.32
N ASP E 52 -38.66 25.36 3.15
CA ASP E 52 -39.31 26.68 3.03
C ASP E 52 -38.37 27.64 3.71
N TYR E 53 -38.79 28.87 3.90
CA TYR E 53 -37.93 29.83 4.59
C TYR E 53 -36.63 30.24 3.92
N SER E 54 -36.55 31.52 3.61
CA SER E 54 -35.39 32.10 2.98
C SER E 54 -34.24 32.07 3.95
N PRO E 55 -33.07 31.59 3.49
CA PRO E 55 -31.95 31.56 4.44
C PRO E 55 -31.92 32.99 4.97
N GLY E 56 -31.35 33.19 6.15
CA GLY E 56 -31.37 34.53 6.70
C GLY E 56 -32.66 34.57 7.50
N GLU E 57 -33.80 34.46 6.82
CA GLU E 57 -35.05 34.44 7.55
C GLU E 57 -34.99 33.16 8.38
N ALA E 58 -34.14 32.24 7.93
CA ALA E 58 -33.94 30.99 8.63
C ALA E 58 -33.20 31.43 9.87
N SER E 59 -32.18 32.24 9.66
CA SER E 59 -31.37 32.76 10.74
C SER E 59 -32.18 33.20 11.94
N THR E 60 -33.42 33.59 11.71
CA THR E 60 -34.24 34.01 12.83
C THR E 60 -34.60 32.84 13.71
N GLN E 61 -35.02 31.74 13.10
CA GLN E 61 -35.41 30.56 13.84
C GLN E 61 -34.31 29.98 14.69
N THR E 62 -34.67 29.02 15.53
CA THR E 62 -33.70 28.40 16.41
C THR E 62 -34.11 27.02 16.85
N ILE E 63 -33.11 26.18 17.03
CA ILE E 63 -33.35 24.83 17.50
C ILE E 63 -33.17 24.94 19.00
N ASN E 64 -34.19 24.58 19.77
CA ASN E 64 -34.10 24.67 21.22
C ASN E 64 -33.98 23.34 21.92
N LEU E 65 -32.89 23.14 22.63
CA LEU E 65 -32.73 21.90 23.36
C LEU E 65 -33.34 22.20 24.71
N ASP E 66 -34.28 21.38 25.15
CA ASP E 66 -34.95 21.59 26.42
C ASP E 66 -34.07 22.37 27.37
N ASP E 67 -34.68 23.37 27.98
CA ASP E 67 -33.99 24.24 28.88
C ASP E 67 -33.61 23.61 30.22
N ARG E 68 -34.47 22.75 30.73
CA ARG E 68 -34.22 22.15 32.01
C ARG E 68 -32.99 21.25 32.12
N SER E 69 -32.28 20.99 31.03
CA SER E 69 -31.12 20.12 31.11
C SER E 69 -29.90 20.68 30.39
N HIS E 70 -28.70 20.30 30.81
CA HIS E 70 -27.48 20.76 30.12
C HIS E 70 -27.21 19.75 29.04
N TRP E 71 -27.20 20.20 27.80
CA TRP E 71 -26.96 19.28 26.72
C TRP E 71 -25.52 19.24 26.25
N GLY E 72 -25.23 18.25 25.43
CA GLY E 72 -23.91 18.11 24.87
C GLY E 72 -24.12 17.42 23.54
N GLY E 73 -23.13 17.46 22.65
CA GLY E 73 -23.31 16.79 21.37
C GLY E 73 -22.04 16.14 20.87
N ASP E 74 -22.16 14.99 20.23
CA ASP E 74 -21.00 14.29 19.69
C ASP E 74 -20.69 15.02 18.41
N LEU E 75 -19.42 15.31 18.16
CA LEU E 75 -19.09 16.02 16.96
C LEU E 75 -18.08 15.32 16.12
N LYS E 76 -18.52 14.63 15.07
CA LYS E 76 -17.55 13.99 14.20
C LYS E 76 -17.50 14.84 12.97
N THR E 77 -16.35 14.94 12.35
CA THR E 77 -16.21 15.76 11.19
C THR E 77 -15.47 15.09 10.07
N ILE E 78 -15.65 15.63 8.88
CA ILE E 78 -15.03 15.10 7.70
C ILE E 78 -14.23 16.24 7.09
N LEU E 79 -12.91 16.18 7.21
CA LEU E 79 -12.06 17.23 6.69
C LEU E 79 -11.23 16.72 5.54
N HIS E 80 -11.11 17.51 4.48
CA HIS E 80 -10.33 17.11 3.31
C HIS E 80 -9.62 18.28 2.68
N THR E 81 -8.31 18.19 2.59
CA THR E 81 -7.55 19.26 1.99
C THR E 81 -6.91 18.86 0.67
N ASN E 82 -5.83 19.55 0.34
CA ASN E 82 -5.10 19.30 -0.90
C ASN E 82 -4.03 20.35 -0.97
N MET E 83 -3.28 20.44 0.12
CA MET E 83 -2.21 21.39 0.23
C MET E 83 -0.93 20.82 -0.33
N PRO E 84 -0.19 21.64 -1.06
CA PRO E 84 1.07 21.32 -1.69
C PRO E 84 2.24 21.18 -0.77
N ASN E 85 3.03 20.19 -1.11
CA ASN E 85 4.26 19.87 -0.43
C ASN E 85 4.97 21.19 -0.16
N VAL E 86 5.22 21.90 -1.24
CA VAL E 86 5.91 23.16 -1.16
C VAL E 86 5.09 24.35 -1.53
N ASN E 87 4.73 25.15 -0.53
CA ASN E 87 3.97 26.33 -0.85
C ASN E 87 4.33 27.50 0.06
N GLU E 88 3.83 28.67 -0.30
CA GLU E 88 4.15 29.87 0.46
C GLU E 88 3.54 29.99 1.83
N PHE E 89 2.28 29.62 1.94
CA PHE E 89 1.59 29.73 3.22
C PHE E 89 2.19 28.86 4.32
N MET E 90 2.64 27.67 3.97
CA MET E 90 3.22 26.80 4.97
C MET E 90 4.69 27.06 5.24
N PHE E 91 5.28 27.96 4.46
CA PHE E 91 6.68 28.29 4.63
C PHE E 91 7.59 27.20 4.13
N THR E 92 7.37 26.77 2.90
CA THR E 92 8.21 25.72 2.36
C THR E 92 8.69 26.13 0.98
N ASN E 93 8.48 27.39 0.62
CA ASN E 93 8.89 27.84 -0.69
C ASN E 93 10.04 28.82 -0.63
N LYS E 94 10.55 29.12 0.55
CA LYS E 94 11.65 30.05 0.67
C LYS E 94 12.72 29.48 1.57
N PHE E 95 13.90 30.07 1.56
CA PHE E 95 14.99 29.63 2.41
C PHE E 95 16.21 30.47 2.14
N LYS E 96 16.77 31.04 3.21
CA LYS E 96 17.94 31.89 3.11
C LYS E 96 19.22 31.06 3.12
N ALA E 97 20.19 31.51 2.31
CA ALA E 97 21.48 30.86 2.22
C ALA E 97 22.46 31.96 1.86
N ARG E 98 23.72 31.78 2.25
CA ARG E 98 24.72 32.79 1.94
C ARG E 98 25.64 32.28 0.85
N VAL E 99 25.70 33.03 -0.24
CA VAL E 99 26.54 32.62 -1.36
C VAL E 99 27.55 33.68 -1.73
N MET E 100 28.45 33.31 -2.64
CA MET E 100 29.43 34.28 -3.08
C MET E 100 28.82 35.15 -4.14
N VAL E 101 29.05 36.44 -4.00
CA VAL E 101 28.51 37.41 -4.94
C VAL E 101 29.57 37.86 -5.94
N SER E 102 30.75 38.21 -5.45
CA SER E 102 31.82 38.70 -6.31
C SER E 102 33.23 38.20 -6.02
N ARG E 103 33.96 37.94 -7.10
CA ARG E 103 35.34 37.50 -7.06
C ARG E 103 36.09 38.58 -7.81
N SER E 104 36.99 39.28 -7.13
CA SER E 104 37.73 40.35 -7.81
C SER E 104 39.25 40.41 -7.61
N LEU E 105 39.88 41.12 -8.55
CA LEU E 105 41.32 41.36 -8.57
C LEU E 105 41.42 42.78 -7.99
N THR E 106 41.95 42.93 -6.79
CA THR E 106 41.98 44.25 -6.17
C THR E 106 43.30 44.78 -5.60
N LYS E 107 43.35 46.11 -5.45
CA LYS E 107 44.47 46.87 -4.92
C LYS E 107 45.81 46.17 -5.15
N ASP E 108 46.09 45.97 -6.42
CA ASP E 108 47.32 45.35 -6.91
C ASP E 108 47.44 43.81 -6.70
N LYS E 109 47.50 43.36 -5.44
CA LYS E 109 47.68 41.92 -5.16
C LYS E 109 46.57 41.14 -4.41
N GLN E 110 45.63 41.85 -3.80
CA GLN E 110 44.53 41.25 -3.06
C GLN E 110 43.46 40.52 -3.90
N VAL E 111 42.96 39.41 -3.34
CA VAL E 111 41.88 38.62 -3.93
C VAL E 111 40.69 38.99 -3.05
N GLU E 112 39.79 39.80 -3.56
CA GLU E 112 38.65 40.24 -2.75
C GLU E 112 37.38 39.42 -2.97
N LEU E 113 37.02 38.65 -1.95
CA LEU E 113 35.83 37.82 -1.97
C LEU E 113 34.72 38.48 -1.18
N LYS E 114 33.59 38.72 -1.84
CA LYS E 114 32.44 39.33 -1.19
C LYS E 114 31.28 38.36 -1.17
N TYR E 115 30.84 38.01 0.04
CA TYR E 115 29.73 37.10 0.25
C TYR E 115 28.52 37.85 0.82
N GLU E 116 27.32 37.35 0.54
CA GLU E 116 26.11 37.97 1.04
C GLU E 116 24.96 36.96 1.21
N TRP E 117 24.03 37.27 2.11
CA TRP E 117 22.88 36.40 2.34
C TRP E 117 21.82 36.74 1.35
N VAL E 118 21.09 35.74 0.90
CA VAL E 118 20.02 36.00 -0.03
C VAL E 118 18.99 34.91 0.09
N GLU E 119 17.73 35.29 -0.10
CA GLU E 119 16.61 34.37 0.04
C GLU E 119 16.06 33.90 -1.30
N PHE E 120 16.22 32.61 -1.60
CA PHE E 120 15.72 32.07 -2.84
C PHE E 120 14.36 31.46 -2.63
N THR E 121 13.52 31.52 -3.65
CA THR E 121 12.18 30.96 -3.54
C THR E 121 11.96 29.84 -4.54
N LEU E 122 11.00 28.98 -4.24
CA LEU E 122 10.68 27.87 -5.10
C LEU E 122 9.29 28.00 -5.67
N PRO E 123 9.04 27.37 -6.81
CA PRO E 123 7.75 27.41 -7.46
C PRO E 123 6.76 26.41 -6.85
N GLU E 124 5.85 26.94 -6.03
CA GLU E 124 4.87 26.12 -5.34
C GLU E 124 4.50 24.79 -6.01
N GLY E 125 4.16 23.81 -5.19
CA GLY E 125 3.73 22.50 -5.70
C GLY E 125 4.72 21.37 -5.62
N ASN E 126 5.61 21.34 -6.63
CA ASN E 126 6.71 20.36 -6.87
C ASN E 126 7.13 19.43 -5.73
N TYR E 127 6.30 18.42 -5.54
CA TYR E 127 6.46 17.43 -4.52
C TYR E 127 7.72 16.59 -4.61
N SER E 128 7.71 15.44 -3.94
CA SER E 128 8.84 14.53 -3.91
C SER E 128 10.00 15.20 -3.24
N GLU E 129 10.74 14.46 -2.44
CA GLU E 129 11.84 15.10 -1.76
C GLU E 129 12.99 15.35 -2.67
N THR E 130 13.47 14.31 -3.32
CA THR E 130 14.62 14.47 -4.19
C THR E 130 14.45 15.67 -5.08
N MET E 131 13.37 15.68 -5.84
CA MET E 131 13.17 16.79 -6.73
C MET E 131 13.18 18.13 -6.02
N THR E 132 12.70 18.14 -4.78
CA THR E 132 12.68 19.38 -4.02
C THR E 132 14.10 19.83 -3.80
N ILE E 133 14.99 18.87 -3.55
CA ILE E 133 16.37 19.21 -3.34
C ILE E 133 16.82 19.90 -4.60
N ASP E 134 16.71 19.20 -5.72
CA ASP E 134 17.09 19.72 -7.02
C ASP E 134 16.62 21.14 -7.24
N LEU E 135 15.34 21.38 -6.97
CA LEU E 135 14.80 22.72 -7.18
C LEU E 135 15.55 23.73 -6.34
N MET E 136 16.02 23.30 -5.18
CA MET E 136 16.78 24.18 -4.32
C MET E 136 18.14 24.43 -4.97
N ASN E 137 18.89 23.37 -5.22
CA ASN E 137 20.18 23.54 -5.86
C ASN E 137 20.05 24.44 -7.06
N ASN E 138 19.00 24.22 -7.85
CA ASN E 138 18.77 25.04 -9.04
C ASN E 138 18.60 26.50 -8.69
N ALA E 139 17.92 26.79 -7.58
CA ALA E 139 17.72 28.18 -7.20
C ALA E 139 19.05 28.82 -6.81
N ILE E 140 19.98 28.03 -6.29
CA ILE E 140 21.28 28.57 -5.92
C ILE E 140 21.91 29.04 -7.21
N VAL E 141 21.85 28.17 -8.21
CA VAL E 141 22.38 28.44 -9.54
C VAL E 141 21.69 29.63 -10.19
N GLU E 142 20.40 29.53 -10.39
CA GLU E 142 19.62 30.60 -11.01
C GLU E 142 20.06 31.97 -10.53
N HIS E 143 20.53 32.01 -9.28
CA HIS E 143 20.98 33.26 -8.70
C HIS E 143 22.36 33.58 -9.23
N TYR E 144 23.25 32.59 -9.22
CA TYR E 144 24.59 32.75 -9.74
C TYR E 144 24.48 33.29 -11.16
N LEU E 145 23.48 32.79 -11.90
CA LEU E 145 23.25 33.24 -13.25
C LEU E 145 22.89 34.70 -13.34
N LYS E 146 22.33 35.26 -12.29
CA LYS E 146 21.93 36.66 -12.33
C LYS E 146 22.91 37.58 -11.61
N VAL E 147 23.85 37.00 -10.88
CA VAL E 147 24.79 37.82 -10.16
C VAL E 147 26.20 37.27 -10.16
N GLY E 148 26.30 35.99 -9.83
CA GLY E 148 27.60 35.35 -9.77
C GLY E 148 28.56 35.65 -10.89
N ARG E 149 28.48 34.87 -11.97
CA ARG E 149 29.38 35.03 -13.10
C ARG E 149 29.66 36.48 -13.46
N GLN E 150 28.60 37.27 -13.64
CA GLN E 150 28.82 38.65 -14.01
C GLN E 150 29.38 39.51 -12.91
N ASN E 151 30.33 38.98 -12.16
CA ASN E 151 30.95 39.71 -11.08
C ASN E 151 32.16 38.90 -10.61
N GLY E 152 32.70 38.11 -11.52
CA GLY E 152 33.84 37.29 -11.21
C GLY E 152 33.43 35.86 -10.97
N VAL E 153 33.42 35.51 -9.69
CA VAL E 153 33.05 34.18 -9.20
C VAL E 153 32.77 33.10 -10.25
N LEU E 154 33.67 32.12 -10.29
CA LEU E 154 33.56 31.00 -11.23
C LEU E 154 32.62 29.97 -10.66
N GLU E 155 32.42 28.90 -11.41
CA GLU E 155 31.57 27.81 -10.98
C GLU E 155 32.38 27.11 -9.91
N SER E 156 33.68 26.98 -10.17
CA SER E 156 34.62 26.33 -9.26
C SER E 156 34.37 26.73 -7.80
N ASP E 157 33.95 27.96 -7.60
CA ASP E 157 33.73 28.43 -6.25
C ASP E 157 32.28 28.81 -5.91
N ILE E 158 31.36 27.90 -6.24
CA ILE E 158 29.94 28.11 -5.95
C ILE E 158 29.71 27.65 -4.53
N GLY E 159 29.30 28.56 -3.66
CA GLY E 159 29.08 28.18 -2.28
C GLY E 159 27.69 27.63 -1.99
N VAL E 160 27.61 26.53 -1.26
CA VAL E 160 26.33 25.93 -0.91
C VAL E 160 25.66 25.06 -1.94
N LYS E 161 25.57 23.78 -1.62
CA LYS E 161 24.90 22.86 -2.51
C LYS E 161 24.40 21.71 -1.68
N PHE E 162 23.12 21.38 -1.87
CA PHE E 162 22.50 20.29 -1.16
C PHE E 162 22.74 19.05 -1.97
N ASP E 163 23.31 18.04 -1.32
CA ASP E 163 23.62 16.78 -1.96
C ASP E 163 22.97 15.74 -1.06
N THR E 164 23.30 14.47 -1.28
CA THR E 164 22.72 13.40 -0.50
C THR E 164 23.62 12.17 -0.43
N ARG E 165 24.94 12.35 -0.47
CA ARG E 165 25.78 11.17 -0.42
C ARG E 165 26.89 11.25 0.61
N ASN E 166 27.51 10.10 0.84
CA ASN E 166 28.58 10.01 1.82
C ASN E 166 29.95 10.18 1.22
N PHE E 167 30.33 11.43 0.97
CA PHE E 167 31.66 11.71 0.41
C PHE E 167 32.64 11.18 1.41
N ARG E 168 32.95 9.89 1.35
CA ARG E 168 33.88 9.33 2.30
C ARG E 168 33.80 7.85 2.26
N LEU E 169 33.08 7.30 1.30
CA LEU E 169 33.02 5.87 1.27
C LEU E 169 34.32 5.28 0.73
N GLY E 170 34.83 5.84 -0.35
CA GLY E 170 36.07 5.32 -0.89
C GLY E 170 37.25 5.45 0.06
N PHE E 171 37.34 6.61 0.70
CA PHE E 171 38.41 6.93 1.65
C PHE E 171 39.26 5.80 2.19
N ASP E 172 40.57 6.03 2.11
CA ASP E 172 41.60 5.10 2.59
C ASP E 172 42.37 5.80 3.70
N PRO E 173 42.34 5.24 4.91
CA PRO E 173 43.02 5.82 6.07
C PRO E 173 44.50 6.13 5.92
N VAL E 174 45.14 5.60 4.88
CA VAL E 174 46.56 5.85 4.66
C VAL E 174 46.74 6.89 3.57
N THR E 175 46.20 6.57 2.40
CA THR E 175 46.26 7.44 1.25
C THR E 175 45.76 8.84 1.56
N GLY E 176 44.66 8.91 2.30
CA GLY E 176 44.08 10.19 2.62
C GLY E 176 43.21 10.57 1.44
N LEU E 177 42.90 9.59 0.59
CA LEU E 177 42.09 9.86 -0.59
C LEU E 177 41.02 8.82 -0.88
N VAL E 178 40.03 9.23 -1.67
CA VAL E 178 38.95 8.37 -2.07
C VAL E 178 39.44 7.56 -3.27
N MET E 179 40.23 6.54 -2.97
CA MET E 179 40.83 5.68 -3.97
C MET E 179 40.13 5.47 -5.31
N PRO E 180 38.83 5.20 -5.29
CA PRO E 180 38.06 4.98 -6.51
C PRO E 180 38.13 6.09 -7.55
N GLY E 181 38.57 7.27 -7.12
CA GLY E 181 38.69 8.40 -8.04
C GLY E 181 37.33 9.03 -8.31
N VAL E 182 36.34 8.52 -7.58
CA VAL E 182 34.97 9.00 -7.72
C VAL E 182 34.26 8.90 -6.38
N TYR E 183 33.49 9.92 -6.02
CA TYR E 183 32.76 9.86 -4.77
C TYR E 183 31.64 8.89 -5.05
N THR E 184 31.73 7.71 -4.46
CA THR E 184 30.74 6.66 -4.69
C THR E 184 29.32 7.21 -4.75
N ASN E 185 28.78 7.19 -5.97
CA ASN E 185 27.47 7.73 -6.31
C ASN E 185 26.20 7.12 -5.75
N GLU E 186 26.15 6.85 -4.46
CA GLU E 186 24.91 6.32 -3.88
C GLU E 186 24.38 7.27 -2.82
N ALA E 187 23.05 7.38 -2.76
CA ALA E 187 22.37 8.28 -1.83
C ALA E 187 22.08 7.72 -0.44
N PHE E 188 22.50 8.44 0.59
CA PHE E 188 22.31 7.97 1.95
C PHE E 188 21.41 8.86 2.80
N HIS E 189 21.56 10.16 2.66
CA HIS E 189 20.76 11.10 3.43
C HIS E 189 21.02 12.50 2.93
N PRO E 190 20.01 13.36 2.99
CA PRO E 190 20.36 14.68 2.48
C PRO E 190 21.32 15.37 3.40
N ASP E 191 22.19 16.20 2.84
CA ASP E 191 23.09 17.00 3.66
C ASP E 191 23.39 18.22 2.85
N ILE E 192 24.00 19.21 3.47
CA ILE E 192 24.30 20.41 2.75
C ILE E 192 25.78 20.68 2.80
N ILE E 193 26.36 20.96 1.65
CA ILE E 193 27.78 21.22 1.54
C ILE E 193 28.08 22.70 1.41
N LEU E 194 29.15 23.12 2.07
CA LEU E 194 29.50 24.51 2.03
C LEU E 194 30.95 24.80 1.70
N LEU E 195 31.17 25.97 1.12
CA LEU E 195 32.50 26.43 0.78
C LEU E 195 32.91 27.43 1.86
N PRO E 196 34.19 27.74 1.94
CA PRO E 196 34.58 28.69 2.98
C PRO E 196 33.70 29.92 2.89
N GLY E 197 33.55 30.58 4.02
CA GLY E 197 32.77 31.80 4.06
C GLY E 197 31.26 31.79 3.85
N CYS E 198 30.67 30.76 3.28
CA CYS E 198 29.21 30.80 3.11
C CYS E 198 28.43 29.86 4.04
N GLY E 199 27.15 29.63 3.74
CA GLY E 199 26.33 28.75 4.57
C GLY E 199 24.84 28.98 4.38
N VAL E 200 23.99 28.24 5.09
CA VAL E 200 22.54 28.41 4.95
C VAL E 200 21.80 28.68 6.25
N ASP E 201 20.60 29.25 6.13
CA ASP E 201 19.76 29.61 7.27
C ASP E 201 18.31 29.19 7.02
N PHE E 202 17.69 28.49 7.97
CA PHE E 202 16.31 28.07 7.79
C PHE E 202 15.35 28.71 8.77
N THR E 203 15.89 29.58 9.61
CA THR E 203 15.11 30.28 10.62
C THR E 203 13.64 30.47 10.25
N HIS E 204 13.36 30.76 8.99
CA HIS E 204 11.98 30.95 8.58
C HIS E 204 11.61 29.96 7.50
N SER E 205 11.79 28.67 7.76
CA SER E 205 11.44 27.69 6.76
C SER E 205 11.37 26.28 7.29
N ARG E 206 10.38 25.55 6.80
CA ARG E 206 10.20 24.18 7.24
C ARG E 206 11.00 23.22 6.37
N LEU E 207 11.56 23.72 5.28
CA LEU E 207 12.34 22.87 4.39
C LEU E 207 13.40 22.15 5.20
N SER E 208 13.85 22.79 6.26
CA SER E 208 14.84 22.16 7.12
C SER E 208 14.36 20.74 7.39
N ASN E 209 13.14 20.64 7.90
CA ASN E 209 12.54 19.37 8.19
C ASN E 209 12.50 18.42 7.00
N LEU E 210 12.56 18.97 5.80
CA LEU E 210 12.53 18.14 4.60
C LEU E 210 13.88 17.48 4.40
N LEU E 211 14.94 18.22 4.71
CA LEU E 211 16.29 17.69 4.56
C LEU E 211 16.53 16.67 5.66
N GLY E 212 15.77 16.77 6.74
CA GLY E 212 15.95 15.82 7.81
C GLY E 212 17.08 16.22 8.73
N ILE E 213 17.15 17.52 9.00
CA ILE E 213 18.17 18.06 9.88
C ILE E 213 17.48 18.97 10.89
N ARG E 214 17.47 18.60 12.16
CA ARG E 214 16.79 19.43 13.17
C ARG E 214 17.69 19.81 14.34
N LYS E 215 17.31 20.86 15.06
CA LYS E 215 18.08 21.28 16.22
C LYS E 215 17.75 20.36 17.37
N ARG E 216 18.74 20.05 18.19
CA ARG E 216 18.48 19.19 19.33
C ARG E 216 17.76 19.99 20.40
N GLN E 217 17.57 21.29 20.14
CA GLN E 217 16.88 22.18 21.08
C GLN E 217 16.00 23.14 20.32
N PRO E 218 14.96 22.61 19.68
CA PRO E 218 13.93 23.22 18.87
C PRO E 218 13.48 24.61 19.20
N PHE E 219 13.03 24.81 20.44
CA PHE E 219 12.50 26.12 20.80
C PHE E 219 13.41 27.33 20.74
N GLN E 220 14.72 27.13 20.57
CA GLN E 220 15.63 28.26 20.47
C GLN E 220 15.59 28.81 19.05
N GLU E 221 14.54 29.53 18.70
CA GLU E 221 14.41 30.09 17.35
C GLU E 221 15.73 30.57 16.78
N GLY E 222 16.17 29.95 15.69
CA GLY E 222 17.43 30.37 15.09
C GLY E 222 18.26 29.27 14.44
N PHE E 223 17.78 28.76 13.31
CA PHE E 223 18.52 27.73 12.61
C PHE E 223 19.47 28.28 11.56
N ARG E 224 20.74 28.43 11.96
CA ARG E 224 21.80 28.93 11.07
C ARG E 224 22.94 27.94 11.06
N ILE E 225 23.26 27.42 9.90
CA ILE E 225 24.34 26.46 9.85
C ILE E 225 25.47 26.99 8.91
N THR E 226 26.49 27.60 9.53
CA THR E 226 27.65 28.20 8.85
C THR E 226 28.69 27.18 8.40
N TYR E 227 29.55 27.62 7.50
CA TYR E 227 30.64 26.78 7.02
C TYR E 227 31.47 26.48 8.25
N ASP E 228 31.74 27.53 8.99
CA ASP E 228 32.52 27.43 10.20
C ASP E 228 32.05 26.32 11.15
N ASP E 229 30.75 26.08 11.18
CA ASP E 229 30.19 25.06 12.05
C ASP E 229 30.54 23.66 11.64
N LEU E 230 30.52 23.40 10.34
CA LEU E 230 30.86 22.09 9.84
C LEU E 230 32.32 21.79 10.06
N GLU E 231 32.79 21.90 11.31
CA GLU E 231 34.18 21.63 11.59
C GLU E 231 34.48 20.22 11.13
N GLY E 232 35.67 19.72 11.46
CA GLY E 232 36.07 18.38 11.05
C GLY E 232 35.13 17.68 10.08
N GLY E 233 35.58 17.41 8.87
CA GLY E 233 34.69 16.74 7.93
C GLY E 233 34.52 17.53 6.65
N ASN E 234 35.64 17.75 6.00
CA ASN E 234 35.65 18.46 4.74
C ASN E 234 35.76 17.29 3.80
N ILE E 235 34.99 17.30 2.73
CA ILE E 235 35.05 16.23 1.76
C ILE E 235 36.49 15.94 1.35
N PRO E 236 36.97 14.71 1.57
CA PRO E 236 38.34 14.34 1.21
C PRO E 236 38.45 14.48 -0.30
N ALA E 237 39.65 14.31 -0.84
CA ALA E 237 39.85 14.44 -2.29
C ALA E 237 39.94 13.11 -3.00
N LEU E 238 39.88 13.19 -4.33
CA LEU E 238 39.93 12.00 -5.17
C LEU E 238 41.32 11.57 -5.60
N LEU E 239 41.54 10.27 -5.66
CA LEU E 239 42.83 9.75 -6.09
C LEU E 239 42.96 10.03 -7.59
N ASP E 240 44.17 10.31 -8.05
CA ASP E 240 44.34 10.55 -9.48
C ASP E 240 44.40 9.17 -10.11
N VAL E 241 43.24 8.51 -10.14
CA VAL E 241 43.14 7.16 -10.71
C VAL E 241 43.99 6.98 -11.97
N ASP E 242 43.94 7.95 -12.88
CA ASP E 242 44.72 7.84 -14.11
C ASP E 242 46.22 7.77 -13.85
N ALA E 243 46.76 8.78 -13.18
CA ALA E 243 48.19 8.81 -12.86
C ALA E 243 48.62 7.50 -12.22
N TYR E 244 48.09 7.21 -11.04
CA TYR E 244 48.42 5.99 -10.30
C TYR E 244 48.56 4.77 -11.23
N GLN E 245 47.48 4.41 -11.93
CA GLN E 245 47.48 3.25 -12.82
C GLN E 245 48.54 3.30 -13.92
N ALA E 246 48.47 4.33 -14.77
CA ALA E 246 49.43 4.50 -15.85
C ALA E 246 50.86 4.38 -15.28
N SER E 247 51.06 4.97 -14.10
CA SER E 247 52.35 4.94 -13.45
C SER E 247 52.87 3.58 -13.00
N LEU E 248 52.06 2.53 -13.13
CA LEU E 248 52.56 1.22 -12.74
C LEU E 248 53.16 0.44 -13.92
N LYS E 327 58.21 3.50 -5.88
CA LYS E 327 57.23 4.59 -5.86
C LYS E 327 55.92 4.22 -6.55
N LYS E 328 54.97 5.13 -6.44
CA LYS E 328 53.64 5.05 -7.03
C LYS E 328 53.12 6.49 -6.84
N PRO E 329 52.51 7.09 -7.88
CA PRO E 329 52.00 8.47 -7.80
C PRO E 329 51.09 8.71 -6.61
N VAL E 330 50.03 7.90 -6.51
CA VAL E 330 49.03 7.96 -5.45
C VAL E 330 48.84 9.32 -4.79
N ILE E 331 49.79 9.77 -3.96
CA ILE E 331 49.69 11.06 -3.27
C ILE E 331 48.94 12.09 -4.18
N LYS E 332 48.95 11.85 -5.48
CA LYS E 332 48.27 12.74 -6.43
C LYS E 332 46.76 12.78 -6.27
N PRO E 333 46.26 13.88 -5.70
CA PRO E 333 44.85 14.12 -5.46
C PRO E 333 44.27 14.97 -6.58
N LEU E 334 43.60 14.32 -7.51
CA LEU E 334 42.95 14.99 -8.65
C LEU E 334 42.53 16.44 -8.34
N THR E 335 43.23 17.43 -8.89
CA THR E 335 42.95 18.86 -8.65
C THR E 335 41.83 19.51 -9.43
N GLU E 336 41.47 18.94 -10.56
CA GLU E 336 40.41 19.50 -11.37
C GLU E 336 39.49 18.43 -11.88
N ASP E 337 39.25 18.45 -13.19
CA ASP E 337 38.38 17.49 -13.85
C ASP E 337 38.28 17.94 -15.31
N SER E 338 37.45 17.26 -16.09
CA SER E 338 37.26 17.66 -17.47
C SER E 338 36.86 19.13 -17.34
N LYS E 339 36.74 19.82 -18.47
CA LYS E 339 36.36 21.23 -18.41
C LYS E 339 37.02 22.05 -17.28
N LYS E 340 38.14 21.52 -16.80
CA LYS E 340 38.97 22.13 -15.75
C LYS E 340 38.36 23.07 -14.69
N ARG E 341 37.77 22.47 -13.65
CA ARG E 341 37.19 23.22 -12.53
C ARG E 341 38.05 22.81 -11.35
N SER E 342 38.41 23.75 -10.48
CA SER E 342 39.26 23.40 -9.34
C SER E 342 38.45 22.83 -8.19
N TYR E 343 38.99 21.83 -7.51
CA TYR E 343 38.30 21.25 -6.37
C TYR E 343 38.78 21.96 -5.12
N ASN E 344 39.01 23.27 -5.24
CA ASN E 344 39.45 24.07 -4.11
C ASN E 344 40.16 23.28 -3.00
N LEU E 345 41.35 22.73 -3.26
CA LEU E 345 42.07 22.00 -2.21
C LEU E 345 42.73 22.98 -1.27
N ILE E 346 42.65 22.74 0.02
CA ILE E 346 43.21 23.70 0.98
C ILE E 346 44.65 24.15 0.69
N SER E 347 45.52 23.22 0.31
CA SER E 347 46.91 23.54 0.00
C SER E 347 47.45 22.51 -0.97
N ASN E 348 48.58 22.83 -1.59
CA ASN E 348 49.23 21.95 -2.56
C ASN E 348 49.58 20.58 -1.96
N ASP E 349 49.46 20.48 -0.63
CA ASP E 349 49.79 19.25 0.09
C ASP E 349 48.57 18.41 0.48
N SER E 350 47.78 18.93 1.43
CA SER E 350 46.60 18.24 1.95
C SER E 350 45.73 17.46 0.97
N THR E 351 45.23 16.35 1.47
CA THR E 351 44.38 15.45 0.71
C THR E 351 42.92 15.90 0.83
N PHE E 352 42.65 16.82 1.75
CA PHE E 352 41.31 17.34 1.98
C PHE E 352 41.00 18.53 1.08
N THR E 353 39.72 18.72 0.76
CA THR E 353 39.28 19.85 -0.05
C THR E 353 38.62 20.86 0.87
N GLN E 354 38.41 22.08 0.39
CA GLN E 354 37.79 23.10 1.21
C GLN E 354 36.29 22.91 1.35
N TYR E 355 35.75 21.93 0.63
CA TYR E 355 34.32 21.64 0.68
C TYR E 355 33.95 20.91 1.97
N ARG E 356 33.10 21.53 2.79
CA ARG E 356 32.65 20.91 4.05
C ARG E 356 31.23 20.34 3.93
N SER E 357 31.05 19.10 4.39
CA SER E 357 29.76 18.41 4.34
C SER E 357 29.12 18.23 5.70
N TRP E 358 27.84 18.53 5.80
CA TRP E 358 27.18 18.37 7.07
C TRP E 358 27.25 16.91 7.48
N TYR E 359 26.64 16.05 6.66
CA TYR E 359 26.60 14.63 6.94
C TYR E 359 27.90 14.10 7.49
N LEU E 360 29.03 14.65 7.06
CA LEU E 360 30.31 14.17 7.56
C LEU E 360 30.51 14.60 8.99
N ALA E 361 30.39 15.90 9.22
CA ALA E 361 30.56 16.45 10.54
C ALA E 361 29.73 15.71 11.57
N TYR E 362 28.51 15.34 11.19
CA TYR E 362 27.63 14.66 12.12
C TYR E 362 28.20 13.35 12.64
N ASN E 363 28.49 12.40 11.75
CA ASN E 363 29.02 11.12 12.22
C ASN E 363 30.52 10.89 12.04
N TYR E 364 31.21 11.83 11.41
CA TYR E 364 32.65 11.65 11.24
C TYR E 364 33.48 12.68 12.02
N GLY E 365 32.82 13.67 12.59
CA GLY E 365 33.52 14.69 13.35
C GLY E 365 33.41 14.52 14.86
N ASP E 366 34.13 15.37 15.59
CA ASP E 366 34.12 15.33 17.06
C ASP E 366 32.69 15.28 17.59
N PRO E 367 32.28 14.15 18.18
CA PRO E 367 30.93 14.02 18.72
C PRO E 367 30.62 14.99 19.85
N GLN E 368 31.62 15.34 20.64
CA GLN E 368 31.41 16.26 21.76
C GLN E 368 31.33 17.75 21.40
N THR E 369 32.04 18.19 20.36
CA THR E 369 32.01 19.60 19.98
C THR E 369 31.56 19.89 18.55
N GLY E 370 31.54 18.86 17.72
CA GLY E 370 31.14 19.02 16.33
C GLY E 370 29.71 19.46 16.15
N ILE E 371 29.12 19.13 15.01
CA ILE E 371 27.75 19.53 14.80
C ILE E 371 26.82 18.50 15.43
N ARG E 372 27.26 17.26 15.52
CA ARG E 372 26.39 16.24 16.13
C ARG E 372 26.00 16.65 17.55
N SER E 373 26.66 17.67 18.06
CA SER E 373 26.40 18.14 19.41
C SER E 373 25.08 18.90 19.53
N TRP E 374 24.72 19.64 18.49
CA TRP E 374 23.51 20.43 18.56
C TRP E 374 22.52 20.30 17.41
N THR E 375 22.64 19.27 16.60
CA THR E 375 21.70 19.09 15.52
C THR E 375 21.41 17.60 15.50
N LEU E 376 20.31 17.19 14.90
CA LEU E 376 19.99 15.77 14.89
C LEU E 376 19.69 15.22 13.51
N LEU E 377 20.29 14.07 13.21
CA LEU E 377 20.07 13.42 11.93
C LEU E 377 18.74 12.71 11.97
N CYS E 378 17.78 13.16 11.16
CA CYS E 378 16.45 12.56 11.16
C CYS E 378 15.92 12.14 9.85
N THR E 379 14.88 11.33 9.92
CA THR E 379 14.18 10.85 8.75
C THR E 379 13.61 12.05 8.06
N PRO E 380 13.74 12.11 6.74
CA PRO E 380 13.25 13.21 5.94
C PRO E 380 11.83 13.72 6.21
N ASP E 381 10.83 13.10 5.59
CA ASP E 381 9.43 13.55 5.74
C ASP E 381 9.19 14.76 4.84
N VAL E 382 8.46 14.54 3.76
CA VAL E 382 8.22 15.63 2.84
C VAL E 382 7.20 16.63 3.34
N THR E 383 6.19 16.18 4.04
CA THR E 383 5.13 17.07 4.55
C THR E 383 5.73 18.29 5.25
N CYS E 384 6.99 18.16 5.63
CA CYS E 384 7.73 19.22 6.29
C CYS E 384 7.36 19.39 7.75
N GLY E 385 6.41 18.58 8.21
CA GLY E 385 6.04 18.69 9.61
C GLY E 385 4.57 18.62 9.90
N SER E 386 4.16 17.52 10.49
CA SER E 386 2.77 17.33 10.84
C SER E 386 2.28 18.49 11.67
N GLU E 387 1.44 19.33 11.10
CA GLU E 387 0.88 20.46 11.84
C GLU E 387 -0.59 20.19 12.11
N GLN E 388 -1.11 20.82 13.15
CA GLN E 388 -2.50 20.59 13.51
C GLN E 388 -3.38 21.76 13.22
N VAL E 389 -4.68 21.48 13.10
CA VAL E 389 -5.66 22.50 12.83
C VAL E 389 -6.69 22.43 13.93
N TYR E 390 -7.25 23.57 14.29
CA TYR E 390 -8.24 23.62 15.35
C TYR E 390 -9.60 24.01 14.79
N TRP E 391 -10.66 23.36 15.28
CA TRP E 391 -12.02 23.67 14.85
C TRP E 391 -12.66 24.63 15.85
N SER E 392 -13.79 25.22 15.47
CA SER E 392 -14.48 26.14 16.35
C SER E 392 -15.89 26.36 15.82
N LEU E 393 -16.88 26.24 16.70
CA LEU E 393 -18.25 26.42 16.26
C LEU E 393 -18.92 27.42 17.18
N PRO E 394 -18.27 28.54 17.39
CA PRO E 394 -18.62 29.70 18.22
C PRO E 394 -20.06 29.86 18.53
N ASP E 395 -20.90 29.60 17.55
CA ASP E 395 -22.32 29.80 17.78
C ASP E 395 -23.09 28.57 18.19
N MET E 396 -22.40 27.46 18.42
CA MET E 396 -23.09 26.24 18.77
C MET E 396 -22.57 25.47 19.96
N MET E 397 -21.29 25.60 20.30
CA MET E 397 -20.77 24.87 21.46
C MET E 397 -20.43 25.86 22.53
N GLN E 398 -20.39 25.39 23.77
CA GLN E 398 -20.05 26.30 24.86
C GLN E 398 -18.56 26.44 24.78
N ASP E 399 -18.07 27.57 25.25
CA ASP E 399 -16.65 27.82 25.17
C ASP E 399 -15.85 27.09 26.23
N PRO E 400 -15.06 26.10 25.80
CA PRO E 400 -14.19 25.24 26.57
C PRO E 400 -13.40 25.89 27.68
N VAL E 401 -13.53 25.31 28.86
CA VAL E 401 -12.88 25.78 30.07
C VAL E 401 -12.40 27.20 30.10
N THR E 402 -11.21 27.41 29.57
CA THR E 402 -10.65 28.74 29.66
C THR E 402 -10.68 29.70 28.52
N PHE E 403 -11.30 29.33 27.42
CA PHE E 403 -11.36 30.27 26.31
C PHE E 403 -12.41 31.26 26.65
N ARG E 404 -12.26 32.47 26.13
CA ARG E 404 -13.27 33.46 26.38
C ARG E 404 -13.90 33.68 25.04
N SER E 405 -15.18 33.98 25.03
CA SER E 405 -15.92 34.20 23.79
C SER E 405 -15.59 35.55 23.20
N THR E 406 -15.37 35.56 21.90
CA THR E 406 -15.06 36.80 21.22
C THR E 406 -15.63 36.73 19.83
N SER E 407 -15.30 37.72 19.02
CA SER E 407 -15.80 37.79 17.65
C SER E 407 -14.64 37.94 16.69
N GLN E 408 -13.44 37.77 17.21
CA GLN E 408 -12.24 37.88 16.42
C GLN E 408 -11.88 36.51 15.83
N ILE E 409 -12.33 36.26 14.60
CA ILE E 409 -12.06 35.01 13.89
C ILE E 409 -10.79 34.28 14.27
N SER E 410 -9.75 35.02 14.60
CA SER E 410 -8.49 34.40 14.95
C SER E 410 -8.30 34.17 16.44
N ASN E 411 -9.40 33.97 17.16
CA ASN E 411 -9.31 33.72 18.59
C ASN E 411 -10.54 32.98 19.10
N PHE E 412 -11.40 32.59 18.16
CA PHE E 412 -12.59 31.85 18.54
C PHE E 412 -12.20 30.73 19.47
N PRO E 413 -13.14 30.24 20.25
CA PRO E 413 -12.80 29.15 21.15
C PRO E 413 -12.59 27.91 20.30
N VAL E 414 -11.78 26.99 20.79
CA VAL E 414 -11.52 25.76 20.06
C VAL E 414 -12.32 24.61 20.64
N VAL E 415 -12.78 23.72 19.79
CA VAL E 415 -13.56 22.62 20.30
C VAL E 415 -12.99 21.30 19.88
N GLY E 416 -12.04 21.33 18.96
CA GLY E 416 -11.47 20.09 18.51
C GLY E 416 -10.18 20.33 17.77
N ALA E 417 -9.22 19.44 18.00
CA ALA E 417 -7.92 19.56 17.36
C ALA E 417 -7.75 18.33 16.54
N GLU E 418 -7.01 18.45 15.45
CA GLU E 418 -6.83 17.33 14.57
C GLU E 418 -5.66 17.63 13.69
N LEU E 419 -4.91 16.59 13.37
CA LEU E 419 -3.73 16.77 12.53
C LEU E 419 -4.19 17.14 11.13
N LEU E 420 -3.46 18.05 10.49
CA LEU E 420 -3.78 18.48 9.12
C LEU E 420 -3.52 17.33 8.13
N PRO E 421 -4.58 16.79 7.52
CA PRO E 421 -4.67 15.69 6.55
C PRO E 421 -3.59 15.53 5.50
N VAL E 422 -2.39 15.13 5.88
CA VAL E 422 -1.34 14.95 4.90
C VAL E 422 -0.43 13.81 5.33
N HIS E 423 -0.18 12.85 4.44
CA HIS E 423 0.67 11.71 4.79
C HIS E 423 1.90 11.57 3.89
N SER E 424 2.84 10.73 4.32
CA SER E 424 4.05 10.50 3.54
C SER E 424 3.97 9.13 2.90
N LYS E 425 3.57 9.07 1.63
CA LYS E 425 3.50 7.78 0.95
C LYS E 425 4.93 7.50 0.51
N SER E 426 5.36 6.25 0.65
CA SER E 426 6.70 5.89 0.26
C SER E 426 6.74 4.92 -0.88
N PHE E 427 7.64 5.15 -1.83
CA PHE E 427 7.75 4.26 -2.97
C PHE E 427 9.15 3.75 -3.19
N TYR E 428 9.27 2.84 -4.15
CA TYR E 428 10.56 2.26 -4.49
C TYR E 428 10.87 2.51 -5.94
N ASN E 429 12.02 3.11 -6.20
CA ASN E 429 12.42 3.39 -7.56
C ASN E 429 13.87 3.01 -7.72
N ASP E 430 14.15 1.71 -7.80
CA ASP E 430 15.56 1.28 -7.95
C ASP E 430 16.01 1.93 -9.24
N GLN E 431 15.02 2.51 -9.91
CA GLN E 431 15.19 3.22 -11.13
C GLN E 431 15.94 4.49 -10.87
N ALA E 432 16.14 4.84 -9.61
CA ALA E 432 16.88 6.05 -9.21
C ALA E 432 18.35 5.84 -9.52
N VAL E 433 18.96 6.87 -10.09
CA VAL E 433 20.37 6.85 -10.47
C VAL E 433 20.63 5.85 -11.60
N TYR E 434 19.59 5.11 -11.99
CA TYR E 434 19.83 4.25 -13.14
C TYR E 434 18.91 5.12 -14.03
N SER E 435 18.00 5.82 -13.36
CA SER E 435 17.03 6.72 -13.90
C SER E 435 17.69 8.10 -13.99
N GLN E 436 18.39 8.60 -12.96
CA GLN E 436 19.03 9.92 -13.12
C GLN E 436 19.81 9.84 -14.43
N LEU E 437 20.47 8.69 -14.62
CA LEU E 437 21.28 8.35 -15.79
C LEU E 437 20.36 8.43 -17.02
N ILE E 438 19.17 7.81 -16.92
CA ILE E 438 18.22 7.82 -18.03
C ILE E 438 17.30 9.03 -17.94
N ARG E 439 17.02 9.47 -16.72
CA ARG E 439 16.17 10.63 -16.54
C ARG E 439 16.72 11.82 -17.32
N GLN E 440 18.04 11.98 -17.31
CA GLN E 440 18.69 13.10 -18.02
C GLN E 440 18.45 13.13 -19.54
N PHE E 441 18.28 11.93 -20.13
CA PHE E 441 18.00 11.83 -21.56
C PHE E 441 16.49 11.99 -21.78
N THR E 442 15.73 11.50 -20.80
CA THR E 442 14.25 11.56 -20.77
C THR E 442 13.84 13.04 -20.76
N SER E 443 14.45 13.82 -19.86
CA SER E 443 14.25 15.27 -19.77
C SER E 443 15.22 15.76 -20.84
N LEU E 444 14.74 16.47 -21.85
CA LEU E 444 15.63 16.90 -22.92
C LEU E 444 16.79 17.83 -22.49
N THR E 445 16.90 18.11 -21.19
CA THR E 445 17.96 18.98 -20.64
C THR E 445 18.66 18.54 -19.34
N HIS E 446 19.92 18.92 -19.22
CA HIS E 446 20.71 18.64 -18.04
C HIS E 446 20.57 19.87 -17.13
N VAL E 447 19.35 20.40 -17.05
CA VAL E 447 19.08 21.59 -16.26
C VAL E 447 19.52 21.48 -14.83
N PHE E 448 19.33 20.31 -14.24
CA PHE E 448 19.73 20.14 -12.86
C PHE E 448 21.16 19.67 -12.74
N ASN E 449 21.66 19.02 -13.79
CA ASN E 449 23.01 18.50 -13.74
C ASN E 449 24.09 19.33 -14.41
N ARG E 450 23.79 20.58 -14.71
CA ARG E 450 24.74 21.48 -15.35
C ARG E 450 26.25 21.19 -15.26
N PHE E 451 26.72 20.56 -14.19
CA PHE E 451 28.16 20.31 -14.05
C PHE E 451 28.49 18.82 -13.99
N PRO E 452 27.99 18.04 -14.95
CA PRO E 452 28.20 16.59 -15.02
C PRO E 452 29.61 16.04 -14.94
N GLU E 453 30.56 16.84 -14.50
CA GLU E 453 31.92 16.32 -14.41
C GLU E 453 32.38 16.48 -13.00
N ASN E 454 32.23 17.70 -12.49
CA ASN E 454 32.64 18.01 -11.14
C ASN E 454 31.99 17.02 -10.16
N GLN E 455 32.81 16.21 -9.50
CA GLN E 455 32.30 15.23 -8.57
C GLN E 455 31.48 15.81 -7.44
N ILE E 456 31.64 17.10 -7.18
CA ILE E 456 30.86 17.74 -6.14
C ILE E 456 29.60 18.30 -6.80
N LEU E 457 29.70 19.47 -7.41
CA LEU E 457 28.58 20.11 -8.07
C LEU E 457 27.68 19.21 -8.94
N ALA E 458 28.04 17.94 -9.05
CA ALA E 458 27.26 17.00 -9.86
C ALA E 458 25.84 16.97 -9.31
N ARG E 459 24.96 16.22 -9.96
CA ARG E 459 23.58 16.12 -9.50
C ARG E 459 23.46 14.98 -8.49
N PRO E 460 23.09 15.30 -7.25
CA PRO E 460 22.95 14.29 -6.22
C PRO E 460 22.19 13.07 -6.72
N PRO E 461 22.56 11.91 -6.20
CA PRO E 461 21.93 10.66 -6.58
C PRO E 461 20.51 10.65 -6.08
N ALA E 462 19.62 10.04 -6.86
CA ALA E 462 18.23 9.95 -6.42
C ALA E 462 18.25 8.78 -5.44
N PRO E 463 17.62 8.93 -4.27
CA PRO E 463 17.62 7.83 -3.30
C PRO E 463 16.53 6.84 -3.61
N THR E 464 16.78 5.56 -3.35
CA THR E 464 15.73 4.57 -3.56
C THR E 464 14.77 4.92 -2.46
N ILE E 465 13.47 4.84 -2.71
CA ILE E 465 12.49 5.18 -1.70
C ILE E 465 12.26 6.70 -1.63
N THR E 466 11.44 7.19 -2.54
CA THR E 466 11.12 8.61 -2.56
C THR E 466 9.86 8.75 -1.72
N THR E 467 9.64 9.94 -1.20
CA THR E 467 8.48 10.19 -0.38
C THR E 467 7.70 11.27 -1.10
N VAL E 468 6.39 11.31 -0.88
CA VAL E 468 5.57 12.31 -1.54
C VAL E 468 4.41 12.67 -0.65
N SER E 469 4.23 13.96 -0.38
CA SER E 469 3.11 14.35 0.48
C SER E 469 1.88 13.99 -0.31
N GLU E 470 0.90 13.41 0.37
CA GLU E 470 -0.32 13.01 -0.28
C GLU E 470 -1.49 13.44 0.59
N ASN E 471 -2.48 14.09 -0.01
CA ASN E 471 -3.65 14.55 0.73
C ASN E 471 -4.66 13.42 0.91
N VAL E 472 -5.26 13.35 2.08
CA VAL E 472 -6.24 12.30 2.34
C VAL E 472 -7.40 12.78 3.20
N PRO E 473 -8.63 12.39 2.85
CA PRO E 473 -9.78 12.81 3.63
C PRO E 473 -9.60 12.22 5.02
N ALA E 474 -10.00 12.98 6.03
CA ALA E 474 -9.85 12.52 7.39
C ALA E 474 -11.17 12.46 8.13
N LEU E 475 -11.64 11.24 8.36
CA LEU E 475 -12.87 11.00 9.08
C LEU E 475 -12.50 10.95 10.54
N THR E 476 -12.39 12.12 11.12
CA THR E 476 -12.02 12.24 12.51
C THR E 476 -13.24 12.20 13.43
N ASP E 477 -13.02 12.17 14.73
CA ASP E 477 -14.12 12.11 15.69
C ASP E 477 -13.74 12.77 17.02
N HIS E 478 -14.37 13.91 17.29
CA HIS E 478 -14.10 14.62 18.52
C HIS E 478 -15.08 14.09 19.51
N GLY E 479 -14.94 14.46 20.78
CA GLY E 479 -15.88 13.91 21.74
C GLY E 479 -17.18 14.66 21.85
N THR E 480 -17.98 14.30 22.84
CA THR E 480 -19.22 15.02 23.08
C THR E 480 -18.77 16.36 23.67
N LEU E 481 -19.38 17.45 23.21
CA LEU E 481 -19.03 18.78 23.70
C LEU E 481 -20.29 19.45 24.17
N PRO E 482 -20.20 20.34 25.14
CA PRO E 482 -21.40 21.01 25.62
C PRO E 482 -22.02 21.88 24.54
N LEU E 483 -23.34 21.99 24.54
CA LEU E 483 -24.06 22.81 23.56
C LEU E 483 -24.80 23.94 24.21
N ARG E 484 -25.25 24.93 23.43
CA ARG E 484 -26.03 26.01 23.99
C ARG E 484 -27.45 25.49 23.87
N ASN E 485 -28.33 25.86 24.79
CA ASN E 485 -29.66 25.32 24.70
C ASN E 485 -30.51 26.00 23.63
N SER E 486 -29.90 26.89 22.87
CA SER E 486 -30.63 27.60 21.83
C SER E 486 -29.69 27.75 20.68
N ILE E 487 -29.82 26.86 19.71
CA ILE E 487 -28.96 26.90 18.56
C ILE E 487 -29.46 27.78 17.44
N GLY E 488 -28.64 28.78 17.10
CA GLY E 488 -29.01 29.72 16.07
C GLY E 488 -29.22 29.11 14.70
N GLY E 489 -30.05 29.77 13.90
CA GLY E 489 -30.32 29.27 12.57
C GLY E 489 -29.07 29.18 11.75
N VAL E 490 -28.17 30.16 11.88
CA VAL E 490 -26.95 30.13 11.10
C VAL E 490 -25.78 29.97 12.02
N GLN E 491 -25.01 28.93 11.77
CA GLN E 491 -23.85 28.65 12.58
C GLN E 491 -22.64 29.02 11.78
N ARG E 492 -21.57 29.37 12.47
CA ARG E 492 -20.34 29.73 11.80
C ARG E 492 -19.32 28.64 12.07
N VAL E 493 -18.76 28.08 11.01
CA VAL E 493 -17.75 27.02 11.13
C VAL E 493 -16.40 27.61 10.81
N THR E 494 -15.36 27.19 11.53
CA THR E 494 -14.03 27.74 11.32
C THR E 494 -12.86 26.84 11.65
N ILE E 495 -12.09 26.51 10.62
CA ILE E 495 -10.92 25.68 10.82
C ILE E 495 -9.71 26.58 10.77
N THR E 496 -8.91 26.53 11.82
CA THR E 496 -7.73 27.38 11.92
C THR E 496 -6.47 26.53 11.98
N ASP E 497 -5.32 27.16 11.86
CA ASP E 497 -4.08 26.40 11.90
C ASP E 497 -3.29 26.77 13.14
N ALA E 498 -2.14 26.13 13.28
CA ALA E 498 -1.29 26.37 14.43
C ALA E 498 -1.18 27.84 14.85
N ARG E 499 -0.96 28.72 13.88
CA ARG E 499 -0.79 30.13 14.17
C ARG E 499 -2.10 30.89 14.21
N ARG E 500 -3.19 30.16 14.02
CA ARG E 500 -4.51 30.76 14.06
C ARG E 500 -4.81 31.64 12.89
N ARG E 501 -5.17 31.02 11.78
CA ARG E 501 -5.52 31.72 10.57
C ARG E 501 -6.15 30.70 9.65
N THR E 502 -7.19 31.11 8.93
CA THR E 502 -7.86 30.18 8.03
C THR E 502 -6.79 29.49 7.19
N CYS E 503 -7.12 28.31 6.69
CA CYS E 503 -6.20 27.56 5.88
C CYS E 503 -6.79 27.41 4.49
N PRO E 504 -6.26 28.15 3.53
CA PRO E 504 -6.68 28.16 2.13
C PRO E 504 -6.82 26.82 1.46
N TYR E 505 -6.07 25.84 1.93
CA TYR E 505 -6.11 24.54 1.28
C TYR E 505 -7.21 23.56 1.66
N VAL E 506 -8.31 24.06 2.20
CA VAL E 506 -9.39 23.14 2.56
C VAL E 506 -10.42 23.06 1.45
N TYR E 507 -10.68 21.86 0.97
CA TYR E 507 -11.66 21.71 -0.08
C TYR E 507 -13.00 21.29 0.49
N LYS E 508 -12.99 20.50 1.55
CA LYS E 508 -14.27 20.07 2.10
C LYS E 508 -14.18 19.95 3.59
N ALA E 509 -15.14 20.56 4.25
CA ALA E 509 -15.20 20.49 5.70
C ALA E 509 -16.66 20.43 6.01
N LEU E 510 -17.04 19.54 6.93
CA LEU E 510 -18.43 19.44 7.31
C LEU E 510 -18.49 18.55 8.52
N GLY E 511 -19.47 18.79 9.37
CA GLY E 511 -19.56 17.99 10.56
C GLY E 511 -20.98 17.65 10.91
N ILE E 512 -21.11 16.60 11.71
CA ILE E 512 -22.39 16.11 12.14
C ILE E 512 -22.45 16.17 13.66
N VAL E 513 -23.46 16.82 14.22
CA VAL E 513 -23.60 16.92 15.65
C VAL E 513 -24.83 16.20 16.11
N SER E 514 -24.68 15.44 17.18
CA SER E 514 -25.77 14.65 17.72
C SER E 514 -25.95 14.97 19.19
N PRO E 515 -26.82 15.91 19.51
CA PRO E 515 -27.06 16.30 20.89
C PRO E 515 -27.70 15.23 21.76
N ARG E 516 -27.48 15.34 23.06
CA ARG E 516 -28.04 14.42 24.04
C ARG E 516 -27.84 14.96 25.43
N VAL E 517 -28.76 14.61 26.32
CA VAL E 517 -28.74 15.08 27.70
C VAL E 517 -27.52 14.74 28.52
N LEU E 518 -27.21 15.56 29.51
CA LEU E 518 -26.06 15.32 30.35
C LEU E 518 -26.33 15.47 31.83
N SER E 519 -27.36 16.23 32.20
CA SER E 519 -27.73 16.45 33.60
C SER E 519 -28.79 17.51 33.60
N SER E 520 -29.37 17.84 34.76
CA SER E 520 -30.38 18.89 34.73
C SER E 520 -30.08 20.10 35.60
N ARG E 521 -30.86 21.18 35.42
CA ARG E 521 -30.68 22.39 36.19
C ARG E 521 -31.63 22.43 37.42
N THR F 10 -3.50 19.66 -50.34
CA THR F 10 -3.86 20.66 -49.33
C THR F 10 -4.72 20.06 -48.20
N PHE F 11 -4.37 18.86 -47.75
CA PHE F 11 -5.08 18.23 -46.65
C PHE F 11 -4.11 17.90 -45.51
N ASN F 12 -4.39 18.43 -44.32
CA ASN F 12 -3.53 18.18 -43.17
C ASN F 12 -4.12 17.01 -42.36
N PRO F 13 -3.46 15.83 -42.43
CA PRO F 13 -3.89 14.61 -41.72
C PRO F 13 -3.65 14.82 -40.23
N VAL F 14 -2.79 15.81 -39.94
CA VAL F 14 -2.42 16.15 -38.59
C VAL F 14 -1.94 14.87 -37.92
N TYR F 15 -0.83 14.36 -38.43
CA TYR F 15 -0.23 13.17 -37.91
C TYR F 15 1.13 13.00 -38.55
N PRO F 16 2.19 12.96 -37.74
CA PRO F 16 3.56 12.79 -38.23
C PRO F 16 3.80 11.33 -38.67
N TYR F 17 3.46 11.00 -39.92
CA TYR F 17 3.64 9.64 -40.44
C TYR F 17 5.12 9.26 -40.46
N ASP F 18 5.98 10.25 -40.67
CA ASP F 18 7.44 10.01 -40.67
C ASP F 18 7.82 10.03 -39.15
N THR F 19 7.97 8.83 -38.59
CA THR F 19 8.34 8.58 -37.18
C THR F 19 7.09 8.40 -36.33
N THR G 10 -5.78 -28.08 -46.00
CA THR G 10 -7.01 -27.38 -45.62
C THR G 10 -7.28 -27.47 -44.11
N PHE G 11 -6.23 -27.30 -43.31
CA PHE G 11 -6.39 -27.31 -41.86
C PHE G 11 -5.85 -26.00 -41.26
N ASN G 12 -6.70 -25.29 -40.53
CA ASN G 12 -6.28 -24.03 -39.92
C ASN G 12 -5.87 -24.30 -38.47
N PRO G 13 -4.56 -24.25 -38.19
CA PRO G 13 -3.99 -24.48 -36.85
C PRO G 13 -4.37 -23.31 -35.97
N VAL G 14 -4.74 -22.21 -36.63
CA VAL G 14 -5.13 -20.97 -35.97
C VAL G 14 -4.00 -20.61 -35.02
N TYR G 15 -2.85 -20.31 -35.60
CA TYR G 15 -1.69 -19.94 -34.84
C TYR G 15 -0.63 -19.44 -35.83
N PRO G 16 -0.19 -18.19 -35.66
CA PRO G 16 0.82 -17.58 -36.52
C PRO G 16 2.22 -18.14 -36.19
N TYR G 17 2.58 -19.28 -36.80
CA TYR G 17 3.87 -19.91 -36.54
C TYR G 17 5.02 -19.01 -37.00
N ASP G 18 4.77 -18.21 -38.04
CA ASP G 18 5.77 -17.24 -38.54
C ASP G 18 5.61 -16.01 -37.58
N THR G 19 6.52 -15.93 -36.62
CA THR G 19 6.60 -14.86 -35.61
C THR G 19 5.84 -15.26 -34.35
N THR H 10 29.93 -42.14 -16.80
CA THR H 10 28.60 -42.54 -16.37
C THR H 10 28.15 -41.82 -15.09
N PHE H 11 28.43 -40.51 -15.03
CA PHE H 11 28.01 -39.70 -13.88
C PHE H 11 27.13 -38.54 -14.36
N ASN H 12 25.92 -38.45 -13.84
CA ASN H 12 25.01 -37.37 -14.22
C ASN H 12 25.13 -36.24 -13.19
N PRO H 13 25.76 -35.12 -13.56
CA PRO H 13 25.95 -33.96 -12.70
C PRO H 13 24.59 -33.29 -12.49
N VAL H 14 23.67 -33.63 -13.41
CA VAL H 14 22.33 -33.08 -13.40
C VAL H 14 22.46 -31.57 -13.36
N TYR H 15 23.01 -31.03 -14.45
CA TYR H 15 23.19 -29.61 -14.58
C TYR H 15 23.62 -29.33 -16.01
N PRO H 16 22.84 -28.51 -16.73
CA PRO H 16 23.14 -28.15 -18.11
C PRO H 16 24.30 -27.13 -18.16
N TYR H 17 25.54 -27.62 -18.17
CA TYR H 17 26.72 -26.75 -18.20
C TYR H 17 26.75 -25.94 -19.51
N ASP H 18 26.23 -26.53 -20.58
CA ASP H 18 26.15 -25.82 -21.88
C ASP H 18 24.88 -24.94 -21.76
N THR H 19 25.09 -23.66 -21.47
CA THR H 19 24.05 -22.63 -21.33
C THR H 19 23.64 -22.50 -19.86
N THR I 10 54.13 -2.87 -3.09
CA THR I 10 53.60 -3.68 -1.98
C THR I 10 52.47 -2.94 -1.24
N PHE I 11 51.58 -2.30 -2.00
CA PHE I 11 50.44 -1.62 -1.39
C PHE I 11 49.12 -2.17 -1.98
N ASN I 12 48.25 -2.67 -1.12
CA ASN I 12 46.98 -3.20 -1.59
C ASN I 12 45.90 -2.11 -1.46
N PRO I 13 45.46 -1.55 -2.60
CA PRO I 13 44.44 -0.49 -2.64
C PRO I 13 43.10 -1.11 -2.28
N VAL I 14 43.06 -2.44 -2.38
CA VAL I 14 41.87 -3.22 -2.09
C VAL I 14 40.74 -2.62 -2.91
N TYR I 15 40.88 -2.74 -4.22
CA TYR I 15 39.88 -2.24 -5.14
C TYR I 15 40.25 -2.75 -6.53
N PRO I 16 39.33 -3.50 -7.15
CA PRO I 16 39.54 -4.05 -8.50
C PRO I 16 39.39 -2.93 -9.56
N TYR I 17 40.49 -2.21 -9.84
CA TYR I 17 40.48 -1.13 -10.81
C TYR I 17 40.16 -1.66 -12.21
N ASP I 18 40.58 -2.90 -12.48
CA ASP I 18 40.29 -3.55 -13.77
C ASP I 18 38.84 -4.10 -13.61
N THR I 19 37.88 -3.36 -14.15
CA THR I 19 36.44 -3.67 -14.14
C THR I 19 35.76 -2.99 -12.95
N THR J 10 33.47 35.34 -23.85
CA THR J 10 33.55 35.41 -22.40
C THR J 10 32.16 35.32 -21.74
N PHE J 11 31.32 34.42 -22.26
CA PHE J 11 30.00 34.21 -21.68
C PHE J 11 29.82 32.75 -21.26
N ASN J 12 29.53 32.51 -19.99
CA ASN J 12 29.34 31.14 -19.51
C ASN J 12 27.84 30.82 -19.52
N PRO J 13 27.41 29.95 -20.47
CA PRO J 13 26.00 29.54 -20.62
C PRO J 13 25.65 28.64 -19.45
N VAL J 14 26.71 28.12 -18.81
CA VAL J 14 26.59 27.23 -17.68
C VAL J 14 25.67 26.09 -18.11
N TYR J 15 26.15 25.32 -19.08
CA TYR J 15 25.41 24.19 -19.58
C TYR J 15 26.34 23.41 -20.49
N PRO J 16 26.57 22.12 -20.16
CA PRO J 16 27.43 21.25 -20.96
C PRO J 16 26.72 20.82 -22.26
N TYR J 17 26.83 21.65 -23.31
CA TYR J 17 26.20 21.35 -24.60
C TYR J 17 26.77 20.07 -25.21
N ASP J 18 28.04 19.82 -24.94
CA ASP J 18 28.69 18.58 -25.42
C ASP J 18 28.27 17.49 -24.38
N THR J 19 27.27 16.69 -24.76
CA THR J 19 26.71 15.59 -23.98
C THR J 19 25.51 16.08 -23.17
#